data_4ALK
#
_entry.id   4ALK
#
_cell.length_a   90.230
_cell.length_b   95.140
_cell.length_c   95.340
_cell.angle_alpha   98.24
_cell.angle_beta   112.27
_cell.angle_gamma   97.27
#
_symmetry.space_group_name_H-M   'P 1'
#
loop_
_entity.id
_entity.type
_entity.pdbx_description
1 polymer 'ENOYL-[ACYL-CARRIER-PROTEIN] REDUCTASE [NADPH]'
2 non-polymer 'NADP NICOTINAMIDE-ADENINE-DINUCLEOTIDE PHOSPHATE'
3 non-polymer 5-ETHYL-2-PHENOXYPHENOL
4 non-polymer 'GLUTAMIC ACID'
5 water water
#
_entity_poly.entity_id   1
_entity_poly.type   'polypeptide(L)'
_entity_poly.pdbx_seq_one_letter_code
;MKHHHHHHPMSDYDIPTTENLYFQGAMVNLENKTYVIMGIANKRSIAFGVAKVLDQLGAKLVFTYRKERSRKELEKLLEQ
LNQPEAHLYQIDVQSDEEVINGFEQIGKDVGNIDGVYHSIAFANMEDLRGRFSETSREGFLLAQDISSYSLTIVAHEAKK
LMPEGGSIVATTYLGGEFAVQNYNVMGVAKASLEANVKYLALDLGPDNIRVNAISAGPIRTLSAKGVGGFNTILKEIEER
APLKRNVDQVEVGKTAAYLLSDLSSGVTGENIHVDSGFHAIK
;
_entity_poly.pdbx_strand_id   A,B,C,D,E,F,G,H
#
# COMPACT_ATOMS: atom_id res chain seq x y z
N ASN A 29 11.76 12.10 34.44
CA ASN A 29 12.51 13.32 34.00
C ASN A 29 13.79 12.97 33.24
N LEU A 30 13.82 13.30 31.95
CA LEU A 30 15.00 12.99 31.16
C LEU A 30 15.93 14.18 30.83
N GLU A 31 15.97 15.24 31.63
CA GLU A 31 16.93 16.30 31.33
C GLU A 31 18.36 15.79 31.45
N ASN A 32 19.24 16.32 30.61
CA ASN A 32 20.62 15.82 30.55
C ASN A 32 20.70 14.36 30.16
N LYS A 33 19.65 13.85 29.53
CA LYS A 33 19.77 12.58 28.81
C LYS A 33 19.77 12.88 27.32
N THR A 34 20.39 12.01 26.54
CA THR A 34 20.43 12.12 25.08
C THR A 34 20.09 10.75 24.46
N TYR A 35 19.12 10.72 23.55
CA TYR A 35 18.69 9.49 22.88
C TYR A 35 18.79 9.66 21.37
N VAL A 36 19.14 8.60 20.64
CA VAL A 36 19.08 8.57 19.20
C VAL A 36 17.79 7.84 18.77
N ILE A 37 16.99 8.47 17.93
CA ILE A 37 15.76 7.92 17.41
C ILE A 37 15.92 7.64 15.95
N MET A 38 15.77 6.36 15.58
CA MET A 38 16.02 5.93 14.20
C MET A 38 14.69 5.51 13.61
N GLY A 39 14.30 6.08 12.47
CA GLY A 39 13.12 5.61 11.75
C GLY A 39 11.87 6.51 11.75
N ILE A 40 11.97 7.82 11.96
CA ILE A 40 10.88 8.74 11.59
C ILE A 40 10.85 9.01 10.08
N ALA A 41 9.71 8.74 9.44
CA ALA A 41 9.44 9.15 8.05
C ALA A 41 8.45 10.33 8.01
N ASN A 42 7.47 10.33 8.91
CA ASN A 42 6.42 11.36 8.89
C ASN A 42 5.73 11.49 10.24
N LYS A 43 4.69 12.30 10.32
CA LYS A 43 4.04 12.59 11.61
CA LYS A 43 4.00 12.60 11.59
C LYS A 43 3.33 11.36 12.21
N ARG A 44 3.09 10.34 11.39
CA ARG A 44 2.45 9.12 11.89
C ARG A 44 3.45 8.04 12.28
N SER A 45 4.73 8.22 11.98
CA SER A 45 5.69 7.21 12.42
C SER A 45 5.57 6.92 13.92
N ILE A 46 5.61 5.63 14.28
CA ILE A 46 5.71 5.24 15.71
C ILE A 46 6.88 5.99 16.37
N ALA A 47 8.01 6.09 15.68
CA ALA A 47 9.16 6.83 16.28
C ALA A 47 8.90 8.31 16.58
N PHE A 48 7.94 8.92 15.89
CA PHE A 48 7.58 10.31 16.23
C PHE A 48 6.74 10.40 17.51
N GLY A 49 5.91 9.40 17.78
CA GLY A 49 5.29 9.29 19.11
C GLY A 49 6.37 9.20 20.20
N VAL A 50 7.36 8.35 19.98
CA VAL A 50 8.45 8.22 20.92
C VAL A 50 9.13 9.58 21.07
N ALA A 51 9.48 10.27 19.97
CA ALA A 51 10.12 11.59 20.10
C ALA A 51 9.32 12.61 20.92
N LYS A 52 8.02 12.74 20.64
CA LYS A 52 7.19 13.71 21.33
C LYS A 52 7.26 13.46 22.83
N VAL A 53 7.26 12.20 23.26
CA VAL A 53 7.22 11.91 24.68
C VAL A 53 8.57 12.26 25.30
N LEU A 54 9.66 11.79 24.69
CA LEU A 54 10.98 12.02 25.24
C LEU A 54 11.24 13.52 25.29
N ASP A 55 10.82 14.24 24.26
CA ASP A 55 11.03 15.69 24.16
C ASP A 55 10.28 16.37 25.28
N GLN A 56 9.05 15.91 25.52
CA GLN A 56 8.23 16.48 26.58
C GLN A 56 8.91 16.19 27.91
N LEU A 57 9.68 15.10 28.02
CA LEU A 57 10.32 14.76 29.31
C LEU A 57 11.69 15.45 29.53
N GLY A 58 12.09 16.28 28.57
CA GLY A 58 13.35 17.05 28.69
C GLY A 58 14.58 16.44 28.02
N ALA A 59 14.44 15.33 27.30
CA ALA A 59 15.60 14.70 26.66
C ALA A 59 16.13 15.52 25.48
N LYS A 60 17.44 15.48 25.24
CA LYS A 60 18.01 15.91 23.96
C LYS A 60 17.93 14.76 22.96
N LEU A 61 17.44 15.03 21.76
CA LEU A 61 17.20 13.99 20.77
C LEU A 61 18.04 14.20 19.51
N VAL A 62 18.49 13.06 18.96
CA VAL A 62 19.25 13.03 17.72
C VAL A 62 18.47 12.10 16.85
N PHE A 63 18.34 12.43 15.57
CA PHE A 63 17.47 11.67 14.67
C PHE A 63 18.23 11.10 13.48
N THR A 64 17.89 9.87 13.07
CA THR A 64 18.45 9.34 11.85
C THR A 64 17.37 8.98 10.82
N TYR A 65 17.74 8.98 9.54
CA TYR A 65 16.76 8.83 8.47
C TYR A 65 17.45 8.18 7.27
N ARG A 66 16.64 7.68 6.35
CA ARG A 66 17.18 7.09 5.13
C ARG A 66 16.87 7.99 3.95
N LYS A 67 15.58 8.23 3.66
CA LYS A 67 15.24 9.03 2.45
C LYS A 67 15.30 10.54 2.69
N GLU A 68 15.66 11.29 1.64
CA GLU A 68 15.63 12.76 1.63
CA GLU A 68 15.65 12.75 1.72
C GLU A 68 14.28 13.27 2.13
N ARG A 69 13.21 12.64 1.64
CA ARG A 69 11.87 13.10 1.97
C ARG A 69 11.69 12.99 3.50
N SER A 70 12.30 11.97 4.13
CA SER A 70 12.21 11.81 5.59
C SER A 70 12.96 12.93 6.33
N ARG A 71 14.12 13.35 5.82
CA ARG A 71 14.81 14.52 6.42
C ARG A 71 13.93 15.77 6.35
N LYS A 72 13.26 15.97 5.23
CA LYS A 72 12.37 17.14 5.07
C LYS A 72 11.24 17.09 6.09
N GLU A 73 10.59 15.93 6.23
CA GLU A 73 9.56 15.80 7.25
C GLU A 73 10.11 16.08 8.67
N LEU A 74 11.27 15.49 8.99
CA LEU A 74 11.92 15.75 10.28
C LEU A 74 12.17 17.22 10.51
N GLU A 75 12.55 17.92 9.46
CA GLU A 75 12.79 19.34 9.65
C GLU A 75 11.50 20.07 10.02
N LYS A 76 10.39 19.66 9.40
CA LYS A 76 9.11 20.30 9.65
C LYS A 76 8.60 19.85 11.05
N LEU A 77 8.77 18.57 11.35
CA LEU A 77 8.24 18.02 12.61
C LEU A 77 8.95 18.58 13.83
N LEU A 78 10.21 18.98 13.68
CA LEU A 78 10.99 19.55 14.79
C LEU A 78 10.47 20.91 15.31
N GLU A 79 9.74 21.65 14.48
CA GLU A 79 9.02 22.85 14.94
C GLU A 79 7.95 22.59 16.03
N GLN A 80 7.37 21.40 16.07
CA GLN A 80 6.52 20.99 17.20
C GLN A 80 7.27 20.57 18.46
N LEU A 81 8.58 20.36 18.38
CA LEU A 81 9.30 19.88 19.56
C LEU A 81 9.98 21.06 20.22
N ASN A 82 10.61 20.81 21.36
CA ASN A 82 11.27 21.86 22.08
C ASN A 82 12.76 21.74 21.87
N GLN A 83 13.19 20.98 20.88
CA GLN A 83 14.63 20.80 20.72
C GLN A 83 15.27 22.12 20.31
N PRO A 84 16.26 22.64 21.06
CA PRO A 84 16.83 23.92 20.64
C PRO A 84 17.63 23.80 19.34
N GLU A 85 17.97 22.58 18.93
CA GLU A 85 18.62 22.41 17.63
C GLU A 85 18.39 21.07 16.96
N ALA A 86 18.48 21.09 15.64
CA ALA A 86 18.17 19.92 14.80
C ALA A 86 19.44 19.08 14.65
N HIS A 87 19.44 17.87 15.19
CA HIS A 87 20.58 16.96 15.03
C HIS A 87 20.19 15.80 14.10
N LEU A 88 20.44 15.92 12.80
CA LEU A 88 19.87 14.97 11.82
C LEU A 88 21.00 14.24 11.08
N TYR A 89 20.94 12.91 10.99
CA TYR A 89 21.96 12.10 10.33
C TYR A 89 21.33 11.10 9.36
N GLN A 90 21.82 11.05 8.12
CA GLN A 90 21.39 10.03 7.17
CA GLN A 90 21.37 10.00 7.19
C GLN A 90 22.08 8.70 7.49
N ILE A 91 21.31 7.65 7.81
CA ILE A 91 21.89 6.32 8.05
C ILE A 91 20.96 5.32 7.42
N ASP A 92 21.36 4.80 6.26
CA ASP A 92 20.81 3.56 5.71
C ASP A 92 21.47 2.36 6.40
N VAL A 93 20.68 1.60 7.14
CA VAL A 93 21.19 0.52 7.99
C VAL A 93 21.56 -0.70 7.14
N GLN A 94 21.33 -0.66 5.82
CA GLN A 94 21.92 -1.69 4.93
C GLN A 94 23.42 -1.47 4.71
N SER A 95 23.93 -0.32 5.13
CA SER A 95 25.33 -0.07 4.91
C SER A 95 26.09 -0.02 6.24
N ASP A 96 27.06 -0.92 6.42
CA ASP A 96 27.91 -0.87 7.60
C ASP A 96 28.57 0.50 7.72
N GLU A 97 29.21 0.99 6.64
CA GLU A 97 29.93 2.27 6.68
CA GLU A 97 29.94 2.28 6.69
C GLU A 97 29.03 3.41 7.16
N GLU A 98 27.76 3.40 6.73
CA GLU A 98 26.85 4.50 7.14
C GLU A 98 26.52 4.46 8.63
N VAL A 99 26.37 3.25 9.17
CA VAL A 99 26.05 3.07 10.59
C VAL A 99 27.25 3.49 11.42
N ILE A 100 28.40 2.93 11.04
CA ILE A 100 29.67 3.17 11.72
C ILE A 100 30.01 4.66 11.72
N ASN A 101 29.94 5.29 10.56
CA ASN A 101 30.35 6.70 10.43
C ASN A 101 29.28 7.63 10.98
N GLY A 102 28.01 7.22 10.83
CA GLY A 102 26.87 7.89 11.47
C GLY A 102 26.95 8.03 13.00
N PHE A 103 27.11 6.90 13.68
CA PHE A 103 27.31 6.94 15.13
C PHE A 103 28.64 7.60 15.49
N GLU A 104 29.70 7.37 14.70
CA GLU A 104 30.91 8.15 14.98
C GLU A 104 30.65 9.68 15.01
N GLN A 105 30.01 10.22 13.98
CA GLN A 105 29.74 11.67 13.94
CA GLN A 105 29.71 11.66 13.92
C GLN A 105 28.82 12.13 15.08
N ILE A 106 27.83 11.30 15.43
CA ILE A 106 26.92 11.62 16.54
C ILE A 106 27.73 11.83 17.81
N GLY A 107 28.69 10.94 18.06
CA GLY A 107 29.56 11.05 19.24
C GLY A 107 30.42 12.31 19.23
N LYS A 108 30.90 12.70 18.06
CA LYS A 108 31.65 13.96 17.95
C LYS A 108 30.74 15.17 18.12
N ASP A 109 29.49 15.06 17.68
CA ASP A 109 28.58 16.20 17.69
C ASP A 109 27.95 16.46 19.06
N VAL A 110 27.59 15.40 19.78
CA VAL A 110 26.78 15.54 20.98
C VAL A 110 27.42 14.83 22.17
N GLY A 111 28.43 14.01 21.95
CA GLY A 111 29.05 13.26 23.04
C GLY A 111 28.39 11.92 23.34
N ASN A 112 28.60 11.43 24.55
CA ASN A 112 28.00 10.16 24.96
C ASN A 112 26.47 10.19 25.00
N ILE A 113 25.85 9.07 24.70
CA ILE A 113 24.40 9.02 24.69
C ILE A 113 23.88 8.05 25.77
N ASP A 114 22.58 8.11 26.05
CA ASP A 114 21.98 7.23 27.05
C ASP A 114 21.19 6.09 26.43
N GLY A 115 20.85 6.19 25.14
CA GLY A 115 20.11 5.07 24.56
C GLY A 115 19.71 5.31 23.12
N VAL A 116 19.14 4.28 22.52
CA VAL A 116 18.75 4.29 21.14
C VAL A 116 17.33 3.70 21.02
N TYR A 117 16.45 4.33 20.26
CA TYR A 117 15.16 3.77 19.91
C TYR A 117 15.22 3.35 18.43
N HIS A 118 15.06 2.07 18.15
CA HIS A 118 15.14 1.53 16.80
C HIS A 118 13.72 1.26 16.27
N SER A 119 13.31 1.90 15.17
CA SER A 119 11.95 1.82 14.70
C SER A 119 12.03 1.62 13.18
N ILE A 120 12.77 0.58 12.77
CA ILE A 120 13.13 0.39 11.36
C ILE A 120 12.76 -1.03 10.92
N ALA A 121 12.02 -1.15 9.81
CA ALA A 121 11.80 -2.45 9.17
C ALA A 121 11.56 -2.23 7.70
N PHE A 122 11.66 -3.27 6.90
CA PHE A 122 11.22 -3.11 5.52
C PHE A 122 10.99 -4.49 4.97
N ALA A 123 10.05 -4.63 4.04
CA ALA A 123 9.97 -5.84 3.24
C ALA A 123 9.33 -5.40 1.92
N ASN A 124 9.49 -6.16 0.85
CA ASN A 124 8.85 -5.84 -0.44
C ASN A 124 7.36 -6.16 -0.35
N MET A 125 6.56 -5.37 -1.06
N MET A 125 6.56 -5.37 -1.06
CA MET A 125 5.11 -5.33 -0.87
CA MET A 125 5.15 -5.66 -1.29
C MET A 125 4.49 -6.72 -1.05
C MET A 125 5.04 -6.99 -1.98
N GLU A 126 4.90 -7.42 -2.09
N GLU A 126 5.91 -7.13 -2.97
CA GLU A 126 4.29 -8.70 -2.39
CA GLU A 126 6.07 -8.31 -3.76
C GLU A 126 4.62 -9.80 -1.39
C GLU A 126 6.13 -9.64 -2.97
N ASP A 127 5.41 -9.49 -0.37
N ASP A 127 6.98 -9.73 -1.95
CA ASP A 127 5.73 -10.47 0.67
CA ASP A 127 6.90 -10.88 -1.04
C ASP A 127 4.90 -10.26 1.95
C ASP A 127 5.77 -10.81 0.00
N LEU A 128 3.80 -9.50 1.84
N LEU A 128 5.48 -9.63 0.50
CA LEU A 128 2.98 -9.04 2.97
CA LEU A 128 4.44 -9.52 1.53
C LEU A 128 1.48 -9.29 2.71
C LEU A 128 3.06 -9.94 1.01
N ARG A 129 1.26 -10.34 1.92
N ARG A 129 2.80 -9.60 -0.25
CA ARG A 129 -0.04 -10.76 1.40
CA ARG A 129 1.52 -9.83 -0.89
C ARG A 129 0.17 -12.10 0.71
C ARG A 129 1.65 -10.99 -1.88
N GLY A 130 -0.92 -12.79 0.41
N GLY A 130 2.11 -12.12 -1.35
CA GLY A 130 -0.84 -14.06 -0.33
CA GLY A 130 2.11 -13.42 -1.98
C GLY A 130 -0.09 -15.13 0.47
C GLY A 130 2.07 -14.41 -0.83
N ARG A 131 0.67 -15.96 -0.24
N ARG A 131 1.91 -15.69 -1.11
CA ARG A 131 1.27 -17.18 0.30
CA ARG A 131 1.72 -16.72 -0.07
C ARG A 131 2.74 -17.03 0.68
C ARG A 131 3.04 -16.92 0.67
N PHE A 132 3.01 -17.31 1.94
CA PHE A 132 4.35 -17.30 2.55
C PHE A 132 5.34 -18.30 1.92
N SER A 133 4.83 -19.46 1.50
CA SER A 133 5.64 -20.52 0.88
C SER A 133 6.27 -20.05 -0.47
N GLU A 134 5.79 -18.95 -1.06
CA GLU A 134 6.28 -18.42 -2.35
C GLU A 134 7.27 -17.26 -2.13
N THR A 135 7.62 -16.97 -0.87
CA THR A 135 8.61 -15.93 -0.59
C THR A 135 9.95 -16.18 -1.31
N SER A 136 10.51 -15.14 -1.93
CA SER A 136 11.81 -15.21 -2.63
C SER A 136 12.93 -15.20 -1.61
N ARG A 137 14.06 -15.75 -2.02
CA ARG A 137 15.26 -15.78 -1.18
C ARG A 137 15.75 -14.33 -0.94
N GLU A 138 15.77 -13.54 -1.99
CA GLU A 138 16.25 -12.13 -1.90
C GLU A 138 15.31 -11.29 -1.06
N GLY A 139 14.00 -11.55 -1.14
CA GLY A 139 13.06 -10.83 -0.28
C GLY A 139 13.14 -11.20 1.20
N PHE A 140 13.38 -12.48 1.48
CA PHE A 140 13.50 -12.99 2.86
C PHE A 140 14.75 -12.38 3.48
N LEU A 141 15.85 -12.43 2.74
CA LEU A 141 17.13 -11.93 3.27
C LEU A 141 17.14 -10.41 3.39
N LEU A 142 16.44 -9.70 2.48
CA LEU A 142 16.26 -8.24 2.62
C LEU A 142 15.55 -7.86 3.93
N ALA A 143 14.42 -8.51 4.19
CA ALA A 143 13.70 -8.22 5.42
C ALA A 143 14.56 -8.52 6.65
N GLN A 144 15.30 -9.63 6.65
CA GLN A 144 16.19 -9.95 7.82
C GLN A 144 17.25 -8.86 8.03
N ASP A 145 17.89 -8.47 6.93
CA ASP A 145 18.96 -7.47 6.92
C ASP A 145 18.48 -6.16 7.54
N ILE A 146 17.39 -5.59 7.01
CA ILE A 146 16.93 -4.26 7.46
C ILE A 146 16.25 -4.35 8.82
N SER A 147 15.51 -5.45 9.04
CA SER A 147 14.56 -5.47 10.15
C SER A 147 15.13 -6.15 11.39
N SER A 148 16.22 -6.93 11.24
CA SER A 148 16.82 -7.67 12.36
C SER A 148 18.31 -7.46 12.53
N TYR A 149 19.10 -7.75 11.50
CA TYR A 149 20.52 -7.52 11.58
C TYR A 149 20.81 -6.07 11.93
N SER A 150 20.04 -5.10 11.40
CA SER A 150 20.32 -3.67 11.70
C SER A 150 20.44 -3.39 13.20
N LEU A 151 19.61 -4.06 14.00
CA LEU A 151 19.74 -3.89 15.46
C LEU A 151 21.14 -4.26 15.97
N THR A 152 21.70 -5.36 15.45
CA THR A 152 22.97 -5.88 15.97
C THR A 152 24.10 -4.89 15.73
N ILE A 153 24.20 -4.44 14.48
CA ILE A 153 25.25 -3.49 14.15
C ILE A 153 25.04 -2.11 14.82
N VAL A 154 23.79 -1.64 14.88
CA VAL A 154 23.51 -0.40 15.61
C VAL A 154 23.93 -0.54 17.09
N ALA A 155 23.67 -1.69 17.72
CA ALA A 155 24.06 -1.89 19.12
C ALA A 155 25.57 -1.84 19.25
N HIS A 156 26.28 -2.51 18.33
CA HIS A 156 27.74 -2.54 18.37
C HIS A 156 28.30 -1.11 18.31
N GLU A 157 27.74 -0.27 17.43
CA GLU A 157 28.27 1.09 17.22
C GLU A 157 27.84 2.01 18.36
N ALA A 158 26.60 1.87 18.81
CA ALA A 158 26.04 2.72 19.88
C ALA A 158 26.72 2.49 21.26
N LYS A 159 27.16 1.26 21.49
CA LYS A 159 27.86 0.88 22.71
C LYS A 159 29.13 1.72 22.90
N LYS A 160 29.78 2.13 21.81
CA LYS A 160 30.99 2.96 21.95
C LYS A 160 30.72 4.33 22.58
N LEU A 161 29.46 4.79 22.49
CA LEU A 161 29.04 6.06 23.06
C LEU A 161 28.31 5.88 24.39
N MET A 162 28.29 4.65 24.92
CA MET A 162 27.61 4.37 26.20
C MET A 162 28.57 3.74 27.21
N PRO A 163 29.71 4.39 27.51
CA PRO A 163 30.67 3.71 28.38
C PRO A 163 30.18 3.42 29.80
N GLU A 164 29.20 4.18 30.28
CA GLU A 164 28.60 3.99 31.60
C GLU A 164 27.39 3.06 31.55
N GLY A 165 26.95 2.71 30.35
CA GLY A 165 25.73 1.92 30.22
C GLY A 165 24.64 2.70 29.52
N GLY A 166 23.50 2.08 29.32
CA GLY A 166 22.45 2.72 28.56
C GLY A 166 21.38 1.71 28.20
N SER A 167 20.52 2.10 27.26
CA SER A 167 19.31 1.31 27.04
C SER A 167 18.96 1.32 25.56
N ILE A 168 18.67 0.16 24.99
CA ILE A 168 18.35 0.10 23.57
C ILE A 168 16.99 -0.55 23.43
N VAL A 169 16.08 0.00 22.62
CA VAL A 169 14.73 -0.51 22.50
C VAL A 169 14.41 -0.66 21.00
N ALA A 170 13.89 -1.81 20.62
CA ALA A 170 13.45 -2.03 19.24
C ALA A 170 11.92 -2.26 19.20
N THR A 171 11.31 -2.16 18.01
CA THR A 171 9.85 -2.20 17.91
C THR A 171 9.51 -3.48 17.16
N THR A 172 8.68 -4.33 17.76
CA THR A 172 8.30 -5.59 17.12
C THR A 172 6.76 -5.65 17.04
N TYR A 173 6.22 -6.76 16.57
CA TYR A 173 4.79 -6.98 16.46
C TYR A 173 4.58 -8.45 16.84
N LEU A 174 3.39 -8.72 17.36
CA LEU A 174 2.90 -10.07 17.73
C LEU A 174 3.02 -11.14 16.63
N GLY A 175 3.06 -10.74 15.35
CA GLY A 175 3.36 -11.69 14.26
C GLY A 175 4.78 -12.28 14.32
N GLY A 176 5.66 -11.74 15.19
CA GLY A 176 6.97 -12.38 15.49
C GLY A 176 6.82 -13.59 16.43
N GLU A 177 5.70 -13.69 17.15
CA GLU A 177 5.46 -14.76 18.11
C GLU A 177 4.47 -15.84 17.62
N PHE A 178 3.57 -15.49 16.69
CA PHE A 178 2.48 -16.32 16.19
C PHE A 178 2.32 -16.04 14.68
N ALA A 179 1.85 -17.01 13.90
CA ALA A 179 1.60 -16.73 12.51
C ALA A 179 0.29 -15.92 12.34
N VAL A 180 0.43 -14.74 11.75
CA VAL A 180 -0.70 -13.78 11.56
C VAL A 180 -0.89 -13.71 10.04
N GLN A 181 -2.12 -13.84 9.54
CA GLN A 181 -2.38 -13.77 8.09
C GLN A 181 -1.72 -12.53 7.47
N ASN A 182 -1.10 -12.69 6.30
CA ASN A 182 -0.54 -11.59 5.51
C ASN A 182 0.78 -11.00 6.02
N TYR A 183 1.11 -11.16 7.29
CA TYR A 183 2.34 -10.57 7.78
C TYR A 183 3.58 -11.30 7.23
N ASN A 184 3.44 -12.62 7.02
CA ASN A 184 4.32 -13.44 6.18
C ASN A 184 5.84 -13.20 6.47
N VAL A 185 6.63 -12.64 5.52
CA VAL A 185 8.09 -12.56 5.63
C VAL A 185 8.46 -11.64 6.81
N MET A 186 7.61 -10.67 7.11
CA MET A 186 7.95 -9.77 8.24
C MET A 186 7.82 -10.45 9.64
N GLY A 187 6.93 -11.43 9.73
CA GLY A 187 6.76 -12.19 10.97
C GLY A 187 8.00 -13.03 11.28
N VAL A 188 8.63 -13.62 10.26
CA VAL A 188 9.91 -14.35 10.43
C VAL A 188 11.02 -13.33 10.74
N ALA A 189 10.98 -12.15 10.13
CA ALA A 189 11.96 -11.10 10.49
C ALA A 189 11.75 -10.59 11.92
N LYS A 190 10.51 -10.51 12.40
CA LYS A 190 10.33 -10.04 13.81
C LYS A 190 10.73 -11.13 14.86
N ALA A 191 10.55 -12.39 14.49
CA ALA A 191 10.95 -13.54 15.37
C ALA A 191 12.49 -13.50 15.50
N SER A 192 13.14 -13.23 14.37
CA SER A 192 14.58 -13.03 14.33
C SER A 192 14.94 -11.82 15.21
N LEU A 193 14.28 -10.68 15.02
CA LEU A 193 14.56 -9.49 15.84
C LEU A 193 14.41 -9.75 17.36
N GLU A 194 13.30 -10.34 17.76
CA GLU A 194 13.06 -10.66 19.17
C GLU A 194 14.17 -11.58 19.78
N ALA A 195 14.68 -12.56 19.03
CA ALA A 195 15.85 -13.34 19.51
C ALA A 195 17.11 -12.49 19.55
N ASN A 196 17.28 -11.59 18.57
CA ASN A 196 18.40 -10.62 18.55
C ASN A 196 18.46 -9.80 19.84
N VAL A 197 17.30 -9.29 20.24
CA VAL A 197 17.15 -8.54 21.52
C VAL A 197 17.61 -9.36 22.75
N LYS A 198 17.26 -10.65 22.83
CA LYS A 198 17.70 -11.53 23.92
C LYS A 198 19.22 -11.80 23.90
N TYR A 199 19.77 -12.09 22.73
CA TYR A 199 21.20 -12.38 22.61
C TYR A 199 22.06 -11.12 22.83
N LEU A 200 21.58 -9.96 22.36
CA LEU A 200 22.23 -8.68 22.71
C LEU A 200 22.12 -8.41 24.20
N ALA A 201 20.95 -8.69 24.78
CA ALA A 201 20.82 -8.43 26.22
C ALA A 201 21.86 -9.22 27.02
N LEU A 202 22.05 -10.49 26.66
CA LEU A 202 23.04 -11.34 27.34
C LEU A 202 24.44 -10.82 27.11
N ASP A 203 24.76 -10.42 25.90
CA ASP A 203 26.12 -9.99 25.53
C ASP A 203 26.51 -8.66 26.21
N LEU A 204 25.55 -7.75 26.17
CA LEU A 204 25.87 -6.36 26.55
C LEU A 204 25.47 -6.06 28.00
N GLY A 205 24.74 -6.99 28.62
CA GLY A 205 24.42 -6.95 30.05
C GLY A 205 25.56 -6.57 30.98
N PRO A 206 26.74 -7.20 30.83
CA PRO A 206 27.91 -6.94 31.69
C PRO A 206 28.48 -5.54 31.51
N ASP A 207 28.20 -4.92 30.37
CA ASP A 207 28.51 -3.51 30.09
C ASP A 207 27.43 -2.56 30.59
N ASN A 208 26.40 -3.07 31.27
CA ASN A 208 25.29 -2.25 31.78
C ASN A 208 24.44 -1.61 30.67
N ILE A 209 24.30 -2.29 29.52
CA ILE A 209 23.44 -1.84 28.44
C ILE A 209 22.30 -2.85 28.41
N ARG A 210 21.08 -2.36 28.64
CA ARG A 210 19.88 -3.14 28.56
C ARG A 210 19.34 -3.08 27.15
N VAL A 211 18.68 -4.17 26.72
CA VAL A 211 18.12 -4.24 25.38
C VAL A 211 16.75 -4.85 25.56
N ASN A 212 15.72 -4.26 24.93
CA ASN A 212 14.35 -4.71 25.14
C ASN A 212 13.58 -4.41 23.86
N ALA A 213 12.36 -4.92 23.75
CA ALA A 213 11.51 -4.66 22.60
C ALA A 213 10.19 -4.16 23.13
N ILE A 214 9.50 -3.36 22.31
CA ILE A 214 8.09 -3.06 22.53
C ILE A 214 7.35 -3.71 21.38
N SER A 215 6.39 -4.56 21.74
CA SER A 215 5.48 -5.17 20.76
C SER A 215 4.21 -4.32 20.60
N ALA A 216 4.22 -3.44 19.59
CA ALA A 216 3.15 -2.43 19.44
C ALA A 216 1.94 -3.08 18.74
N GLY A 217 0.72 -2.72 19.15
CA GLY A 217 -0.50 -3.12 18.45
C GLY A 217 -0.55 -2.39 17.09
N PRO A 218 -1.49 -2.79 16.20
CA PRO A 218 -1.55 -2.09 14.89
C PRO A 218 -1.88 -0.58 14.99
N ILE A 219 -1.17 0.20 14.17
CA ILE A 219 -1.29 1.65 14.13
C ILE A 219 -1.17 2.11 12.67
N ARG A 220 -2.08 2.95 12.20
CA ARG A 220 -2.02 3.48 10.82
C ARG A 220 -0.76 4.31 10.58
N THR A 221 0.17 3.75 9.80
CA THR A 221 1.42 4.46 9.45
C THR A 221 1.65 4.18 7.97
N LEU A 222 2.63 4.84 7.36
CA LEU A 222 2.97 4.52 5.97
C LEU A 222 3.32 3.03 5.77
N SER A 223 4.10 2.43 6.69
CA SER A 223 4.50 1.02 6.48
C SER A 223 3.30 0.06 6.59
N ALA A 224 2.32 0.44 7.40
CA ALA A 224 1.13 -0.40 7.52
C ALA A 224 0.40 -0.60 6.19
N LYS A 225 0.60 0.25 5.17
CA LYS A 225 -0.07 0.04 3.87
CA LYS A 225 -0.05 0.06 3.86
C LYS A 225 0.50 -1.18 3.15
N GLY A 226 1.65 -1.68 3.59
CA GLY A 226 2.15 -2.93 3.04
C GLY A 226 1.47 -4.18 3.59
N VAL A 227 0.85 -4.11 4.76
CA VAL A 227 0.25 -5.32 5.31
C VAL A 227 -1.15 -5.52 4.73
N GLY A 228 -1.40 -6.56 3.95
CA GLY A 228 -2.76 -6.87 3.54
C GLY A 228 -3.74 -7.01 4.70
N GLY A 229 -4.99 -6.62 4.49
CA GLY A 229 -6.04 -6.75 5.49
C GLY A 229 -5.88 -5.88 6.71
N PHE A 230 -5.15 -4.79 6.57
CA PHE A 230 -4.83 -3.98 7.76
C PHE A 230 -6.07 -3.43 8.50
N ASN A 231 -7.06 -2.92 7.79
CA ASN A 231 -8.25 -2.40 8.46
C ASN A 231 -8.97 -3.53 9.24
N THR A 232 -8.89 -4.76 8.72
CA THR A 232 -9.47 -5.91 9.42
C THR A 232 -8.71 -6.26 10.70
N ILE A 233 -7.41 -6.00 10.72
CA ILE A 233 -6.60 -6.20 11.92
C ILE A 233 -7.01 -5.21 12.99
N LEU A 234 -7.14 -3.94 12.60
CA LEU A 234 -7.59 -2.90 13.52
C LEU A 234 -8.98 -3.17 14.09
N LYS A 235 -9.93 -3.57 13.26
CA LYS A 235 -11.26 -3.84 13.78
C LYS A 235 -11.22 -5.00 14.76
N GLU A 236 -10.37 -5.99 14.53
CA GLU A 236 -10.40 -7.12 15.41
C GLU A 236 -9.93 -6.74 16.82
N ILE A 237 -8.97 -5.80 16.92
CA ILE A 237 -8.52 -5.25 18.20
C ILE A 237 -9.66 -4.55 18.96
N GLU A 238 -10.41 -3.66 18.30
CA GLU A 238 -11.53 -2.97 18.97
C GLU A 238 -12.57 -3.97 19.42
N GLU A 239 -12.79 -5.01 18.62
CA GLU A 239 -13.78 -6.02 19.01
C GLU A 239 -13.34 -7.02 20.08
N ARG A 240 -12.06 -7.40 20.13
CA ARG A 240 -11.69 -8.55 20.95
CA ARG A 240 -11.65 -8.57 20.91
C ARG A 240 -10.64 -8.29 22.01
N ALA A 241 -9.80 -7.28 21.85
CA ALA A 241 -8.74 -7.00 22.87
C ALA A 241 -9.40 -6.56 24.18
N PRO A 242 -8.79 -6.86 25.35
CA PRO A 242 -9.32 -6.45 26.66
C PRO A 242 -9.72 -4.96 26.78
N LEU A 243 -8.89 -4.02 26.31
CA LEU A 243 -9.27 -2.63 26.41
C LEU A 243 -10.32 -2.25 25.37
N LYS A 244 -10.62 -3.13 24.41
CA LYS A 244 -11.61 -2.81 23.37
C LYS A 244 -11.37 -1.49 22.61
N ARG A 245 -10.11 -1.19 22.29
CA ARG A 245 -9.74 0.01 21.53
C ARG A 245 -8.34 -0.23 20.96
N ASN A 246 -7.98 0.53 19.93
CA ASN A 246 -6.61 0.52 19.43
C ASN A 246 -5.68 1.43 20.23
N VAL A 247 -4.36 1.21 20.18
CA VAL A 247 -3.38 2.08 20.82
C VAL A 247 -2.92 3.13 19.81
N ASP A 248 -2.22 4.14 20.29
CA ASP A 248 -1.56 5.07 19.38
C ASP A 248 -0.05 5.23 19.61
N GLN A 249 0.58 6.03 18.76
CA GLN A 249 2.02 6.17 18.76
C GLN A 249 2.54 6.73 20.10
N VAL A 250 1.76 7.62 20.70
CA VAL A 250 2.13 8.23 21.99
C VAL A 250 2.12 7.19 23.12
N GLU A 251 1.22 6.21 23.06
CA GLU A 251 1.29 5.14 24.07
C GLU A 251 2.53 4.29 23.94
N VAL A 252 2.92 3.94 22.70
CA VAL A 252 4.25 3.30 22.51
C VAL A 252 5.31 4.19 23.16
N GLY A 253 5.24 5.49 22.88
CA GLY A 253 6.26 6.44 23.33
C GLY A 253 6.36 6.48 24.85
N LYS A 254 5.23 6.34 25.54
CA LYS A 254 5.27 6.34 27.03
C LYS A 254 5.93 5.07 27.57
N THR A 255 5.69 3.93 26.96
CA THR A 255 6.43 2.72 27.37
C THR A 255 7.91 2.84 26.95
N ALA A 256 8.23 3.46 25.81
CA ALA A 256 9.65 3.66 25.46
C ALA A 256 10.36 4.52 26.50
N ALA A 257 9.66 5.52 27.01
CA ALA A 257 10.29 6.38 28.03
C ALA A 257 10.64 5.59 29.30
N TYR A 258 9.73 4.70 29.71
CA TYR A 258 10.05 3.76 30.80
C TYR A 258 11.27 2.85 30.51
N LEU A 259 11.29 2.15 29.37
CA LEU A 259 12.41 1.29 28.97
C LEU A 259 13.75 2.04 28.82
N LEU A 260 13.70 3.31 28.44
CA LEU A 260 14.91 4.06 28.11
C LEU A 260 15.42 4.77 29.34
N SER A 261 14.66 4.73 30.43
CA SER A 261 15.03 5.46 31.63
C SER A 261 15.44 4.51 32.76
N ASP A 262 15.87 5.07 33.87
CA ASP A 262 16.20 4.31 35.10
C ASP A 262 15.00 3.63 35.79
N LEU A 263 13.77 3.92 35.36
CA LEU A 263 12.61 3.28 35.95
C LEU A 263 12.68 1.78 35.69
N SER A 264 13.18 1.41 34.51
CA SER A 264 13.28 -0.02 34.17
C SER A 264 14.68 -0.61 34.48
N SER A 265 15.42 -0.14 35.49
N SER A 265 15.36 -0.11 35.51
CA SER A 265 16.85 -0.54 35.56
CA SER A 265 16.56 -0.81 35.95
C SER A 265 17.15 -2.04 35.76
C SER A 265 16.15 -2.23 36.32
N GLY A 266 16.11 -2.83 36.06
N GLY A 266 16.95 -3.21 35.94
CA GLY A 266 16.25 -4.25 36.38
CA GLY A 266 16.63 -4.60 36.24
C GLY A 266 15.86 -5.16 35.23
C GLY A 266 15.72 -5.26 35.21
N VAL A 267 15.38 -4.54 34.14
CA VAL A 267 14.58 -5.14 33.09
C VAL A 267 15.38 -5.18 31.78
N THR A 268 15.71 -6.37 31.30
CA THR A 268 16.45 -6.52 30.06
C THR A 268 16.03 -7.85 29.42
N GLY A 269 16.16 -7.93 28.09
CA GLY A 269 15.78 -9.14 27.38
C GLY A 269 14.25 -9.29 27.31
N GLU A 270 13.53 -8.23 27.65
CA GLU A 270 12.05 -8.28 27.73
C GLU A 270 11.29 -7.74 26.48
N ASN A 271 10.04 -8.16 26.30
CA ASN A 271 9.20 -7.72 25.18
C ASN A 271 7.91 -7.24 25.82
N ILE A 272 7.69 -5.93 25.90
CA ILE A 272 6.47 -5.43 26.50
C ILE A 272 5.41 -5.10 25.44
N HIS A 273 4.24 -5.75 25.58
CA HIS A 273 3.17 -5.63 24.61
C HIS A 273 2.38 -4.36 24.91
N VAL A 274 2.37 -3.42 23.96
CA VAL A 274 1.57 -2.20 24.05
C VAL A 274 0.47 -2.30 22.99
N ASP A 275 -0.56 -3.06 23.35
CA ASP A 275 -1.45 -3.60 22.34
C ASP A 275 -2.86 -3.83 22.93
N SER A 276 -3.23 -3.11 23.98
CA SER A 276 -4.59 -3.18 24.60
C SER A 276 -4.90 -4.56 25.20
N GLY A 277 -3.85 -5.36 25.43
CA GLY A 277 -3.96 -6.67 26.03
C GLY A 277 -4.19 -7.79 25.00
N PHE A 278 -4.10 -7.48 23.71
CA PHE A 278 -4.44 -8.47 22.68
C PHE A 278 -3.58 -9.75 22.74
N HIS A 279 -2.30 -9.58 23.06
CA HIS A 279 -1.36 -10.72 23.19
C HIS A 279 -1.82 -11.80 24.20
N ALA A 280 -2.55 -11.40 25.24
CA ALA A 280 -2.95 -12.28 26.35
C ALA A 280 -4.22 -13.10 26.06
N ILE A 281 -4.84 -12.95 24.89
CA ILE A 281 -6.13 -13.59 24.66
C ILE A 281 -6.04 -14.48 23.43
N LYS A 282 -7.02 -15.36 23.30
CA LYS A 282 -7.15 -16.24 22.15
C LYS A 282 -8.65 -16.55 21.96
N VAL B 28 4.24 -46.81 15.13
CA VAL B 28 3.75 -46.53 13.75
C VAL B 28 3.95 -47.73 12.81
N ASN B 29 3.55 -47.57 11.54
CA ASN B 29 3.69 -48.55 10.44
C ASN B 29 3.80 -47.84 9.08
N LEU B 30 5.02 -47.72 8.54
CA LEU B 30 5.27 -46.84 7.39
C LEU B 30 5.49 -47.53 6.01
N GLU B 31 5.04 -48.76 5.85
CA GLU B 31 5.16 -49.41 4.53
C GLU B 31 4.34 -48.61 3.50
N ASN B 32 4.81 -48.56 2.25
CA ASN B 32 4.12 -47.79 1.21
C ASN B 32 4.30 -46.27 1.31
N LYS B 33 5.07 -45.80 2.30
CA LYS B 33 5.40 -44.38 2.45
C LYS B 33 6.83 -44.09 1.97
N THR B 34 7.03 -42.87 1.49
CA THR B 34 8.34 -42.39 1.06
C THR B 34 8.66 -41.05 1.69
N TYR B 35 9.84 -40.93 2.28
CA TYR B 35 10.29 -39.70 2.95
C TYR B 35 11.64 -39.23 2.38
N VAL B 36 11.82 -37.91 2.26
CA VAL B 36 13.12 -37.35 1.87
C VAL B 36 13.81 -36.89 3.16
N ILE B 37 15.04 -37.33 3.38
CA ILE B 37 15.82 -36.92 4.53
C ILE B 37 17.00 -36.07 4.06
N MET B 38 17.07 -34.82 4.54
CA MET B 38 18.07 -33.86 4.10
C MET B 38 19.00 -33.63 5.25
N GLY B 39 20.30 -33.83 5.00
CA GLY B 39 21.33 -33.45 5.96
C GLY B 39 22.03 -34.57 6.74
N ILE B 40 22.11 -35.78 6.20
CA ILE B 40 23.08 -36.71 6.73
C ILE B 40 24.50 -36.38 6.23
N ALA B 41 25.44 -36.22 7.16
CA ALA B 41 26.88 -36.11 6.82
C ALA B 41 27.66 -37.36 7.23
N ASN B 42 27.30 -37.96 8.37
CA ASN B 42 27.99 -39.19 8.87
C ASN B 42 27.13 -39.97 9.88
N LYS B 43 27.71 -41.00 10.50
CA LYS B 43 26.96 -41.93 11.36
C LYS B 43 26.40 -41.24 12.62
N ARG B 44 26.96 -40.09 13.01
CA ARG B 44 26.51 -39.30 14.17
CA ARG B 44 26.44 -39.35 14.16
C ARG B 44 25.42 -38.25 13.83
N SER B 45 25.17 -37.98 12.56
CA SER B 45 24.17 -36.98 12.25
C SER B 45 22.82 -37.33 12.89
N ILE B 46 22.15 -36.31 13.44
CA ILE B 46 20.74 -36.46 13.92
C ILE B 46 19.88 -37.08 12.83
N ALA B 47 20.10 -36.67 11.58
CA ALA B 47 19.30 -37.23 10.48
C ALA B 47 19.53 -38.73 10.21
N PHE B 48 20.69 -39.30 10.55
CA PHE B 48 20.84 -40.76 10.44
C PHE B 48 20.06 -41.55 11.51
N GLY B 49 19.94 -41.01 12.73
CA GLY B 49 18.96 -41.54 13.69
C GLY B 49 17.53 -41.56 13.16
N VAL B 50 17.11 -40.47 12.52
CA VAL B 50 15.83 -40.42 11.84
C VAL B 50 15.75 -41.54 10.77
N ALA B 51 16.75 -41.62 9.90
CA ALA B 51 16.75 -42.66 8.85
C ALA B 51 16.61 -44.08 9.40
N LYS B 52 17.39 -44.47 10.41
CA LYS B 52 17.33 -45.82 10.99
C LYS B 52 15.93 -46.13 11.52
N VAL B 53 15.34 -45.20 12.25
CA VAL B 53 13.96 -45.39 12.74
C VAL B 53 12.97 -45.59 11.59
N LEU B 54 12.95 -44.68 10.61
CA LEU B 54 12.02 -44.81 9.48
C LEU B 54 12.24 -46.07 8.68
N ASP B 55 13.51 -46.41 8.45
CA ASP B 55 13.84 -47.62 7.72
C ASP B 55 13.31 -48.86 8.44
N GLN B 56 13.56 -48.95 9.73
CA GLN B 56 13.05 -50.04 10.56
C GLN B 56 11.52 -50.16 10.51
N LEU B 57 10.83 -49.03 10.30
CA LEU B 57 9.37 -48.98 10.26
C LEU B 57 8.76 -49.30 8.88
N GLY B 58 9.61 -49.55 7.88
CA GLY B 58 9.12 -49.95 6.57
C GLY B 58 9.17 -48.90 5.46
N ALA B 59 9.59 -47.67 5.75
CA ALA B 59 9.50 -46.56 4.81
C ALA B 59 10.52 -46.71 3.67
N LYS B 60 10.16 -46.23 2.46
CA LYS B 60 11.19 -45.97 1.44
C LYS B 60 11.83 -44.62 1.69
N LEU B 61 13.16 -44.53 1.63
CA LEU B 61 13.84 -43.28 1.95
C LEU B 61 14.64 -42.72 0.78
N VAL B 62 14.67 -41.39 0.68
CA VAL B 62 15.44 -40.72 -0.35
C VAL B 62 16.34 -39.78 0.44
N PHE B 63 17.61 -39.60 0.03
CA PHE B 63 18.55 -38.84 0.84
C PHE B 63 19.11 -37.66 0.05
N THR B 64 19.24 -36.51 0.70
CA THR B 64 19.97 -35.40 0.08
C THR B 64 21.24 -34.96 0.86
N TYR B 65 22.23 -34.50 0.10
CA TYR B 65 23.54 -34.14 0.68
C TYR B 65 24.14 -32.90 0.00
N ARG B 66 25.10 -32.24 0.62
CA ARG B 66 25.83 -31.17 -0.10
C ARG B 66 27.25 -31.62 -0.53
N LYS B 67 28.08 -32.10 0.41
CA LYS B 67 29.49 -32.47 0.10
C LYS B 67 29.60 -33.85 -0.52
N GLU B 68 30.60 -34.04 -1.39
CA GLU B 68 30.99 -35.35 -1.96
CA GLU B 68 30.83 -35.37 -1.94
C GLU B 68 31.21 -36.35 -0.81
N ARG B 69 31.90 -35.86 0.21
CA ARG B 69 32.20 -36.70 1.40
C ARG B 69 30.90 -37.19 2.06
N SER B 70 29.88 -36.33 2.14
CA SER B 70 28.63 -36.79 2.74
C SER B 70 27.98 -37.91 1.89
N ARG B 71 28.03 -37.80 0.57
CA ARG B 71 27.56 -38.91 -0.29
CA ARG B 71 27.56 -38.92 -0.26
C ARG B 71 28.32 -40.21 0.00
N LYS B 72 29.65 -40.11 0.16
CA LYS B 72 30.41 -41.34 0.40
CA LYS B 72 30.52 -41.26 0.48
C LYS B 72 30.01 -41.97 1.73
N GLU B 73 29.70 -41.17 2.75
CA GLU B 73 29.24 -41.73 4.01
C GLU B 73 27.84 -42.37 3.88
N LEU B 74 26.96 -41.74 3.12
CA LEU B 74 25.62 -42.26 2.85
C LEU B 74 25.68 -43.65 2.21
N GLU B 75 26.50 -43.80 1.18
CA GLU B 75 26.60 -45.06 0.46
C GLU B 75 27.03 -46.21 1.41
N LYS B 76 27.94 -45.89 2.33
CA LYS B 76 28.42 -46.82 3.35
C LYS B 76 27.38 -47.04 4.46
N LEU B 77 26.71 -45.98 4.91
CA LEU B 77 25.63 -46.13 5.88
C LEU B 77 24.40 -46.88 5.35
N LEU B 78 24.13 -46.80 4.04
CA LEU B 78 23.03 -47.58 3.46
C LEU B 78 23.11 -49.10 3.67
N GLU B 79 24.33 -49.61 3.80
CA GLU B 79 24.54 -51.04 4.07
C GLU B 79 23.95 -51.45 5.42
N GLN B 80 23.89 -50.52 6.38
CA GLN B 80 23.19 -50.76 7.65
C GLN B 80 21.67 -50.77 7.57
N LEU B 81 21.10 -50.28 6.48
CA LEU B 81 19.65 -50.07 6.38
C LEU B 81 18.98 -51.19 5.58
N ASN B 82 17.67 -51.33 5.66
CA ASN B 82 16.96 -52.28 4.82
C ASN B 82 16.64 -51.74 3.43
N GLN B 83 17.06 -50.51 3.11
CA GLN B 83 16.75 -49.90 1.83
C GLN B 83 17.29 -50.75 0.69
N PRO B 84 16.43 -51.16 -0.25
CA PRO B 84 16.84 -52.00 -1.38
C PRO B 84 17.57 -51.22 -2.48
N GLU B 85 17.33 -49.92 -2.57
CA GLU B 85 17.99 -49.07 -3.57
C GLU B 85 18.55 -47.82 -2.90
N ALA B 86 19.64 -47.32 -3.45
CA ALA B 86 20.17 -46.03 -3.04
C ALA B 86 19.47 -44.93 -3.86
N HIS B 87 18.76 -44.01 -3.20
CA HIS B 87 18.29 -42.80 -3.86
C HIS B 87 18.99 -41.59 -3.24
N LEU B 88 20.03 -41.07 -3.89
CA LEU B 88 20.87 -40.00 -3.38
C LEU B 88 20.87 -38.80 -4.35
N TYR B 89 20.64 -37.59 -3.83
CA TYR B 89 20.63 -36.42 -4.71
C TYR B 89 21.47 -35.34 -4.06
N GLN B 90 22.33 -34.69 -4.83
CA GLN B 90 23.08 -33.56 -4.29
C GLN B 90 22.20 -32.31 -4.32
N ILE B 91 21.98 -31.70 -3.16
CA ILE B 91 21.19 -30.48 -3.13
C ILE B 91 21.82 -29.57 -2.07
N ASP B 92 22.49 -28.53 -2.55
CA ASP B 92 22.94 -27.42 -1.70
C ASP B 92 21.78 -26.42 -1.59
N VAL B 93 21.28 -26.17 -0.37
CA VAL B 93 20.04 -25.38 -0.27
C VAL B 93 20.30 -23.86 -0.43
N GLN B 94 21.56 -23.45 -0.65
CA GLN B 94 21.85 -22.06 -1.04
C GLN B 94 21.39 -21.72 -2.46
N SER B 95 21.15 -22.78 -3.24
CA SER B 95 20.88 -22.66 -4.70
C SER B 95 19.43 -23.01 -4.96
N ASP B 96 18.65 -22.04 -5.46
CA ASP B 96 17.27 -22.32 -5.86
C ASP B 96 17.22 -23.42 -6.90
N GLU B 97 18.06 -23.29 -7.93
CA GLU B 97 17.96 -24.27 -8.99
CA GLU B 97 18.17 -24.26 -9.02
C GLU B 97 18.26 -25.67 -8.46
N GLU B 98 19.20 -25.85 -7.53
CA GLU B 98 19.46 -27.19 -7.01
C GLU B 98 18.30 -27.79 -6.22
N VAL B 99 17.63 -26.99 -5.38
CA VAL B 99 16.40 -27.44 -4.67
C VAL B 99 15.27 -27.73 -5.67
N ILE B 100 15.09 -26.85 -6.65
CA ILE B 100 14.04 -27.05 -7.67
C ILE B 100 14.29 -28.28 -8.53
N ASN B 101 15.48 -28.34 -9.13
CA ASN B 101 15.79 -29.47 -9.97
C ASN B 101 15.87 -30.76 -9.15
N GLY B 102 16.33 -30.68 -7.91
CA GLY B 102 16.52 -31.88 -7.09
C GLY B 102 15.20 -32.54 -6.75
N PHE B 103 14.27 -31.76 -6.21
CA PHE B 103 12.94 -32.30 -5.94
C PHE B 103 12.22 -32.74 -7.20
N GLU B 104 12.42 -32.01 -8.29
CA GLU B 104 11.78 -32.44 -9.54
C GLU B 104 12.28 -33.82 -9.97
N GLN B 105 13.59 -34.04 -9.84
CA GLN B 105 14.17 -35.34 -10.21
C GLN B 105 13.69 -36.47 -9.25
N ILE B 106 13.63 -36.16 -7.95
CA ILE B 106 13.08 -37.12 -6.99
C ILE B 106 11.67 -37.56 -7.37
N GLY B 107 10.82 -36.60 -7.74
CA GLY B 107 9.46 -36.93 -8.15
C GLY B 107 9.45 -37.82 -9.39
N LYS B 108 10.40 -37.60 -10.27
CA LYS B 108 10.47 -38.41 -11.48
C LYS B 108 10.92 -39.83 -11.17
N ASP B 109 11.79 -39.96 -10.17
CA ASP B 109 12.37 -41.27 -9.84
C ASP B 109 11.55 -42.15 -8.91
N VAL B 110 10.91 -41.56 -7.89
CA VAL B 110 10.14 -42.30 -6.89
C VAL B 110 8.62 -41.99 -6.87
N GLY B 111 8.16 -41.02 -7.66
CA GLY B 111 6.76 -40.61 -7.58
C GLY B 111 6.51 -39.62 -6.46
N ASN B 112 5.27 -39.54 -5.98
CA ASN B 112 4.93 -38.68 -4.86
C ASN B 112 5.52 -39.12 -3.52
N ILE B 113 5.68 -38.17 -2.60
CA ILE B 113 6.30 -38.46 -1.32
C ILE B 113 5.30 -38.17 -0.20
N ASP B 114 5.62 -38.59 1.02
CA ASP B 114 4.77 -38.35 2.17
C ASP B 114 5.27 -37.29 3.16
N GLY B 115 6.56 -36.94 3.10
CA GLY B 115 7.10 -35.93 4.00
C GLY B 115 8.58 -35.74 3.77
N VAL B 116 9.13 -34.79 4.50
CA VAL B 116 10.52 -34.35 4.35
C VAL B 116 11.00 -34.14 5.78
N TYR B 117 12.19 -34.64 6.08
CA TYR B 117 12.84 -34.29 7.32
C TYR B 117 14.00 -33.33 7.01
N HIS B 118 13.99 -32.15 7.65
CA HIS B 118 14.96 -31.13 7.30
C HIS B 118 15.93 -31.09 8.47
N SER B 119 17.20 -31.39 8.22
CA SER B 119 18.18 -31.46 9.29
C SER B 119 19.43 -30.69 8.86
N ILE B 120 19.21 -29.42 8.54
CA ILE B 120 20.26 -28.62 7.86
C ILE B 120 20.43 -27.27 8.55
N ALA B 121 21.67 -26.94 8.90
CA ALA B 121 22.03 -25.65 9.43
C ALA B 121 23.52 -25.40 9.23
N PHE B 122 23.88 -24.11 9.21
CA PHE B 122 25.29 -23.74 9.02
C PHE B 122 25.52 -22.32 9.52
N ALA B 123 26.64 -22.13 10.23
CA ALA B 123 27.14 -20.77 10.51
C ALA B 123 28.68 -20.83 10.50
N ASN B 124 29.37 -19.72 10.22
CA ASN B 124 30.82 -19.65 10.37
C ASN B 124 31.27 -19.79 11.83
N MET B 125 32.34 -20.54 12.04
N MET B 125 32.28 -20.64 12.02
CA MET B 125 33.13 -20.51 13.26
CA MET B 125 32.82 -21.05 13.32
C MET B 125 33.44 -19.10 13.69
C MET B 125 32.85 -19.90 14.32
N GLU B 126 33.87 -18.26 12.73
N GLU B 126 33.46 -18.79 13.93
CA GLU B 126 34.35 -16.92 13.02
CA GLU B 126 33.66 -17.68 14.86
C GLU B 126 33.28 -16.02 13.63
C GLU B 126 32.37 -16.91 15.12
N ASP B 127 32.02 -16.19 13.23
N ASP B 127 31.24 -17.53 14.82
CA ASP B 127 30.92 -15.46 13.88
CA ASP B 127 29.94 -16.98 15.26
C ASP B 127 30.51 -16.16 15.17
C ASP B 127 29.25 -17.94 16.25
N LEU B 128 30.51 -17.50 15.18
N LEU B 128 30.03 -18.80 16.89
CA LEU B 128 30.03 -18.27 16.33
CA LEU B 128 29.50 -19.86 17.74
C LEU B 128 30.87 -18.05 17.58
C LEU B 128 30.24 -19.91 19.10
N ARG B 129 32.17 -17.90 17.38
N ARG B 129 30.86 -18.78 19.40
CA ARG B 129 33.15 -17.84 18.46
CA ARG B 129 31.57 -18.53 20.65
C ARG B 129 33.66 -16.43 18.74
C ARG B 129 31.77 -17.03 20.65
N GLY B 130 32.83 -15.43 18.50
N GLY B 130 32.27 -16.47 21.74
CA GLY B 130 33.05 -14.08 19.02
CA GLY B 130 32.52 -15.04 21.84
C GLY B 130 31.76 -13.60 19.65
C GLY B 130 31.28 -14.16 21.85
N ARG B 131 31.80 -12.47 20.36
N ARG B 131 31.40 -12.96 21.30
CA ARG B 131 30.61 -11.90 21.00
CA ARG B 131 30.43 -11.87 21.49
C ARG B 131 29.48 -11.82 20.01
C ARG B 131 29.52 -11.65 20.30
N PHE B 132 28.25 -12.03 20.46
CA PHE B 132 27.17 -11.85 19.49
C PHE B 132 27.10 -10.46 18.84
N SER B 133 27.36 -9.40 19.62
CA SER B 133 27.22 -8.06 19.07
C SER B 133 28.26 -7.78 17.98
N GLU B 134 29.28 -8.63 17.86
CA GLU B 134 30.30 -8.48 16.80
C GLU B 134 29.99 -9.29 15.54
N THR B 135 28.83 -9.95 15.50
CA THR B 135 28.46 -10.75 14.36
C THR B 135 28.50 -9.90 13.05
N SER B 136 29.14 -10.39 12.00
CA SER B 136 29.18 -9.76 10.69
C SER B 136 27.81 -9.92 9.97
N ARG B 137 27.44 -8.93 9.16
CA ARG B 137 26.24 -9.00 8.29
C ARG B 137 26.26 -10.22 7.40
N GLU B 138 27.42 -10.46 6.79
CA GLU B 138 27.61 -11.61 5.91
C GLU B 138 27.35 -12.94 6.64
N GLY B 139 27.89 -13.09 7.84
CA GLY B 139 27.70 -14.32 8.62
C GLY B 139 26.27 -14.49 9.19
N PHE B 140 25.66 -13.38 9.59
CA PHE B 140 24.22 -13.36 9.98
C PHE B 140 23.30 -13.84 8.90
N LEU B 141 23.46 -13.28 7.69
CA LEU B 141 22.58 -13.62 6.55
C LEU B 141 22.89 -15.02 6.00
N LEU B 142 24.16 -15.46 6.07
CA LEU B 142 24.52 -16.85 5.71
C LEU B 142 23.75 -17.87 6.57
N ALA B 143 23.74 -17.63 7.89
CA ALA B 143 23.10 -18.53 8.82
C ALA B 143 21.58 -18.50 8.60
N GLN B 144 21.01 -17.33 8.28
CA GLN B 144 19.56 -17.28 7.97
C GLN B 144 19.23 -18.08 6.70
N ASP B 145 20.08 -17.89 5.69
CA ASP B 145 19.81 -18.40 4.36
C ASP B 145 19.80 -19.93 4.42
N ILE B 146 20.84 -20.52 5.05
CA ILE B 146 20.96 -21.98 5.07
C ILE B 146 20.03 -22.56 6.15
N SER B 147 19.93 -21.91 7.31
CA SER B 147 19.31 -22.59 8.45
C SER B 147 17.80 -22.30 8.56
N SER B 148 17.32 -21.26 7.87
CA SER B 148 15.89 -20.88 7.97
C SER B 148 15.17 -20.78 6.64
N TYR B 149 15.64 -19.94 5.73
CA TYR B 149 15.01 -19.80 4.41
C TYR B 149 14.99 -21.12 3.64
N SER B 150 16.03 -21.96 3.79
CA SER B 150 16.01 -23.27 3.10
C SER B 150 14.73 -24.10 3.36
N LEU B 151 14.18 -24.03 4.56
CA LEU B 151 12.92 -24.75 4.82
C LEU B 151 11.79 -24.25 3.89
N THR B 152 11.69 -22.93 3.75
CA THR B 152 10.62 -22.29 2.94
C THR B 152 10.68 -22.76 1.51
N ILE B 153 11.87 -22.68 0.92
CA ILE B 153 11.95 -23.13 -0.49
CA ILE B 153 11.97 -23.14 -0.48
C ILE B 153 11.80 -24.66 -0.62
N VAL B 154 12.35 -25.41 0.31
CA VAL B 154 12.13 -26.88 0.30
C VAL B 154 10.63 -27.24 0.38
N ALA B 155 9.92 -26.56 1.28
CA ALA B 155 8.46 -26.75 1.42
C ALA B 155 7.73 -26.45 0.12
N HIS B 156 8.11 -25.34 -0.55
CA HIS B 156 7.49 -24.95 -1.83
C HIS B 156 7.66 -26.04 -2.89
N GLU B 157 8.89 -26.58 -2.99
CA GLU B 157 9.16 -27.62 -4.01
C GLU B 157 8.62 -29.00 -3.63
N ALA B 158 8.71 -29.35 -2.35
CA ALA B 158 8.22 -30.64 -1.83
C ALA B 158 6.69 -30.72 -1.91
N LYS B 159 5.99 -29.59 -1.73
CA LYS B 159 4.52 -29.58 -1.89
C LYS B 159 4.05 -30.11 -3.24
N LYS B 160 4.77 -29.80 -4.29
CA LYS B 160 4.41 -30.35 -5.60
C LYS B 160 4.32 -31.89 -5.64
N LEU B 161 5.00 -32.57 -4.73
CA LEU B 161 5.08 -34.05 -4.71
C LEU B 161 4.15 -34.62 -3.63
N MET B 162 3.35 -33.75 -3.02
CA MET B 162 2.43 -34.15 -1.97
C MET B 162 1.01 -33.70 -2.28
N PRO B 163 0.46 -34.09 -3.45
CA PRO B 163 -0.89 -33.62 -3.75
C PRO B 163 -2.03 -34.01 -2.79
N GLU B 164 -1.96 -35.15 -2.08
CA GLU B 164 -2.97 -35.40 -1.04
C GLU B 164 -2.52 -35.06 0.38
N GLY B 165 -1.40 -34.36 0.50
CA GLY B 165 -0.96 -33.86 1.82
C GLY B 165 0.25 -34.63 2.32
N GLY B 166 0.76 -34.30 3.49
CA GLY B 166 2.11 -34.72 3.78
C GLY B 166 2.54 -34.03 5.04
N SER B 167 3.77 -34.29 5.46
CA SER B 167 4.28 -33.79 6.73
C SER B 167 5.76 -33.36 6.60
N ILE B 168 6.08 -32.16 7.09
CA ILE B 168 7.42 -31.60 6.99
C ILE B 168 7.94 -31.32 8.40
N VAL B 169 9.13 -31.81 8.73
CA VAL B 169 9.67 -31.62 10.06
C VAL B 169 11.05 -30.97 9.96
N ALA B 170 11.32 -29.93 10.75
CA ALA B 170 12.69 -29.34 10.81
C ALA B 170 13.28 -29.48 12.23
N THR B 171 14.61 -29.32 12.36
CA THR B 171 15.28 -29.61 13.63
C THR B 171 15.74 -28.28 14.22
N THR B 172 15.36 -28.04 15.46
CA THR B 172 15.71 -26.78 16.08
C THR B 172 16.39 -27.06 17.43
N TYR B 173 16.71 -26.00 18.15
CA TYR B 173 17.36 -26.11 19.46
C TYR B 173 16.77 -24.99 20.29
N LEU B 174 16.79 -25.21 21.60
CA LEU B 174 16.20 -24.29 22.56
C LEU B 174 16.88 -22.93 22.52
N GLY B 175 18.10 -22.84 22.01
CA GLY B 175 18.76 -21.52 21.83
C GLY B 175 17.98 -20.65 20.82
N GLY B 176 16.99 -21.18 20.11
CA GLY B 176 16.04 -20.37 19.33
C GLY B 176 14.98 -19.65 20.17
N GLU B 177 14.80 -20.09 21.43
CA GLU B 177 13.72 -19.59 22.30
C GLU B 177 14.27 -18.73 23.46
N PHE B 178 15.53 -18.97 23.87
CA PHE B 178 16.22 -18.32 24.99
C PHE B 178 17.65 -18.03 24.55
N ALA B 179 18.28 -16.99 25.08
CA ALA B 179 19.67 -16.75 24.76
C ALA B 179 20.54 -17.75 25.51
N VAL B 180 21.31 -18.56 24.78
CA VAL B 180 22.17 -19.59 25.34
C VAL B 180 23.60 -19.08 25.10
N GLN B 181 24.48 -19.12 26.10
CA GLN B 181 25.87 -18.73 25.86
CA GLN B 181 25.92 -18.87 25.93
C GLN B 181 26.48 -19.48 24.67
N ASN B 182 27.20 -18.72 23.85
CA ASN B 182 27.95 -19.21 22.67
C ASN B 182 27.14 -19.61 21.44
N TYR B 183 25.83 -19.79 21.56
CA TYR B 183 25.07 -20.28 20.40
C TYR B 183 24.86 -19.09 19.45
N ASN B 184 24.84 -17.88 20.00
CA ASN B 184 24.98 -16.63 19.23
C ASN B 184 24.21 -16.54 17.90
N VAL B 185 24.90 -16.37 16.75
CA VAL B 185 24.18 -16.19 15.47
C VAL B 185 23.17 -17.33 15.19
N MET B 186 23.50 -18.55 15.60
CA MET B 186 22.57 -19.66 15.32
C MET B 186 21.25 -19.66 16.16
N GLY B 187 21.26 -19.03 17.33
CA GLY B 187 20.03 -18.88 18.14
C GLY B 187 19.06 -17.93 17.40
N VAL B 188 19.57 -16.91 16.71
CA VAL B 188 18.68 -15.99 15.95
C VAL B 188 18.22 -16.67 14.68
N ALA B 189 19.07 -17.48 14.05
CA ALA B 189 18.62 -18.31 12.93
C ALA B 189 17.53 -19.35 13.34
N LYS B 190 17.64 -19.97 14.53
CA LYS B 190 16.64 -20.94 14.98
C LYS B 190 15.33 -20.26 15.37
N ALA B 191 15.38 -19.05 15.90
CA ALA B 191 14.17 -18.27 16.15
C ALA B 191 13.45 -18.01 14.82
N SER B 192 14.22 -17.66 13.79
CA SER B 192 13.68 -17.44 12.44
C SER B 192 13.09 -18.75 11.90
N LEU B 193 13.80 -19.87 12.11
CA LEU B 193 13.34 -21.20 11.65
C LEU B 193 12.01 -21.60 12.33
N GLU B 194 11.89 -21.34 13.63
CA GLU B 194 10.67 -21.73 14.37
C GLU B 194 9.46 -20.90 13.93
N ALA B 195 9.68 -19.63 13.59
CA ALA B 195 8.61 -18.81 13.03
C ALA B 195 8.26 -19.23 11.63
N ASN B 196 9.26 -19.66 10.87
CA ASN B 196 9.08 -20.18 9.50
C ASN B 196 8.14 -21.38 9.58
N VAL B 197 8.40 -22.31 10.50
CA VAL B 197 7.51 -23.44 10.72
C VAL B 197 6.03 -23.02 10.92
N LYS B 198 5.78 -22.04 11.78
CA LYS B 198 4.42 -21.56 12.06
CA LYS B 198 4.40 -21.61 12.05
C LYS B 198 3.80 -20.92 10.82
N TYR B 199 4.57 -20.07 10.13
CA TYR B 199 3.99 -19.44 8.90
C TYR B 199 3.74 -20.46 7.79
N LEU B 200 4.64 -21.45 7.67
CA LEU B 200 4.42 -22.52 6.67
C LEU B 200 3.21 -23.36 7.07
N ALA B 201 3.01 -23.58 8.36
CA ALA B 201 1.90 -24.44 8.79
C ALA B 201 0.56 -23.76 8.46
N LEU B 202 0.52 -22.44 8.68
CA LEU B 202 -0.67 -21.65 8.35
C LEU B 202 -0.91 -21.65 6.84
N ASP B 203 0.14 -21.40 6.06
CA ASP B 203 0.00 -21.37 4.56
C ASP B 203 -0.43 -22.71 3.94
N LEU B 204 0.22 -23.81 4.35
CA LEU B 204 0.06 -25.13 3.69
C LEU B 204 -0.97 -26.01 4.40
N GLY B 205 -1.39 -25.65 5.61
CA GLY B 205 -2.51 -26.38 6.24
C GLY B 205 -3.74 -26.72 5.39
N PRO B 206 -4.24 -25.74 4.60
CA PRO B 206 -5.32 -26.01 3.69
C PRO B 206 -4.96 -27.02 2.62
N ASP B 207 -3.67 -27.24 2.35
CA ASP B 207 -3.29 -28.34 1.40
C ASP B 207 -3.10 -29.69 2.11
N ASN B 208 -3.47 -29.74 3.39
CA ASN B 208 -3.25 -30.91 4.24
C ASN B 208 -1.76 -31.25 4.39
N ILE B 209 -0.91 -30.21 4.45
CA ILE B 209 0.48 -30.46 4.70
C ILE B 209 0.77 -29.91 6.06
N ARG B 210 1.24 -30.77 6.97
CA ARG B 210 1.56 -30.30 8.32
C ARG B 210 3.02 -29.90 8.40
N VAL B 211 3.37 -28.93 9.24
CA VAL B 211 4.78 -28.52 9.35
C VAL B 211 5.06 -28.35 10.82
N ASN B 212 6.16 -28.97 11.29
CA ASN B 212 6.43 -29.01 12.73
C ASN B 212 7.94 -29.00 12.97
N ALA B 213 8.33 -28.75 14.21
CA ALA B 213 9.76 -28.75 14.56
C ALA B 213 9.99 -29.76 15.72
N ILE B 214 11.20 -30.30 15.75
CA ILE B 214 11.71 -31.04 16.90
C ILE B 214 12.85 -30.23 17.49
N SER B 215 12.71 -29.88 18.75
CA SER B 215 13.76 -29.16 19.47
C SER B 215 14.64 -30.20 20.21
N ALA B 216 15.72 -30.60 19.57
CA ALA B 216 16.57 -31.68 20.10
C ALA B 216 17.48 -31.13 21.20
N GLY B 217 17.71 -31.92 22.26
CA GLY B 217 18.73 -31.71 23.27
C GLY B 217 20.12 -31.87 22.65
N PRO B 218 21.17 -31.39 23.33
CA PRO B 218 22.51 -31.48 22.73
C PRO B 218 22.96 -32.91 22.50
N ILE B 219 23.52 -33.13 21.30
CA ILE B 219 23.98 -34.44 20.85
C ILE B 219 25.34 -34.28 20.15
N ARG B 220 26.30 -35.14 20.51
CA ARG B 220 27.64 -35.15 19.90
CA ARG B 220 27.63 -35.16 19.89
C ARG B 220 27.60 -35.40 18.38
N THR B 221 27.80 -34.33 17.60
CA THR B 221 27.85 -34.41 16.13
C THR B 221 28.99 -33.57 15.57
N LEU B 222 29.27 -33.73 14.29
CA LEU B 222 30.23 -32.86 13.61
C LEU B 222 29.91 -31.34 13.75
N SER B 223 28.64 -30.94 13.57
CA SER B 223 28.27 -29.54 13.75
C SER B 223 28.43 -29.05 15.19
N ALA B 224 28.21 -29.93 16.17
CA ALA B 224 28.35 -29.50 17.57
C ALA B 224 29.76 -29.01 17.91
N LYS B 225 30.73 -29.44 17.10
CA LYS B 225 32.08 -28.90 17.31
C LYS B 225 32.20 -27.39 17.09
N GLY B 226 31.23 -26.76 16.45
CA GLY B 226 31.26 -25.31 16.33
C GLY B 226 30.72 -24.57 17.54
N VAL B 227 29.97 -25.25 18.41
CA VAL B 227 29.45 -24.56 19.60
C VAL B 227 30.48 -24.50 20.76
N GLY B 228 30.96 -23.30 21.10
CA GLY B 228 31.79 -23.13 22.33
C GLY B 228 31.15 -23.77 23.57
N GLY B 229 31.98 -24.35 24.43
CA GLY B 229 31.58 -24.99 25.67
C GLY B 229 30.56 -26.12 25.54
N PHE B 230 30.48 -26.75 24.38
CA PHE B 230 29.57 -27.88 24.18
C PHE B 230 29.57 -28.97 25.28
N ASN B 231 30.73 -29.36 25.80
CA ASN B 231 30.82 -30.32 26.89
C ASN B 231 30.17 -29.86 28.18
N THR B 232 30.32 -28.58 28.54
CA THR B 232 29.55 -28.06 29.66
C THR B 232 28.04 -28.06 29.41
N ILE B 233 27.58 -27.96 28.16
CA ILE B 233 26.14 -27.99 27.85
C ILE B 233 25.61 -29.42 28.09
N LEU B 234 26.33 -30.43 27.65
CA LEU B 234 25.94 -31.82 27.91
C LEU B 234 25.90 -32.15 29.41
N LYS B 235 26.88 -31.65 30.15
CA LYS B 235 27.00 -31.90 31.58
C LYS B 235 25.87 -31.21 32.36
N GLU B 236 25.41 -30.04 31.91
CA GLU B 236 24.27 -29.40 32.56
C GLU B 236 22.98 -30.23 32.39
N ILE B 237 22.80 -30.88 31.25
CA ILE B 237 21.57 -31.66 31.05
C ILE B 237 21.52 -32.84 32.02
N GLU B 238 22.66 -33.54 32.19
CA GLU B 238 22.75 -34.69 33.08
C GLU B 238 22.42 -34.28 34.48
N GLU B 239 22.93 -33.13 34.86
CA GLU B 239 22.80 -32.67 36.23
C GLU B 239 21.43 -32.03 36.53
N ARG B 240 20.82 -31.34 35.57
CA ARG B 240 19.65 -30.50 35.86
CA ARG B 240 19.64 -30.51 35.86
C ARG B 240 18.33 -30.95 35.18
N ALA B 241 18.43 -31.65 34.06
CA ALA B 241 17.23 -31.96 33.29
C ALA B 241 16.42 -33.00 34.07
N PRO B 242 15.08 -33.02 33.91
CA PRO B 242 14.23 -33.94 34.68
C PRO B 242 14.68 -35.38 34.56
N LEU B 243 14.97 -35.84 33.35
CA LEU B 243 15.42 -37.23 33.16
C LEU B 243 16.86 -37.47 33.58
N LYS B 244 17.62 -36.42 33.84
CA LYS B 244 18.98 -36.59 34.37
C LYS B 244 19.93 -37.36 33.44
N ARG B 245 19.79 -37.17 32.14
CA ARG B 245 20.58 -37.91 31.15
C ARG B 245 20.42 -37.12 29.84
N ASN B 246 21.32 -37.34 28.90
CA ASN B 246 21.23 -36.79 27.57
C ASN B 246 20.40 -37.67 26.65
N VAL B 247 19.91 -37.13 25.53
CA VAL B 247 19.13 -37.90 24.56
C VAL B 247 20.05 -38.34 23.45
N ASP B 248 19.59 -39.23 22.58
CA ASP B 248 20.41 -39.53 21.42
C ASP B 248 19.66 -39.38 20.11
N GLN B 249 20.35 -39.66 19.01
CA GLN B 249 19.82 -39.44 17.65
C GLN B 249 18.55 -40.25 17.40
N VAL B 250 18.57 -41.51 17.86
CA VAL B 250 17.43 -42.42 17.71
C VAL B 250 16.18 -41.90 18.47
N GLU B 251 16.35 -41.23 19.62
CA GLU B 251 15.18 -40.64 20.28
C GLU B 251 14.55 -39.51 19.46
N VAL B 252 15.41 -38.74 18.77
CA VAL B 252 14.91 -37.74 17.84
C VAL B 252 14.16 -38.42 16.70
N GLY B 253 14.77 -39.48 16.16
CA GLY B 253 14.15 -40.34 15.14
C GLY B 253 12.76 -40.87 15.50
N LYS B 254 12.58 -41.32 16.73
CA LYS B 254 11.27 -41.84 17.18
C LYS B 254 10.18 -40.75 17.18
N THR B 255 10.47 -39.56 17.70
CA THR B 255 9.58 -38.41 17.53
C THR B 255 9.37 -37.99 16.08
N ALA B 256 10.38 -38.04 15.21
CA ALA B 256 10.18 -37.80 13.78
C ALA B 256 9.16 -38.74 13.13
N ALA B 257 9.23 -40.01 13.50
CA ALA B 257 8.30 -41.03 12.99
C ALA B 257 6.91 -40.65 13.41
N TYR B 258 6.74 -40.25 14.68
CA TYR B 258 5.41 -39.79 15.09
C TYR B 258 4.93 -38.60 14.24
N LEU B 259 5.77 -37.56 14.13
CA LEU B 259 5.42 -36.33 13.40
C LEU B 259 5.20 -36.56 11.91
N LEU B 260 5.95 -37.51 11.34
CA LEU B 260 5.84 -37.75 9.89
C LEU B 260 4.69 -38.70 9.54
N SER B 261 4.03 -39.23 10.56
CA SER B 261 3.05 -40.29 10.30
C SER B 261 1.64 -39.83 10.67
N ASP B 262 0.65 -40.68 10.42
CA ASP B 262 -0.74 -40.31 10.69
C ASP B 262 -1.00 -40.27 12.20
N LEU B 263 -0.07 -40.70 13.04
CA LEU B 263 -0.26 -40.57 14.50
C LEU B 263 -0.43 -39.13 14.96
N SER B 264 0.18 -38.19 14.23
CA SER B 264 0.15 -36.80 14.67
C SER B 264 -0.78 -35.97 13.78
N SER B 265 -1.82 -36.61 13.25
N SER B 265 -1.73 -36.63 13.14
CA SER B 265 -2.68 -35.99 12.23
CA SER B 265 -2.79 -35.89 12.44
C SER B 265 -3.28 -34.61 12.59
C SER B 265 -3.40 -34.93 13.46
N GLY B 266 -3.41 -34.34 13.89
N GLY B 266 -3.70 -33.69 13.05
CA GLY B 266 -4.08 -33.13 14.38
CA GLY B 266 -4.18 -32.68 13.98
C GLY B 266 -3.08 -32.02 14.69
C GLY B 266 -3.06 -31.91 14.69
N VAL B 267 -1.80 -32.30 14.47
CA VAL B 267 -0.71 -31.52 15.07
C VAL B 267 0.06 -30.77 13.96
N THR B 268 0.06 -29.44 14.02
CA THR B 268 0.87 -28.62 13.07
C THR B 268 1.28 -27.30 13.73
N GLY B 269 2.40 -26.72 13.30
CA GLY B 269 2.85 -25.46 13.87
C GLY B 269 3.40 -25.71 15.27
N GLU B 270 3.69 -26.99 15.56
CA GLU B 270 4.13 -27.37 16.93
C GLU B 270 5.67 -27.54 17.04
N ASN B 271 6.24 -27.31 18.22
CA ASN B 271 7.66 -27.57 18.43
C ASN B 271 7.77 -28.58 19.56
N ILE B 272 8.16 -29.83 19.26
CA ILE B 272 8.30 -30.87 20.32
C ILE B 272 9.71 -30.99 20.88
N HIS B 273 9.86 -30.79 22.17
CA HIS B 273 11.21 -30.80 22.75
C HIS B 273 11.60 -32.25 23.10
N VAL B 274 12.62 -32.77 22.42
CA VAL B 274 13.20 -34.07 22.74
C VAL B 274 14.52 -33.83 23.47
N ASP B 275 14.42 -33.51 24.76
CA ASP B 275 15.56 -32.95 25.48
C ASP B 275 15.56 -33.35 26.95
N SER B 276 14.97 -34.51 27.27
CA SER B 276 14.96 -34.98 28.67
C SER B 276 14.22 -34.02 29.63
N GLY B 277 13.40 -33.14 29.08
CA GLY B 277 12.62 -32.13 29.80
C GLY B 277 13.36 -30.86 30.19
N PHE B 278 14.59 -30.66 29.72
CA PHE B 278 15.32 -29.42 30.00
C PHE B 278 14.59 -28.12 29.71
N HIS B 279 13.83 -28.07 28.62
CA HIS B 279 13.02 -26.89 28.26
C HIS B 279 12.08 -26.40 29.39
N ALA B 280 11.68 -27.31 30.27
CA ALA B 280 10.57 -27.01 31.19
C ALA B 280 11.03 -26.54 32.55
N ILE B 281 12.36 -26.38 32.72
CA ILE B 281 12.93 -26.04 34.03
C ILE B 281 13.78 -24.78 33.94
N LYS B 282 13.96 -24.14 35.09
CA LYS B 282 14.88 -23.02 35.25
C LYS B 282 15.60 -23.20 36.60
N VAL C 28 4.77 -48.30 17.75
CA VAL C 28 3.82 -48.13 18.89
C VAL C 28 2.95 -49.39 19.14
N ASN C 29 3.58 -50.56 19.15
CA ASN C 29 2.93 -51.82 19.55
C ASN C 29 2.82 -51.96 21.07
N LEU C 30 1.62 -52.01 21.62
CA LEU C 30 1.51 -52.00 23.08
C LEU C 30 1.03 -53.31 23.71
N GLU C 31 1.30 -54.45 23.07
CA GLU C 31 0.99 -55.72 23.71
C GLU C 31 1.86 -55.86 24.96
N ASN C 32 1.30 -56.35 26.05
CA ASN C 32 2.09 -56.54 27.26
C ASN C 32 2.26 -55.24 28.05
N LYS C 33 1.61 -54.17 27.59
CA LYS C 33 1.47 -52.94 28.36
C LYS C 33 0.11 -52.90 29.04
N THR C 34 0.06 -52.19 30.17
CA THR C 34 -1.20 -51.92 30.89
C THR C 34 -1.30 -50.44 31.21
N TYR C 35 -2.43 -49.81 30.83
CA TYR C 35 -2.68 -48.40 31.13
C TYR C 35 -3.96 -48.19 31.92
N VAL C 36 -3.93 -47.24 32.84
CA VAL C 36 -5.14 -46.84 33.54
C VAL C 36 -5.72 -45.59 32.85
N ILE C 37 -6.97 -45.64 32.42
CA ILE C 37 -7.66 -44.50 31.78
C ILE C 37 -8.74 -43.92 32.71
N MET C 38 -8.55 -42.67 33.14
CA MET C 38 -9.47 -42.03 34.08
C MET C 38 -10.29 -40.99 33.34
N GLY C 39 -11.62 -41.04 33.50
CA GLY C 39 -12.46 -39.97 32.97
C GLY C 39 -13.32 -40.32 31.77
N ILE C 40 -13.63 -41.59 31.55
CA ILE C 40 -14.68 -41.93 30.60
C ILE C 40 -16.08 -41.80 31.23
N ALA C 41 -16.94 -40.99 30.61
CA ALA C 41 -18.37 -40.88 30.99
C ALA C 41 -19.30 -41.47 29.92
N ASN C 42 -18.95 -41.27 28.65
CA ASN C 42 -19.81 -41.83 27.60
C ASN C 42 -19.05 -41.94 26.27
N LYS C 43 -19.71 -42.32 25.18
CA LYS C 43 -19.00 -42.53 23.91
C LYS C 43 -18.30 -41.28 23.34
N ARG C 44 -18.65 -40.08 23.80
CA ARG C 44 -18.09 -38.84 23.26
CA ARG C 44 -18.07 -38.84 23.27
C ARG C 44 -16.89 -38.39 24.10
N SER C 45 -16.63 -39.07 25.21
CA SER C 45 -15.53 -38.71 26.08
C SER C 45 -14.20 -38.76 25.32
N ILE C 46 -13.36 -37.73 25.48
CA ILE C 46 -12.00 -37.73 24.97
C ILE C 46 -11.26 -38.98 25.45
N ALA C 47 -11.43 -39.34 26.72
CA ALA C 47 -10.79 -40.59 27.22
C ALA C 47 -11.28 -41.85 26.47
N PHE C 48 -12.44 -41.81 25.84
CA PHE C 48 -12.85 -43.02 25.09
C PHE C 48 -12.17 -43.10 23.71
N GLY C 49 -11.83 -41.96 23.13
CA GLY C 49 -10.99 -41.94 21.92
C GLY C 49 -9.61 -42.52 22.23
N VAL C 50 -9.06 -42.17 23.38
CA VAL C 50 -7.81 -42.76 23.86
C VAL C 50 -7.96 -44.28 24.04
N ALA C 51 -9.04 -44.68 24.71
CA ALA C 51 -9.29 -46.09 24.95
C ALA C 51 -9.27 -46.83 23.61
N LYS C 52 -10.00 -46.34 22.61
CA LYS C 52 -10.12 -47.08 21.34
C LYS C 52 -8.76 -47.27 20.68
N VAL C 53 -7.91 -46.25 20.72
CA VAL C 53 -6.58 -46.36 20.10
C VAL C 53 -5.67 -47.31 20.88
N LEU C 54 -5.60 -47.17 22.21
CA LEU C 54 -4.70 -48.04 22.98
C LEU C 54 -5.14 -49.51 22.86
N ASP C 55 -6.45 -49.74 22.80
CA ASP C 55 -6.97 -51.12 22.74
C ASP C 55 -6.61 -51.71 21.37
N GLN C 56 -6.74 -50.90 20.32
CA GLN C 56 -6.39 -51.34 18.96
C GLN C 56 -4.91 -51.71 18.87
N LEU C 57 -4.09 -51.09 19.71
CA LEU C 57 -2.66 -51.29 19.68
C LEU C 57 -2.25 -52.50 20.55
N GLY C 58 -3.22 -53.21 21.11
CA GLY C 58 -2.94 -54.34 22.00
C GLY C 58 -2.76 -54.15 23.50
N ALA C 59 -2.83 -52.93 24.05
CA ALA C 59 -2.69 -52.72 25.49
C ALA C 59 -3.82 -53.34 26.31
N LYS C 60 -3.51 -53.75 27.55
CA LYS C 60 -4.52 -54.04 28.56
C LYS C 60 -4.91 -52.72 29.26
N LEU C 61 -6.20 -52.51 29.50
CA LEU C 61 -6.79 -51.25 29.96
C LEU C 61 -7.62 -51.42 31.25
N VAL C 62 -7.44 -50.51 32.18
CA VAL C 62 -8.17 -50.43 33.43
C VAL C 62 -8.82 -49.04 33.37
N PHE C 63 -10.06 -48.94 33.85
CA PHE C 63 -10.87 -47.73 33.70
C PHE C 63 -11.35 -47.29 35.07
N THR C 64 -11.22 -45.99 35.35
CA THR C 64 -11.78 -45.42 36.58
C THR C 64 -12.91 -44.44 36.26
N TYR C 65 -13.90 -44.38 37.15
CA TYR C 65 -15.10 -43.56 36.94
C TYR C 65 -15.54 -42.93 38.26
N ARG C 66 -16.41 -41.92 38.19
CA ARG C 66 -16.96 -41.38 39.44
C ARG C 66 -18.41 -41.82 39.64
N LYS C 67 -19.27 -41.49 38.66
CA LYS C 67 -20.73 -41.68 38.83
C LYS C 67 -21.07 -43.09 38.40
N GLU C 68 -22.07 -43.66 39.06
CA GLU C 68 -22.49 -44.99 38.62
CA GLU C 68 -22.70 -44.93 38.68
C GLU C 68 -22.98 -44.98 37.18
N ARG C 69 -23.54 -43.88 36.68
CA ARG C 69 -23.99 -43.84 35.28
C ARG C 69 -22.80 -44.00 34.32
N SER C 70 -21.66 -43.45 34.70
CA SER C 70 -20.42 -43.69 33.95
C SER C 70 -19.97 -45.16 33.96
N ARG C 71 -20.06 -45.85 35.10
CA ARG C 71 -19.81 -47.29 35.10
C ARG C 71 -20.71 -47.98 34.07
N LYS C 72 -22.01 -47.71 34.11
CA LYS C 72 -22.92 -48.32 33.18
C LYS C 72 -22.55 -48.09 31.71
N GLU C 73 -22.05 -46.90 31.40
CA GLU C 73 -21.70 -46.60 30.02
C GLU C 73 -20.38 -47.32 29.63
N LEU C 74 -19.44 -47.40 30.58
CA LEU C 74 -18.21 -48.19 30.36
C LEU C 74 -18.54 -49.66 30.07
N GLU C 75 -19.43 -50.23 30.86
CA GLU C 75 -19.83 -51.61 30.62
C GLU C 75 -20.32 -51.81 29.19
N LYS C 76 -21.13 -50.89 28.66
CA LYS C 76 -21.65 -50.98 27.29
CA LYS C 76 -21.63 -51.09 27.30
C LYS C 76 -20.58 -50.71 26.24
N LEU C 77 -19.66 -49.82 26.59
CA LEU C 77 -18.57 -49.43 25.68
C LEU C 77 -17.47 -50.49 25.56
N LEU C 78 -17.15 -51.18 26.66
CA LEU C 78 -16.29 -52.36 26.59
C LEU C 78 -16.67 -53.42 25.53
N GLU C 79 -17.94 -53.49 25.16
CA GLU C 79 -18.38 -54.41 24.11
C GLU C 79 -17.82 -54.07 22.72
N GLN C 80 -17.45 -52.81 22.50
CA GLN C 80 -16.74 -52.39 21.28
C GLN C 80 -15.22 -52.56 21.28
N LEU C 81 -14.62 -52.77 22.44
CA LEU C 81 -13.18 -53.02 22.58
C LEU C 81 -12.76 -54.50 22.53
N ASN C 82 -11.45 -54.75 22.45
CA ASN C 82 -10.91 -56.11 22.46
C ASN C 82 -10.49 -56.58 23.83
N GLN C 83 -10.71 -55.80 24.88
CA GLN C 83 -10.44 -56.25 26.24
C GLN C 83 -11.20 -57.52 26.62
N PRO C 84 -10.48 -58.60 27.03
CA PRO C 84 -11.17 -59.79 27.50
C PRO C 84 -11.72 -59.66 28.92
N GLU C 85 -11.25 -58.69 29.70
CA GLU C 85 -11.94 -58.40 30.97
C GLU C 85 -12.13 -56.93 31.30
N ALA C 86 -13.27 -56.69 31.96
CA ALA C 86 -13.63 -55.38 32.45
C ALA C 86 -12.87 -55.15 33.74
N HIS C 87 -11.90 -54.23 33.73
CA HIS C 87 -11.30 -53.80 34.98
C HIS C 87 -11.78 -52.38 35.33
N LEU C 88 -12.82 -52.25 36.17
CA LEU C 88 -13.48 -50.97 36.44
C LEU C 88 -13.40 -50.61 37.92
N TYR C 89 -12.92 -49.41 38.22
CA TYR C 89 -12.76 -49.01 39.61
C TYR C 89 -13.41 -47.65 39.82
N GLN C 90 -14.23 -47.52 40.85
CA GLN C 90 -14.80 -46.22 41.12
C GLN C 90 -13.76 -45.40 41.85
N ILE C 91 -13.39 -44.23 41.30
CA ILE C 91 -12.49 -43.33 41.99
C ILE C 91 -13.01 -41.92 41.82
N ASP C 92 -13.52 -41.36 42.92
CA ASP C 92 -13.72 -39.92 43.00
C ASP C 92 -12.42 -39.22 43.43
N VAL C 93 -11.80 -38.42 42.54
CA VAL C 93 -10.51 -37.82 42.84
C VAL C 93 -10.55 -36.73 43.92
N GLN C 94 -11.75 -36.37 44.39
CA GLN C 94 -11.87 -35.49 45.58
C GLN C 94 -11.50 -36.17 46.90
N SER C 95 -11.44 -37.50 46.89
CA SER C 95 -11.17 -38.32 48.06
C SER C 95 -9.76 -38.93 48.03
N ASP C 96 -8.89 -38.47 48.92
CA ASP C 96 -7.58 -39.13 49.12
C ASP C 96 -7.73 -40.66 49.23
N GLU C 97 -8.66 -41.12 50.06
CA GLU C 97 -8.83 -42.56 50.30
C GLU C 97 -9.21 -43.31 49.05
N GLU C 98 -10.10 -42.72 48.24
CA GLU C 98 -10.55 -43.41 47.06
C GLU C 98 -9.46 -43.52 46.01
N VAL C 99 -8.67 -42.46 45.83
CA VAL C 99 -7.48 -42.54 44.99
C VAL C 99 -6.49 -43.59 45.54
N ILE C 100 -6.17 -43.50 46.83
CA ILE C 100 -5.15 -44.36 47.41
C ILE C 100 -5.55 -45.84 47.30
N ASN C 101 -6.76 -46.15 47.76
CA ASN C 101 -7.25 -47.55 47.75
C ASN C 101 -7.51 -48.07 46.34
N GLY C 102 -7.96 -47.19 45.45
CA GLY C 102 -8.27 -47.59 44.09
C GLY C 102 -7.01 -48.02 43.36
N PHE C 103 -5.96 -47.22 43.46
CA PHE C 103 -4.69 -47.66 42.85
C PHE C 103 -4.06 -48.88 43.51
N GLU C 104 -4.20 -48.99 44.83
CA GLU C 104 -3.79 -50.19 45.55
C GLU C 104 -4.54 -51.43 45.08
N GLN C 105 -5.86 -51.32 44.97
CA GLN C 105 -6.66 -52.39 44.41
C GLN C 105 -6.26 -52.75 42.97
N ILE C 106 -6.00 -51.73 42.14
CA ILE C 106 -5.55 -51.94 40.76
C ILE C 106 -4.23 -52.73 40.67
N GLY C 107 -3.25 -52.40 41.50
CA GLY C 107 -2.02 -53.17 41.56
C GLY C 107 -2.22 -54.63 41.97
N LYS C 108 -3.17 -54.91 42.86
CA LYS C 108 -3.41 -56.30 43.25
C LYS C 108 -4.12 -57.08 42.17
N ASP C 109 -4.91 -56.41 41.35
CA ASP C 109 -5.70 -57.11 40.33
C ASP C 109 -4.95 -57.36 39.03
N VAL C 110 -4.16 -56.38 38.56
CA VAL C 110 -3.46 -56.53 37.29
C VAL C 110 -1.95 -56.42 37.47
N GLY C 111 -1.48 -56.07 38.66
CA GLY C 111 -0.05 -55.87 38.87
C GLY C 111 0.45 -54.48 38.50
N ASN C 112 1.72 -54.39 38.11
CA ASN C 112 2.32 -53.12 37.72
C ASN C 112 1.85 -52.59 36.36
N ILE C 113 1.84 -51.26 36.22
CA ILE C 113 1.23 -50.61 35.05
C ILE C 113 2.31 -49.86 34.28
N ASP C 114 1.98 -49.43 33.06
CA ASP C 114 2.91 -48.67 32.25
C ASP C 114 2.61 -47.15 32.18
N GLY C 115 1.43 -46.73 32.60
CA GLY C 115 1.08 -45.31 32.44
C GLY C 115 -0.35 -45.06 32.86
N VAL C 116 -0.70 -43.77 32.97
CA VAL C 116 -2.02 -43.30 33.35
C VAL C 116 -2.38 -42.20 32.34
N TYR C 117 -3.61 -42.26 31.79
CA TYR C 117 -4.19 -41.15 31.03
C TYR C 117 -5.24 -40.46 31.93
N HIS C 118 -5.06 -39.17 32.21
CA HIS C 118 -5.91 -38.42 33.14
C HIS C 118 -6.79 -37.49 32.28
N SER C 119 -8.09 -37.72 32.35
CA SER C 119 -9.04 -36.96 31.50
C SER C 119 -10.15 -36.41 32.41
N ILE C 120 -9.76 -35.69 33.46
CA ILE C 120 -10.71 -35.36 34.53
C ILE C 120 -10.70 -33.86 34.75
N ALA C 121 -11.86 -33.22 34.69
CA ALA C 121 -12.00 -31.84 35.17
C ALA C 121 -13.44 -31.57 35.54
N PHE C 122 -13.64 -30.51 36.33
CA PHE C 122 -14.96 -30.10 36.72
C PHE C 122 -15.00 -28.64 37.16
N ALA C 123 -16.06 -27.92 36.81
CA ALA C 123 -16.36 -26.63 37.44
C ALA C 123 -17.86 -26.42 37.44
N ASN C 124 -18.39 -25.61 38.35
CA ASN C 124 -19.84 -25.34 38.34
C ASN C 124 -20.21 -24.46 37.14
N MET C 125 -21.40 -24.64 36.55
N MET C 125 -21.40 -24.73 36.60
CA MET C 125 -21.68 -24.04 35.22
CA MET C 125 -22.12 -23.84 35.70
C MET C 125 -21.62 -22.52 35.21
C MET C 125 -22.25 -22.50 36.36
N GLU C 126 -22.05 -21.93 36.30
N GLU C 126 -22.43 -22.50 37.68
CA GLU C 126 -22.07 -20.47 36.43
CA GLU C 126 -22.63 -21.29 38.46
C GLU C 126 -20.66 -19.85 36.44
C GLU C 126 -21.46 -20.30 38.41
N ASP C 127 -19.64 -20.70 36.40
N ASP C 127 -20.23 -20.78 38.52
CA ASP C 127 -18.26 -20.22 36.35
CA ASP C 127 -19.13 -19.87 38.30
C ASP C 127 -17.62 -20.45 34.97
C ASP C 127 -18.78 -19.72 36.81
N LEU C 128 -18.46 -20.53 33.94
N LEU C 128 -18.93 -20.78 36.01
CA LEU C 128 -18.03 -20.89 32.58
CA LEU C 128 -18.57 -20.70 34.58
C LEU C 128 -18.77 -20.07 31.50
C LEU C 128 -19.37 -19.68 33.79
N ARG C 129 -19.19 -18.89 31.94
N ARG C 129 -20.65 -19.53 34.14
CA ARG C 129 -19.93 -17.91 31.18
CA ARG C 129 -21.58 -18.71 33.40
C ARG C 129 -19.88 -16.62 32.00
C ARG C 129 -21.85 -17.40 34.17
N GLY C 130 -20.37 -15.51 31.45
N GLY C 130 -20.77 -16.66 34.39
CA GLY C 130 -20.28 -14.18 32.09
CA GLY C 130 -20.79 -15.38 35.08
C GLY C 130 -18.91 -13.71 32.59
C GLY C 130 -19.44 -14.72 34.82
N ARG C 131 -18.92 -13.00 33.70
N ARG C 131 -19.30 -13.42 35.10
CA ARG C 131 -17.74 -12.31 34.27
CA ARG C 131 -18.05 -12.70 34.87
C ARG C 131 -16.96 -13.16 35.29
C ARG C 131 -16.91 -13.42 35.54
N PHE C 132 -15.71 -13.42 34.96
CA PHE C 132 -14.66 -14.05 35.79
C PHE C 132 -14.42 -13.38 37.15
N SER C 133 -14.52 -12.06 37.22
CA SER C 133 -14.21 -11.35 38.48
C SER C 133 -15.22 -11.72 39.58
N GLU C 134 -16.36 -12.28 39.18
CA GLU C 134 -17.44 -12.67 40.10
C GLU C 134 -17.30 -14.11 40.61
N THR C 135 -16.27 -14.85 40.19
CA THR C 135 -16.07 -16.24 40.61
C THR C 135 -16.07 -16.38 42.14
N SER C 136 -16.77 -17.38 42.69
CA SER C 136 -16.78 -17.64 44.13
C SER C 136 -15.48 -18.36 44.56
N ARG C 137 -15.00 -18.10 45.78
CA ARG C 137 -13.91 -18.89 46.38
C ARG C 137 -14.13 -20.41 46.30
N GLU C 138 -15.31 -20.84 46.76
CA GLU C 138 -15.70 -22.25 46.71
C GLU C 138 -15.65 -22.83 45.25
N GLY C 139 -16.15 -22.12 44.25
CA GLY C 139 -16.11 -22.64 42.88
C GLY C 139 -14.69 -22.60 42.33
N PHE C 140 -13.88 -21.64 42.77
CA PHE C 140 -12.50 -21.58 42.30
C PHE C 140 -11.69 -22.73 42.84
N LEU C 141 -11.89 -23.04 44.11
CA LEU C 141 -11.12 -24.09 44.73
C LEU C 141 -11.61 -25.47 44.29
N LEU C 142 -12.92 -25.61 44.04
CA LEU C 142 -13.47 -26.87 43.49
C LEU C 142 -12.80 -27.25 42.17
N ALA C 143 -12.65 -26.26 41.28
CA ALA C 143 -12.09 -26.53 39.97
C ALA C 143 -10.60 -26.85 40.07
N GLN C 144 -9.88 -26.21 41.01
CA GLN C 144 -8.46 -26.51 41.29
C GLN C 144 -8.28 -27.96 41.79
N ASP C 145 -9.12 -28.33 42.75
CA ASP C 145 -9.09 -29.62 43.41
C ASP C 145 -9.28 -30.77 42.41
N ILE C 146 -10.35 -30.72 41.61
CA ILE C 146 -10.68 -31.82 40.70
C ILE C 146 -9.79 -31.79 39.45
N SER C 147 -9.50 -30.58 38.97
CA SER C 147 -8.93 -30.44 37.64
C SER C 147 -7.38 -30.39 37.66
N SER C 148 -6.80 -29.99 38.78
CA SER C 148 -5.33 -29.89 38.89
C SER C 148 -4.73 -30.75 39.98
N TYR C 149 -5.13 -30.56 41.25
CA TYR C 149 -4.55 -31.34 42.34
C TYR C 149 -4.76 -32.84 42.12
N SER C 150 -5.84 -33.25 41.46
CA SER C 150 -6.06 -34.69 41.28
C SER C 150 -4.89 -35.34 40.55
N LEU C 151 -4.30 -34.68 39.55
CA LEU C 151 -3.07 -35.15 38.89
C LEU C 151 -1.93 -35.46 39.88
N THR C 152 -1.72 -34.58 40.82
CA THR C 152 -0.63 -34.76 41.77
C THR C 152 -0.77 -36.03 42.63
N ILE C 153 -1.96 -36.23 43.18
CA ILE C 153 -2.18 -37.38 44.06
C ILE C 153 -2.26 -38.67 43.23
N VAL C 154 -2.81 -38.60 42.02
CA VAL C 154 -2.82 -39.78 41.13
C VAL C 154 -1.37 -40.22 40.78
N ALA C 155 -0.51 -39.27 40.42
CA ALA C 155 0.89 -39.58 40.14
C ALA C 155 1.56 -40.20 41.35
N HIS C 156 1.33 -39.66 42.54
CA HIS C 156 1.95 -40.22 43.75
C HIS C 156 1.57 -41.68 43.95
N GLU C 157 0.29 -42.01 43.71
CA GLU C 157 -0.22 -43.36 43.94
C GLU C 157 0.12 -44.28 42.80
N ALA C 158 0.07 -43.76 41.57
CA ALA C 158 0.44 -44.54 40.37
C ALA C 158 1.93 -44.88 40.33
N LYS C 159 2.78 -43.98 40.82
CA LYS C 159 4.22 -44.26 40.85
C LYS C 159 4.54 -45.59 41.57
N LYS C 160 3.79 -45.88 42.63
CA LYS C 160 3.90 -47.16 43.31
C LYS C 160 3.76 -48.40 42.42
N LEU C 161 3.10 -48.27 41.27
CA LEU C 161 2.89 -49.40 40.37
C LEU C 161 3.79 -49.30 39.15
N MET C 162 4.77 -48.40 39.20
CA MET C 162 5.62 -48.24 38.04
C MET C 162 7.10 -48.23 38.44
N PRO C 163 7.59 -49.34 39.05
CA PRO C 163 8.95 -49.40 39.59
C PRO C 163 10.05 -49.25 38.54
N GLU C 164 9.81 -49.72 37.31
CA GLU C 164 10.75 -49.53 36.20
C GLU C 164 10.53 -48.27 35.34
N GLY C 165 9.65 -47.35 35.74
CA GLY C 165 9.34 -46.16 34.93
C GLY C 165 7.94 -46.26 34.34
N GLY C 166 7.57 -45.24 33.58
CA GLY C 166 6.24 -45.18 33.02
C GLY C 166 5.93 -43.82 32.43
N SER C 167 4.66 -43.61 32.08
CA SER C 167 4.26 -42.36 31.41
C SER C 167 2.89 -41.87 31.90
N ILE C 168 2.79 -40.59 32.25
CA ILE C 168 1.55 -40.01 32.78
C ILE C 168 1.15 -38.83 31.88
N VAL C 169 -0.05 -38.87 31.28
CA VAL C 169 -0.53 -37.82 30.37
C VAL C 169 -1.84 -37.21 30.91
N ALA C 170 -1.94 -35.88 30.95
CA ALA C 170 -3.16 -35.18 31.36
C ALA C 170 -3.75 -34.37 30.17
N THR C 171 -5.03 -33.97 30.26
CA THR C 171 -5.68 -33.30 29.15
C THR C 171 -5.91 -31.83 29.48
N THR C 172 -5.33 -30.94 28.67
CA THR C 172 -5.53 -29.51 28.90
C THR C 172 -6.18 -28.81 27.69
N TYR C 173 -6.38 -27.52 27.85
CA TYR C 173 -6.88 -26.63 26.79
C TYR C 173 -6.06 -25.32 26.74
N LEU C 174 -6.04 -24.71 25.55
CA LEU C 174 -5.43 -23.40 25.27
C LEU C 174 -5.88 -22.28 26.20
N GLY C 175 -7.12 -22.37 26.72
CA GLY C 175 -7.53 -21.46 27.83
C GLY C 175 -6.64 -21.47 29.07
N GLY C 176 -5.75 -22.46 29.24
CA GLY C 176 -4.76 -22.39 30.33
C GLY C 176 -3.57 -21.48 30.02
N GLU C 177 -3.37 -21.14 28.74
CA GLU C 177 -2.21 -20.36 28.27
C GLU C 177 -2.62 -18.94 27.87
N PHE C 178 -3.90 -18.69 27.57
CA PHE C 178 -4.41 -17.40 27.12
C PHE C 178 -5.81 -17.20 27.68
N ALA C 179 -6.24 -15.97 27.93
CA ALA C 179 -7.60 -15.71 28.38
C ALA C 179 -8.57 -15.87 27.23
N VAL C 180 -9.46 -16.87 27.32
CA VAL C 180 -10.41 -17.22 26.25
C VAL C 180 -11.79 -16.83 26.80
N GLN C 181 -12.63 -16.15 26.04
CA GLN C 181 -13.98 -15.83 26.52
C GLN C 181 -14.72 -17.05 27.13
N ASN C 182 -15.44 -16.83 28.23
CA ASN C 182 -16.28 -17.85 28.89
C ASN C 182 -15.60 -18.99 29.65
N TYR C 183 -14.34 -19.30 29.34
CA TYR C 183 -13.66 -20.43 29.97
C TYR C 183 -13.33 -20.13 31.44
N ASN C 184 -13.06 -18.87 31.73
CA ASN C 184 -13.16 -18.34 33.10
C ASN C 184 -12.43 -19.26 34.11
N VAL C 185 -13.13 -19.75 35.15
CA VAL C 185 -12.43 -20.46 36.23
C VAL C 185 -11.66 -21.70 35.74
N MET C 186 -12.13 -22.31 34.66
CA MET C 186 -11.40 -23.47 34.16
C MET C 186 -10.07 -23.11 33.48
N GLY C 187 -9.95 -21.90 32.93
CA GLY C 187 -8.66 -21.45 32.40
C GLY C 187 -7.60 -21.41 33.50
N VAL C 188 -7.96 -20.87 34.67
CA VAL C 188 -6.99 -20.75 35.78
C VAL C 188 -6.70 -22.15 36.28
N ALA C 189 -7.69 -23.03 36.28
CA ALA C 189 -7.42 -24.43 36.68
C ALA C 189 -6.54 -25.16 35.65
N LYS C 190 -6.67 -24.87 34.36
CA LYS C 190 -5.74 -25.47 33.37
C LYS C 190 -4.32 -24.86 33.41
N ALA C 191 -4.20 -23.58 33.78
CA ALA C 191 -2.87 -23.05 33.92
C ALA C 191 -2.19 -23.84 35.05
N SER C 192 -2.94 -24.01 36.14
CA SER C 192 -2.48 -24.73 37.33
C SER C 192 -2.08 -26.18 36.94
N LEU C 193 -2.93 -26.83 36.15
CA LEU C 193 -2.61 -28.19 35.67
C LEU C 193 -1.29 -28.23 34.87
N GLU C 194 -1.11 -27.28 33.95
CA GLU C 194 0.08 -27.32 33.08
C GLU C 194 1.39 -27.13 33.87
N ALA C 195 1.35 -26.34 34.94
CA ALA C 195 2.50 -26.19 35.85
C ALA C 195 2.69 -27.45 36.68
N ASN C 196 1.57 -28.09 37.06
CA ASN C 196 1.56 -29.38 37.78
C ASN C 196 2.36 -30.41 36.97
N VAL C 197 2.05 -30.49 35.69
CA VAL C 197 2.74 -31.40 34.76
C VAL C 197 4.28 -31.17 34.75
N LYS C 198 4.68 -29.90 34.66
CA LYS C 198 6.11 -29.54 34.73
C LYS C 198 6.75 -29.96 36.07
N TYR C 199 6.11 -29.61 37.19
CA TYR C 199 6.73 -29.87 38.48
C TYR C 199 6.83 -31.39 38.69
N LEU C 200 5.79 -32.12 38.29
CA LEU C 200 5.78 -33.58 38.36
C LEU C 200 6.85 -34.20 37.46
N ALA C 201 6.99 -33.67 36.25
CA ALA C 201 8.06 -34.10 35.35
C ALA C 201 9.44 -34.02 36.02
N LEU C 202 9.72 -32.87 36.63
CA LEU C 202 11.00 -32.67 37.34
C LEU C 202 11.18 -33.67 38.50
N ASP C 203 10.16 -33.77 39.36
CA ASP C 203 10.18 -34.65 40.53
C ASP C 203 10.35 -36.14 40.16
N LEU C 204 9.62 -36.61 39.16
CA LEU C 204 9.50 -38.05 38.91
C LEU C 204 10.45 -38.53 37.80
N GLY C 205 11.10 -37.57 37.13
CA GLY C 205 12.06 -37.90 36.08
C GLY C 205 13.17 -38.87 36.49
N PRO C 206 13.80 -38.62 37.65
CA PRO C 206 14.82 -39.56 38.12
C PRO C 206 14.28 -40.96 38.37
N ASP C 207 12.95 -41.11 38.47
CA ASP C 207 12.33 -42.42 38.63
C ASP C 207 11.95 -43.00 37.26
N ASN C 208 12.37 -42.33 36.20
CA ASN C 208 12.00 -42.71 34.84
C ASN C 208 10.48 -42.65 34.59
N ILE C 209 9.83 -41.76 35.31
CA ILE C 209 8.41 -41.49 34.99
C ILE C 209 8.32 -40.20 34.19
N ARG C 210 7.85 -40.29 32.95
CA ARG C 210 7.57 -39.07 32.15
C ARG C 210 6.16 -38.51 32.40
N VAL C 211 6.05 -37.17 32.39
CA VAL C 211 4.76 -36.49 32.65
C VAL C 211 4.53 -35.42 31.57
N ASN C 212 3.41 -35.49 30.85
CA ASN C 212 3.18 -34.62 29.69
C ASN C 212 1.72 -34.24 29.67
N ALA C 213 1.37 -33.25 28.87
CA ALA C 213 -0.02 -32.85 28.62
C ALA C 213 -0.33 -32.92 27.14
N ILE C 214 -1.60 -33.16 26.82
CA ILE C 214 -2.15 -32.85 25.49
C ILE C 214 -3.16 -31.69 25.58
N SER C 215 -2.95 -30.67 24.75
CA SER C 215 -3.84 -29.53 24.71
C SER C 215 -4.77 -29.81 23.55
N ALA C 216 -5.94 -30.35 23.86
CA ALA C 216 -6.91 -30.70 22.84
C ALA C 216 -7.65 -29.45 22.37
N GLY C 217 -7.87 -29.37 21.06
CA GLY C 217 -8.84 -28.43 20.50
C GLY C 217 -10.29 -28.77 20.89
N PRO C 218 -11.23 -27.85 20.57
CA PRO C 218 -12.61 -28.12 21.06
C PRO C 218 -13.29 -29.30 20.40
N ILE C 219 -13.94 -30.14 21.22
CA ILE C 219 -14.61 -31.35 20.80
C ILE C 219 -15.99 -31.43 21.52
N ARG C 220 -17.03 -31.84 20.83
CA ARG C 220 -18.37 -31.90 21.43
C ARG C 220 -18.44 -33.06 22.42
N THR C 221 -18.54 -32.72 23.70
CA THR C 221 -18.60 -33.72 24.77
C THR C 221 -19.59 -33.25 25.81
N LEU C 222 -19.89 -34.10 26.78
CA LEU C 222 -20.87 -33.73 27.79
C LEU C 222 -20.35 -32.50 28.57
N SER C 223 -19.04 -32.47 28.83
CA SER C 223 -18.52 -31.36 29.62
C SER C 223 -18.55 -30.03 28.83
N ALA C 224 -18.38 -30.13 27.51
CA ALA C 224 -18.34 -28.91 26.67
C ALA C 224 -19.64 -28.10 26.75
N LYS C 225 -20.70 -28.80 27.14
CA LYS C 225 -22.01 -28.18 27.24
C LYS C 225 -21.99 -27.08 28.28
N GLY C 226 -21.05 -27.15 29.21
CA GLY C 226 -20.99 -26.12 30.24
C GLY C 226 -20.24 -24.87 29.81
N VAL C 227 -19.52 -24.93 28.67
CA VAL C 227 -18.78 -23.76 28.24
C VAL C 227 -19.66 -22.85 27.37
N GLY C 228 -19.92 -21.64 27.82
CA GLY C 228 -20.66 -20.67 26.99
C GLY C 228 -20.04 -20.42 25.63
N GLY C 229 -20.88 -20.18 24.63
CA GLY C 229 -20.42 -19.90 23.27
C GLY C 229 -19.65 -21.00 22.58
N PHE C 230 -19.77 -22.23 23.08
CA PHE C 230 -19.04 -23.36 22.51
C PHE C 230 -19.18 -23.53 20.98
N ASN C 231 -20.38 -23.37 20.44
CA ASN C 231 -20.54 -23.51 19.01
C ASN C 231 -19.71 -22.50 18.21
N THR C 232 -19.58 -21.28 18.73
CA THR C 232 -18.78 -20.27 18.06
C THR C 232 -17.26 -20.54 18.19
N ILE C 233 -16.84 -21.23 19.26
CA ILE C 233 -15.45 -21.70 19.38
C ILE C 233 -15.12 -22.69 18.27
N LEU C 234 -16.01 -23.67 18.05
CA LEU C 234 -15.82 -24.70 17.03
C LEU C 234 -15.68 -24.06 15.67
N LYS C 235 -16.62 -23.17 15.36
CA LYS C 235 -16.66 -22.46 14.08
C LYS C 235 -15.38 -21.65 13.85
N GLU C 236 -14.87 -21.00 14.89
CA GLU C 236 -13.64 -20.25 14.71
C GLU C 236 -12.44 -21.12 14.25
N ILE C 237 -12.34 -22.34 14.77
CA ILE C 237 -11.29 -23.29 14.41
C ILE C 237 -11.39 -23.61 12.93
N GLU C 238 -12.61 -23.91 12.48
CA GLU C 238 -12.79 -24.28 11.06
C GLU C 238 -12.39 -23.11 10.17
N GLU C 239 -12.75 -21.90 10.57
CA GLU C 239 -12.44 -20.72 9.77
C GLU C 239 -10.99 -20.23 9.84
N ARG C 240 -10.29 -20.44 10.96
CA ARG C 240 -9.02 -19.76 11.20
CA ARG C 240 -9.03 -19.75 11.22
C ARG C 240 -7.81 -20.65 11.50
N ALA C 241 -8.04 -21.86 11.96
CA ALA C 241 -6.90 -22.75 12.29
C ALA C 241 -6.22 -23.19 10.99
N PRO C 242 -4.89 -23.44 11.02
CA PRO C 242 -4.20 -23.89 9.82
C PRO C 242 -4.88 -25.02 9.04
N LEU C 243 -5.37 -26.05 9.72
CA LEU C 243 -5.92 -27.18 9.00
C LEU C 243 -7.38 -26.87 8.64
N LYS C 244 -7.95 -25.78 9.18
CA LYS C 244 -9.33 -25.41 8.79
C LYS C 244 -10.36 -26.51 9.02
N ARG C 245 -10.26 -27.21 10.14
CA ARG C 245 -11.19 -28.29 10.43
C ARG C 245 -10.98 -28.48 11.92
N ASN C 246 -12.02 -29.01 12.58
CA ASN C 246 -11.89 -29.40 13.98
C ASN C 246 -11.24 -30.78 14.16
N VAL C 247 -10.75 -31.08 15.37
CA VAL C 247 -10.13 -32.37 15.63
C VAL C 247 -11.13 -33.28 16.33
N ASP C 248 -10.79 -34.57 16.44
CA ASP C 248 -11.66 -35.47 17.14
C ASP C 248 -10.94 -36.27 18.22
N GLN C 249 -11.74 -37.06 18.94
CA GLN C 249 -11.24 -37.80 20.13
C GLN C 249 -10.16 -38.82 19.74
N VAL C 250 -10.37 -39.50 18.61
CA VAL C 250 -9.34 -40.44 18.11
C VAL C 250 -8.01 -39.75 17.77
N GLU C 251 -8.05 -38.51 17.28
CA GLU C 251 -6.79 -37.81 17.05
C GLU C 251 -6.07 -37.56 18.37
N VAL C 252 -6.84 -37.21 19.41
CA VAL C 252 -6.22 -37.06 20.73
C VAL C 252 -5.59 -38.39 21.17
N GLY C 253 -6.34 -39.47 20.98
CA GLY C 253 -5.90 -40.83 21.29
C GLY C 253 -4.57 -41.23 20.63
N LYS C 254 -4.42 -40.93 19.34
CA LYS C 254 -3.17 -41.21 18.61
C LYS C 254 -1.96 -40.48 19.24
N THR C 255 -2.16 -39.25 19.67
CA THR C 255 -1.09 -38.52 20.35
C THR C 255 -0.85 -39.12 21.76
N ALA C 256 -1.90 -39.53 22.45
CA ALA C 256 -1.74 -40.22 23.72
C ALA C 256 -0.91 -41.51 23.52
N ALA C 257 -1.17 -42.25 22.45
CA ALA C 257 -0.42 -43.50 22.21
C ALA C 257 1.08 -43.19 22.06
N TYR C 258 1.37 -42.12 21.35
CA TYR C 258 2.75 -41.63 21.27
C TYR C 258 3.35 -41.33 22.66
N LEU C 259 2.65 -40.46 23.41
CA LEU C 259 3.17 -40.02 24.70
C LEU C 259 3.25 -41.20 25.71
N LEU C 260 2.34 -42.18 25.58
CA LEU C 260 2.32 -43.28 26.56
C LEU C 260 3.33 -44.39 26.24
N SER C 261 3.97 -44.33 25.09
CA SER C 261 4.82 -45.39 24.59
C SER C 261 6.28 -44.99 24.56
N ASP C 262 7.13 -45.97 24.25
CA ASP C 262 8.55 -45.71 24.10
C ASP C 262 8.87 -44.76 22.92
N LEU C 263 7.94 -44.45 22.02
CA LEU C 263 8.27 -43.53 20.95
C LEU C 263 8.66 -42.15 21.48
N SER C 264 8.13 -41.80 22.65
CA SER C 264 8.34 -40.45 23.13
C SER C 264 9.35 -40.48 24.28
N SER C 265 10.28 -41.43 24.25
N SER C 265 10.34 -41.37 24.25
CA SER C 265 11.38 -41.40 25.21
CA SER C 265 11.16 -41.60 25.46
C SER C 265 12.16 -40.09 24.99
C SER C 265 12.02 -40.41 25.95
N GLY C 266 12.64 -39.50 26.07
N GLY C 266 12.35 -39.47 25.06
CA GLY C 266 13.26 -38.16 25.97
CA GLY C 266 13.12 -38.29 25.46
C GLY C 266 12.28 -37.00 25.97
C GLY C 266 12.30 -37.09 25.92
N VAL C 267 10.97 -37.25 26.00
CA VAL C 267 9.99 -36.15 26.03
C VAL C 267 9.28 -36.08 27.41
N THR C 268 9.52 -35.02 28.16
CA THR C 268 8.80 -34.91 29.41
C THR C 268 8.60 -33.44 29.75
N GLY C 269 7.54 -33.13 30.50
CA GLY C 269 7.19 -31.72 30.82
C GLY C 269 6.68 -30.95 29.61
N GLU C 270 6.24 -31.67 28.58
CA GLU C 270 5.87 -31.07 27.29
C GLU C 270 4.33 -30.97 27.20
N ASN C 271 3.84 -30.08 26.35
CA ASN C 271 2.39 -29.87 26.12
C ASN C 271 2.23 -29.92 24.60
N ILE C 272 1.65 -31.00 24.08
CA ILE C 272 1.48 -31.15 22.66
C ILE C 272 0.06 -30.65 22.29
N HIS C 273 -0.03 -29.67 21.40
CA HIS C 273 -1.35 -29.19 20.99
C HIS C 273 -1.92 -30.05 19.89
N VAL C 274 -3.08 -30.64 20.13
CA VAL C 274 -3.70 -31.44 19.09
C VAL C 274 -4.96 -30.66 18.66
N ASP C 275 -4.79 -29.61 17.85
CA ASP C 275 -5.80 -28.54 17.76
C ASP C 275 -5.83 -27.92 16.38
N SER C 276 -5.42 -28.71 15.38
CA SER C 276 -5.35 -28.17 14.02
C SER C 276 -4.46 -26.95 13.79
N GLY C 277 -3.54 -26.70 14.72
CA GLY C 277 -2.55 -25.63 14.58
C GLY C 277 -3.03 -24.33 15.18
N PHE C 278 -4.19 -24.31 15.84
CA PHE C 278 -4.79 -23.02 16.28
C PHE C 278 -3.91 -22.33 17.27
N HIS C 279 -3.20 -23.08 18.13
CA HIS C 279 -2.26 -22.47 19.10
C HIS C 279 -1.20 -21.54 18.46
N ALA C 280 -0.86 -21.80 17.21
CA ALA C 280 0.34 -21.19 16.63
C ALA C 280 -0.02 -19.89 15.91
N ILE C 281 -1.29 -19.53 15.86
CA ILE C 281 -1.73 -18.39 15.05
C ILE C 281 -2.36 -17.31 15.94
N LYS C 282 -2.44 -16.12 15.43
CA LYS C 282 -3.15 -15.03 16.09
C LYS C 282 -3.83 -14.16 15.01
N ASN D 29 4.71 11.44 37.88
CA ASN D 29 4.19 12.10 39.11
C ASN D 29 2.81 11.62 39.56
N LEU D 30 2.75 11.11 40.78
CA LEU D 30 1.53 10.48 41.26
C LEU D 30 0.79 11.36 42.29
N GLU D 31 0.98 12.67 42.21
CA GLU D 31 0.29 13.55 43.15
C GLU D 31 -1.20 13.45 42.88
N ASN D 32 -2.00 13.42 43.95
CA ASN D 32 -3.44 13.24 43.81
C ASN D 32 -3.85 11.87 43.28
N LYS D 33 -2.92 10.93 43.30
CA LYS D 33 -3.22 9.50 43.13
C LYS D 33 -3.29 8.81 44.49
N THR D 34 -4.07 7.74 44.55
CA THR D 34 -4.25 6.95 45.76
C THR D 34 -4.20 5.45 45.42
N TYR D 35 -3.33 4.75 46.13
CA TYR D 35 -3.04 3.35 45.88
C TYR D 35 -3.11 2.56 47.17
N VAL D 36 -3.68 1.36 47.08
CA VAL D 36 -3.75 0.43 48.22
C VAL D 36 -2.64 -0.60 48.03
N ILE D 37 -1.82 -0.79 49.06
CA ILE D 37 -0.70 -1.72 49.00
C ILE D 37 -0.94 -2.83 50.01
N MET D 38 -1.04 -4.06 49.50
CA MET D 38 -1.37 -5.23 50.30
C MET D 38 -0.11 -6.10 50.40
N GLY D 39 0.30 -6.45 51.60
CA GLY D 39 1.38 -7.40 51.80
C GLY D 39 2.70 -6.88 52.35
N ILE D 40 2.71 -5.77 53.07
CA ILE D 40 3.92 -5.40 53.82
C ILE D 40 3.95 -6.13 55.18
N ALA D 41 5.07 -6.79 55.47
CA ALA D 41 5.28 -7.50 56.73
C ALA D 41 6.45 -6.87 57.51
N ASN D 42 7.46 -6.40 56.77
CA ASN D 42 8.62 -5.73 57.40
C ASN D 42 9.48 -4.90 56.42
N LYS D 43 10.64 -4.44 56.89
CA LYS D 43 11.48 -3.58 56.05
C LYS D 43 11.90 -4.26 54.74
N ARG D 44 11.94 -5.59 54.71
CA ARG D 44 12.39 -6.32 53.52
C ARG D 44 11.27 -6.73 52.57
N SER D 45 10.03 -6.37 52.89
CA SER D 45 8.93 -6.75 52.00
C SER D 45 9.11 -6.09 50.65
N ILE D 46 8.95 -6.87 49.60
CA ILE D 46 8.78 -6.28 48.28
C ILE D 46 7.80 -5.10 48.26
N ALA D 47 6.67 -5.23 48.95
CA ALA D 47 5.66 -4.18 48.91
C ALA D 47 6.13 -2.91 49.61
N PHE D 48 7.14 -3.04 50.45
CA PHE D 48 7.75 -1.84 51.06
C PHE D 48 8.68 -1.11 50.08
N GLY D 49 9.29 -1.84 49.17
CA GLY D 49 10.03 -1.17 48.11
C GLY D 49 9.08 -0.40 47.20
N VAL D 50 7.95 -1.03 46.86
CA VAL D 50 6.87 -0.37 46.13
C VAL D 50 6.40 0.93 46.79
N ALA D 51 6.06 0.82 48.07
CA ALA D 51 5.56 1.96 48.84
C ALA D 51 6.57 3.13 48.87
N LYS D 52 7.86 2.83 49.05
CA LYS D 52 8.87 3.87 49.06
C LYS D 52 8.91 4.65 47.77
N VAL D 53 8.76 3.94 46.65
CA VAL D 53 8.81 4.57 45.35
C VAL D 53 7.54 5.40 45.13
N LEU D 54 6.36 4.82 45.37
CA LEU D 54 5.12 5.52 45.08
C LEU D 54 5.09 6.76 45.96
N ASP D 55 5.66 6.62 47.16
CA ASP D 55 5.55 7.69 48.15
C ASP D 55 6.42 8.85 47.68
N GLN D 56 7.65 8.50 47.29
CA GLN D 56 8.63 9.48 46.77
C GLN D 56 8.03 10.27 45.59
N LEU D 57 7.16 9.63 44.82
CA LEU D 57 6.46 10.25 43.69
C LEU D 57 5.17 11.01 44.04
N GLY D 58 4.82 11.06 45.31
CA GLY D 58 3.74 11.92 45.80
C GLY D 58 2.34 11.28 45.89
N ALA D 59 2.25 9.96 45.67
CA ALA D 59 0.98 9.24 45.91
C ALA D 59 0.51 9.28 47.39
N LYS D 60 -0.80 9.23 47.61
CA LYS D 60 -1.32 8.92 48.95
C LYS D 60 -1.41 7.39 49.03
N LEU D 61 -1.00 6.78 50.15
CA LEU D 61 -0.98 5.32 50.20
C LEU D 61 -1.88 4.76 51.31
N VAL D 62 -2.49 3.61 51.02
CA VAL D 62 -3.25 2.87 52.01
C VAL D 62 -2.61 1.49 52.16
N PHE D 63 -2.55 0.98 53.38
CA PHE D 63 -1.88 -0.30 53.58
C PHE D 63 -2.82 -1.30 54.24
N THR D 64 -2.81 -2.53 53.73
CA THR D 64 -3.51 -3.63 54.39
C THR D 64 -2.52 -4.67 54.92
N TYR D 65 -2.83 -5.26 56.08
CA TYR D 65 -1.98 -6.24 56.76
C TYR D 65 -2.84 -7.39 57.28
N ARG D 66 -2.24 -8.55 57.54
CA ARG D 66 -2.98 -9.67 58.12
C ARG D 66 -2.88 -9.74 59.65
N LYS D 67 -1.66 -9.71 60.17
CA LYS D 67 -1.50 -9.86 61.61
C LYS D 67 -0.95 -8.58 62.25
N GLU D 68 -1.50 -8.26 63.42
CA GLU D 68 -1.10 -7.06 64.16
CA GLU D 68 -1.09 -7.09 64.21
C GLU D 68 0.39 -6.75 64.08
N ARG D 69 1.24 -7.77 64.12
CA ARG D 69 2.69 -7.61 64.08
C ARG D 69 3.06 -6.79 62.84
N SER D 70 2.45 -7.13 61.70
CA SER D 70 2.75 -6.35 60.51
C SER D 70 2.17 -4.93 60.58
N ARG D 71 1.06 -4.75 61.31
CA ARG D 71 0.58 -3.40 61.69
C ARG D 71 1.64 -2.54 62.41
N LYS D 72 2.09 -2.98 63.58
CA LYS D 72 3.18 -2.28 64.28
C LYS D 72 4.41 -2.05 63.37
N GLU D 73 4.90 -3.11 62.72
CA GLU D 73 6.04 -2.99 61.84
C GLU D 73 5.75 -1.84 60.87
N LEU D 74 4.58 -1.91 60.24
CA LEU D 74 4.06 -0.84 59.39
C LEU D 74 4.08 0.53 60.06
N GLU D 75 3.60 0.59 61.30
CA GLU D 75 3.45 1.87 61.96
C GLU D 75 4.80 2.56 62.05
N LYS D 76 5.85 1.78 62.32
CA LYS D 76 7.21 2.29 62.41
C LYS D 76 7.87 2.51 61.05
N LEU D 77 7.61 1.63 60.08
CA LEU D 77 8.12 1.84 58.72
C LEU D 77 7.55 3.10 58.10
N LEU D 78 6.26 3.36 58.34
CA LEU D 78 5.62 4.65 57.99
C LEU D 78 6.32 5.94 58.43
N GLU D 79 7.13 5.86 59.48
CA GLU D 79 7.86 7.03 59.95
C GLU D 79 8.82 7.57 58.89
N GLN D 80 9.23 6.68 57.98
CA GLN D 80 10.20 6.93 56.92
C GLN D 80 9.60 7.35 55.59
N LEU D 81 8.28 7.42 55.53
CA LEU D 81 7.59 7.87 54.33
C LEU D 81 7.07 9.28 54.62
N ASN D 82 6.79 10.03 53.57
CA ASN D 82 6.19 11.35 53.71
C ASN D 82 4.67 11.30 53.71
N GLN D 83 4.09 10.17 54.09
CA GLN D 83 2.64 10.07 54.27
C GLN D 83 2.23 10.83 55.53
N PRO D 84 1.38 11.87 55.39
CA PRO D 84 1.09 12.72 56.56
C PRO D 84 0.09 12.04 57.48
N GLU D 85 -0.48 10.93 57.05
CA GLU D 85 -1.31 10.13 57.97
C GLU D 85 -1.44 8.65 57.60
N ALA D 86 -1.76 7.85 58.62
CA ALA D 86 -1.67 6.40 58.54
C ALA D 86 -3.03 5.77 58.26
N HIS D 87 -3.20 5.33 57.02
CA HIS D 87 -4.37 4.55 56.62
C HIS D 87 -4.00 3.06 56.63
N LEU D 88 -4.43 2.36 57.67
CA LEU D 88 -4.02 0.98 57.88
C LEU D 88 -5.25 0.11 58.16
N TYR D 89 -5.42 -0.96 57.38
CA TYR D 89 -6.61 -1.79 57.43
C TYR D 89 -6.20 -3.25 57.55
N GLN D 90 -6.68 -3.92 58.58
CA GLN D 90 -6.44 -5.36 58.67
C GLN D 90 -7.32 -6.16 57.69
N ILE D 91 -6.70 -6.88 56.76
CA ILE D 91 -7.43 -7.75 55.84
C ILE D 91 -6.72 -9.09 55.70
N ASP D 92 -7.39 -10.15 56.15
CA ASP D 92 -6.99 -11.52 55.83
C ASP D 92 -7.72 -11.98 54.56
N VAL D 93 -7.00 -12.15 53.47
CA VAL D 93 -7.63 -12.49 52.19
C VAL D 93 -8.25 -13.89 52.12
N GLN D 94 -8.07 -14.66 53.19
CA GLN D 94 -8.83 -15.91 53.34
C GLN D 94 -10.31 -15.68 53.65
N SER D 95 -10.64 -14.44 54.00
CA SER D 95 -12.01 -14.08 54.38
C SER D 95 -12.64 -13.11 53.38
N ASP D 96 -13.69 -13.56 52.70
CA ASP D 96 -14.50 -12.70 51.83
C ASP D 96 -14.97 -11.46 52.59
N GLU D 97 -15.58 -11.67 53.76
CA GLU D 97 -16.11 -10.56 54.57
C GLU D 97 -15.07 -9.49 54.88
N GLU D 98 -13.86 -9.89 55.29
CA GLU D 98 -12.77 -8.92 55.51
C GLU D 98 -12.32 -8.14 54.26
N VAL D 99 -12.26 -8.83 53.13
CA VAL D 99 -11.85 -8.16 51.88
C VAL D 99 -12.97 -7.18 51.55
N ILE D 100 -14.21 -7.64 51.63
CA ILE D 100 -15.36 -6.83 51.20
C ILE D 100 -15.50 -5.59 52.08
N ASN D 101 -15.55 -5.81 53.39
CA ASN D 101 -15.69 -4.78 54.40
C ASN D 101 -14.49 -3.86 54.47
N GLY D 102 -13.29 -4.43 54.29
CA GLY D 102 -12.07 -3.65 54.28
C GLY D 102 -12.01 -2.66 53.13
N PHE D 103 -12.34 -3.10 51.92
CA PHE D 103 -12.36 -2.19 50.77
C PHE D 103 -13.50 -1.19 50.88
N GLU D 104 -14.64 -1.61 51.44
CA GLU D 104 -15.73 -0.66 51.69
C GLU D 104 -15.29 0.47 52.63
N GLN D 105 -14.63 0.11 53.73
CA GLN D 105 -14.11 1.13 54.66
C GLN D 105 -13.08 2.05 54.01
N ILE D 106 -12.09 1.49 53.31
CA ILE D 106 -11.14 2.30 52.56
C ILE D 106 -11.83 3.41 51.74
N GLY D 107 -12.91 3.04 51.06
CA GLY D 107 -13.70 3.95 50.24
C GLY D 107 -14.36 5.07 51.02
N LYS D 108 -14.96 4.74 52.16
CA LYS D 108 -15.55 5.74 53.04
C LYS D 108 -14.47 6.66 53.60
N ASP D 109 -13.29 6.12 53.87
CA ASP D 109 -12.27 6.88 54.58
C ASP D 109 -11.49 7.79 53.64
N VAL D 110 -11.25 7.30 52.42
CA VAL D 110 -10.40 8.02 51.48
C VAL D 110 -11.04 8.30 50.13
N GLY D 111 -12.16 7.65 49.79
CA GLY D 111 -12.77 7.85 48.49
C GLY D 111 -12.21 6.94 47.42
N ASN D 112 -12.41 7.29 46.15
CA ASN D 112 -12.00 6.44 45.03
C ASN D 112 -10.47 6.35 44.94
N ILE D 113 -10.00 5.17 44.54
CA ILE D 113 -8.58 4.89 44.43
C ILE D 113 -8.16 4.74 42.95
N ASP D 114 -6.87 4.77 42.69
CA ASP D 114 -6.38 4.68 41.32
C ASP D 114 -5.77 3.34 41.04
N GLY D 115 -5.55 2.56 42.09
CA GLY D 115 -4.96 1.24 41.86
C GLY D 115 -4.67 0.42 43.10
N VAL D 116 -4.22 -0.82 42.89
CA VAL D 116 -3.93 -1.80 43.97
C VAL D 116 -2.64 -2.54 43.65
N TYR D 117 -1.71 -2.52 44.60
CA TYR D 117 -0.54 -3.41 44.49
C TYR D 117 -0.72 -4.64 45.38
N HIS D 118 -0.73 -5.82 44.78
CA HIS D 118 -0.92 -7.09 45.52
C HIS D 118 0.37 -7.88 45.67
N SER D 119 0.82 -8.04 46.93
CA SER D 119 2.09 -8.69 47.20
C SER D 119 1.85 -9.79 48.25
N ILE D 120 0.91 -10.69 48.00
CA ILE D 120 0.43 -11.64 49.03
C ILE D 120 0.55 -13.12 48.52
N ALA D 121 1.26 -13.93 49.29
CA ALA D 121 1.39 -15.35 48.97
C ALA D 121 1.68 -16.14 50.26
N PHE D 122 1.33 -17.42 50.25
CA PHE D 122 1.60 -18.34 51.35
C PHE D 122 1.50 -19.81 50.90
N ALA D 123 2.36 -20.63 51.49
CA ALA D 123 2.30 -22.09 51.39
C ALA D 123 2.87 -22.63 52.69
N ASN D 124 2.42 -23.83 53.13
CA ASN D 124 3.04 -24.46 54.32
C ASN D 124 4.49 -24.82 54.01
N MET D 125 5.36 -24.61 54.99
N MET D 125 5.31 -24.76 55.05
CA MET D 125 6.80 -24.72 54.79
CA MET D 125 6.66 -25.33 55.06
C MET D 125 7.28 -26.05 54.24
C MET D 125 6.70 -26.82 54.78
N GLU D 126 6.69 -27.16 54.71
N GLU D 126 5.64 -27.55 55.12
CA GLU D 126 7.01 -28.50 54.24
CA GLU D 126 5.70 -29.00 55.07
C GLU D 126 6.74 -28.72 52.76
C GLU D 126 5.45 -29.59 53.67
N ASP D 127 6.04 -27.77 52.14
N ASP D 127 4.65 -28.90 52.84
CA ASP D 127 5.66 -27.85 50.73
CA ASP D 127 4.64 -29.25 51.42
C ASP D 127 6.63 -27.08 49.81
C ASP D 127 5.78 -28.56 50.65
N LEU D 128 7.71 -26.52 50.37
N LEU D 128 6.24 -27.41 51.10
CA LEU D 128 8.65 -25.66 49.63
CA LEU D 128 7.38 -26.77 50.43
C LEU D 128 10.07 -26.25 49.63
C LEU D 128 8.69 -27.55 50.60
N ARG D 129 10.12 -27.58 49.78
N ARG D 129 8.77 -28.41 51.61
CA ARG D 129 11.32 -28.41 49.76
CA ARG D 129 9.99 -29.15 51.92
C ARG D 129 10.97 -29.87 49.41
C ARG D 129 10.01 -30.61 51.46
N GLY D 130 11.97 -30.68 49.11
N GLY D 130 8.84 -31.24 51.35
CA GLY D 130 11.75 -32.11 48.90
CA GLY D 130 8.77 -32.60 50.83
C GLY D 130 10.87 -32.34 47.69
C GLY D 130 8.35 -32.66 49.37
N ARG D 131 9.94 -33.29 47.80
N ARG D 131 9.12 -33.39 48.56
CA ARG D 131 9.20 -33.83 46.64
CA ARG D 131 8.91 -33.66 47.12
C ARG D 131 7.78 -33.28 46.44
C ARG D 131 7.62 -33.04 46.57
N PHE D 132 7.58 -32.64 45.29
CA PHE D 132 6.32 -32.07 44.87
C PHE D 132 5.18 -33.09 44.81
N SER D 133 5.49 -34.30 44.37
CA SER D 133 4.48 -35.34 44.26
C SER D 133 3.94 -35.75 45.64
N GLU D 134 4.58 -35.29 46.71
CA GLU D 134 4.08 -35.60 48.06
C GLU D 134 3.16 -34.51 48.62
N THR D 135 2.94 -33.43 47.89
CA THR D 135 2.10 -32.33 48.36
C THR D 135 0.69 -32.76 48.85
N SER D 136 0.27 -32.32 50.05
CA SER D 136 -1.08 -32.59 50.54
C SER D 136 -2.17 -31.76 49.83
N ARG D 137 -3.38 -32.28 49.80
CA ARG D 137 -4.51 -31.59 49.18
C ARG D 137 -4.74 -30.25 49.87
N GLU D 138 -4.71 -30.29 51.20
CA GLU D 138 -4.94 -29.11 52.04
C GLU D 138 -3.92 -27.99 51.76
N GLY D 139 -2.64 -28.34 51.64
CA GLY D 139 -1.65 -27.29 51.44
C GLY D 139 -1.64 -26.83 49.97
N PHE D 140 -1.96 -27.72 49.03
CA PHE D 140 -2.13 -27.30 47.63
C PHE D 140 -3.27 -26.26 47.50
N LEU D 141 -4.40 -26.50 48.19
CA LEU D 141 -5.55 -25.61 48.08
C LEU D 141 -5.34 -24.30 48.87
N LEU D 142 -4.69 -24.39 50.01
CA LEU D 142 -4.25 -23.21 50.78
C LEU D 142 -3.40 -22.22 49.94
N ALA D 143 -2.38 -22.74 49.28
CA ALA D 143 -1.56 -21.93 48.42
C ALA D 143 -2.41 -21.27 47.30
N GLN D 144 -3.32 -22.03 46.69
CA GLN D 144 -4.17 -21.47 45.61
C GLN D 144 -5.03 -20.33 46.17
N ASP D 145 -5.57 -20.57 47.37
CA ASP D 145 -6.51 -19.67 48.03
C ASP D 145 -5.89 -18.29 48.31
N ILE D 146 -4.78 -18.30 49.05
CA ILE D 146 -4.06 -17.07 49.41
C ILE D 146 -3.31 -16.43 48.24
N SER D 147 -2.70 -17.24 47.38
CA SER D 147 -1.71 -16.73 46.44
C SER D 147 -2.32 -16.43 45.06
N SER D 148 -3.52 -16.92 44.80
CA SER D 148 -4.16 -16.74 43.53
C SER D 148 -5.59 -16.22 43.63
N TYR D 149 -6.50 -16.96 44.28
CA TYR D 149 -7.90 -16.55 44.36
C TYR D 149 -8.01 -15.15 44.97
N SER D 150 -7.14 -14.82 45.92
CA SER D 150 -7.20 -13.51 46.58
C SER D 150 -7.08 -12.32 45.60
N LEU D 151 -6.39 -12.50 44.47
CA LEU D 151 -6.40 -11.46 43.43
C LEU D 151 -7.83 -11.24 42.88
N THR D 152 -8.53 -12.33 42.58
CA THR D 152 -9.86 -12.25 42.00
C THR D 152 -10.77 -11.43 42.90
N ILE D 153 -10.85 -11.79 44.18
CA ILE D 153 -11.83 -11.17 45.05
C ILE D 153 -11.39 -9.70 45.33
N VAL D 154 -10.11 -9.48 45.56
CA VAL D 154 -9.61 -8.09 45.67
C VAL D 154 -9.94 -7.23 44.42
N ALA D 155 -9.72 -7.78 43.22
CA ALA D 155 -10.09 -7.02 42.04
C ALA D 155 -11.57 -6.64 42.07
N HIS D 156 -12.42 -7.62 42.40
CA HIS D 156 -13.87 -7.39 42.40
C HIS D 156 -14.25 -6.25 43.36
N GLU D 157 -13.67 -6.22 44.55
CA GLU D 157 -14.05 -5.18 45.50
C GLU D 157 -13.41 -3.84 45.15
N ALA D 158 -12.15 -3.88 44.69
CA ALA D 158 -11.44 -2.63 44.36
C ALA D 158 -12.04 -1.92 43.13
N LYS D 159 -12.56 -2.69 42.18
CA LYS D 159 -13.33 -2.14 41.06
C LYS D 159 -14.37 -1.11 41.53
N LYS D 160 -14.99 -1.40 42.67
CA LYS D 160 -16.06 -0.52 43.13
C LYS D 160 -15.53 0.88 43.45
N LEU D 161 -14.25 0.95 43.79
CA LEU D 161 -13.59 2.22 44.09
C LEU D 161 -12.83 2.81 42.89
N MET D 162 -13.04 2.23 41.71
CA MET D 162 -12.40 2.72 40.47
C MET D 162 -13.41 2.96 39.34
N PRO D 163 -14.35 3.91 39.52
CA PRO D 163 -15.41 4.03 38.53
C PRO D 163 -14.93 4.58 37.19
N GLU D 164 -13.86 5.37 37.22
CA GLU D 164 -13.26 5.88 36.01
C GLU D 164 -12.10 5.03 35.48
N GLY D 165 -11.81 3.89 36.11
CA GLY D 165 -10.72 3.04 35.64
C GLY D 165 -9.56 3.07 36.61
N GLY D 166 -8.53 2.27 36.36
CA GLY D 166 -7.46 2.12 37.33
C GLY D 166 -6.52 1.01 36.96
N SER D 167 -5.65 0.63 37.90
CA SER D 167 -4.58 -0.34 37.57
C SER D 167 -4.34 -1.27 38.77
N ILE D 168 -4.28 -2.58 38.52
CA ILE D 168 -4.03 -3.61 39.53
C ILE D 168 -2.75 -4.38 39.17
N VAL D 169 -1.84 -4.52 40.12
CA VAL D 169 -0.57 -5.20 39.86
C VAL D 169 -0.34 -6.29 40.91
N ALA D 170 0.02 -7.50 40.48
CA ALA D 170 0.33 -8.62 41.39
C ALA D 170 1.80 -9.05 41.23
N THR D 171 2.37 -9.67 42.26
CA THR D 171 3.79 -10.05 42.25
C THR D 171 3.89 -11.54 41.96
N THR D 172 4.70 -11.90 41.00
CA THR D 172 4.85 -13.33 40.66
C THR D 172 6.33 -13.72 40.62
N TYR D 173 6.61 -14.97 40.28
CA TYR D 173 7.99 -15.42 40.25
C TYR D 173 8.10 -16.30 39.00
N LEU D 174 9.30 -16.39 38.45
CA LEU D 174 9.59 -17.30 37.29
C LEU D 174 9.19 -18.77 37.50
N GLY D 175 9.17 -19.24 38.74
CA GLY D 175 8.63 -20.56 39.11
C GLY D 175 7.18 -20.84 38.68
N GLY D 176 6.42 -19.81 38.33
CA GLY D 176 5.09 -20.04 37.72
C GLY D 176 5.12 -20.40 36.25
N GLU D 177 6.28 -20.20 35.61
CA GLU D 177 6.47 -20.47 34.18
C GLU D 177 7.30 -21.72 33.90
N PHE D 178 8.20 -22.08 34.81
CA PHE D 178 9.10 -23.21 34.62
C PHE D 178 9.20 -23.94 35.96
N ALA D 179 9.41 -25.25 35.95
CA ALA D 179 9.65 -25.99 37.19
C ALA D 179 11.04 -25.62 37.75
N VAL D 180 11.06 -24.98 38.93
CA VAL D 180 12.29 -24.58 39.59
C VAL D 180 12.43 -25.49 40.84
N GLN D 181 13.60 -26.02 41.12
CA GLN D 181 13.73 -26.95 42.24
CA GLN D 181 13.83 -26.88 42.29
C GLN D 181 13.27 -26.27 43.56
N ASN D 182 12.60 -27.07 44.40
CA ASN D 182 12.06 -26.60 45.69
C ASN D 182 10.80 -25.72 45.75
N TYR D 183 10.53 -24.92 44.73
CA TYR D 183 9.47 -23.95 44.82
C TYR D 183 8.10 -24.66 44.82
N ASN D 184 8.03 -25.80 44.14
CA ASN D 184 6.99 -26.82 44.31
C ASN D 184 5.58 -26.26 44.28
N VAL D 185 4.84 -26.41 45.37
CA VAL D 185 3.45 -25.94 45.41
C VAL D 185 3.31 -24.46 45.03
N MET D 186 4.26 -23.60 45.44
CA MET D 186 4.19 -22.18 45.10
C MET D 186 4.29 -21.89 43.58
N GLY D 187 5.08 -22.70 42.87
CA GLY D 187 5.13 -22.63 41.38
C GLY D 187 3.77 -22.87 40.72
N VAL D 188 3.01 -23.84 41.23
CA VAL D 188 1.67 -24.10 40.67
C VAL D 188 0.73 -22.96 41.11
N ALA D 189 0.86 -22.43 42.32
CA ALA D 189 0.02 -21.29 42.68
C ALA D 189 0.34 -20.00 41.87
N LYS D 190 1.61 -19.80 41.52
CA LYS D 190 2.00 -18.64 40.71
C LYS D 190 1.53 -18.80 39.26
N ALA D 191 1.51 -20.03 38.75
CA ALA D 191 1.04 -20.26 37.39
C ALA D 191 -0.44 -19.89 37.35
N SER D 192 -1.16 -20.35 38.38
CA SER D 192 -2.56 -20.00 38.58
C SER D 192 -2.73 -18.47 38.68
N LEU D 193 -1.94 -17.79 39.51
CA LEU D 193 -1.99 -16.33 39.59
C LEU D 193 -1.76 -15.61 38.24
N GLU D 194 -0.78 -16.07 37.45
CA GLU D 194 -0.51 -15.42 36.15
C GLU D 194 -1.69 -15.53 35.17
N ALA D 195 -2.38 -16.69 35.19
CA ALA D 195 -3.59 -16.85 34.36
C ALA D 195 -4.72 -15.99 34.89
N ASN D 196 -4.83 -15.91 36.22
CA ASN D 196 -5.75 -15.01 36.93
C ASN D 196 -5.63 -13.58 36.41
N VAL D 197 -4.41 -13.06 36.38
CA VAL D 197 -4.09 -11.75 35.81
C VAL D 197 -4.61 -11.58 34.37
N LYS D 198 -4.43 -12.60 33.54
CA LYS D 198 -4.92 -12.52 32.17
C LYS D 198 -6.46 -12.54 32.08
N TYR D 199 -7.14 -13.42 32.82
CA TYR D 199 -8.60 -13.46 32.77
C TYR D 199 -9.23 -12.19 33.36
N LEU D 200 -8.65 -11.67 34.42
CA LEU D 200 -9.11 -10.36 34.98
C LEU D 200 -8.88 -9.19 34.02
N ALA D 201 -7.70 -9.15 33.37
CA ALA D 201 -7.47 -8.18 32.29
C ALA D 201 -8.61 -8.16 31.25
N LEU D 202 -8.92 -9.34 30.71
CA LEU D 202 -9.99 -9.48 29.74
C LEU D 202 -11.33 -8.99 30.34
N ASP D 203 -11.69 -9.46 31.52
CA ASP D 203 -12.99 -9.16 32.13
C ASP D 203 -13.08 -7.65 32.40
N LEU D 204 -12.00 -7.08 32.93
CA LEU D 204 -12.09 -5.70 33.50
C LEU D 204 -11.66 -4.60 32.56
N GLY D 205 -11.05 -5.00 31.45
CA GLY D 205 -10.59 -4.05 30.41
C GLY D 205 -11.66 -3.08 29.92
N PRO D 206 -12.88 -3.57 29.64
CA PRO D 206 -14.00 -2.66 29.28
C PRO D 206 -14.34 -1.63 30.32
N ASP D 207 -13.99 -1.89 31.57
CA ASP D 207 -14.16 -0.88 32.62
C ASP D 207 -12.94 0.02 32.81
N ASN D 208 -11.97 -0.07 31.90
CA ASN D 208 -10.74 0.73 31.95
C ASN D 208 -9.88 0.41 33.17
N ILE D 209 -9.93 -0.85 33.61
CA ILE D 209 -9.03 -1.31 34.64
C ILE D 209 -8.02 -2.22 33.99
N ARG D 210 -6.76 -1.90 34.19
CA ARG D 210 -5.67 -2.76 33.68
C ARG D 210 -5.17 -3.68 34.81
N VAL D 211 -4.71 -4.89 34.46
CA VAL D 211 -4.30 -5.88 35.46
C VAL D 211 -3.03 -6.51 34.87
N ASN D 212 -1.94 -6.44 35.61
CA ASN D 212 -0.65 -6.86 35.09
C ASN D 212 0.08 -7.58 36.24
N ALA D 213 1.20 -8.23 35.94
CA ALA D 213 2.06 -8.86 36.94
C ALA D 213 3.50 -8.37 36.78
N ILE D 214 4.20 -8.35 37.92
CA ILE D 214 5.65 -8.20 37.93
C ILE D 214 6.23 -9.51 38.43
N SER D 215 7.15 -10.06 37.65
CA SER D 215 7.86 -11.29 38.01
C SER D 215 9.22 -10.85 38.55
N ALA D 216 9.35 -10.81 39.88
CA ALA D 216 10.54 -10.29 40.53
C ALA D 216 11.58 -11.41 40.54
N GLY D 217 12.84 -11.04 40.37
CA GLY D 217 13.95 -11.97 40.60
C GLY D 217 14.06 -12.21 42.10
N PRO D 218 14.92 -13.13 42.51
CA PRO D 218 15.02 -13.45 43.93
C PRO D 218 15.56 -12.29 44.77
N ILE D 219 14.88 -12.07 45.90
CA ILE D 219 15.21 -11.02 46.83
C ILE D 219 15.00 -11.61 48.24
N ARG D 220 16.00 -11.40 49.10
CA ARG D 220 15.91 -11.82 50.49
C ARG D 220 14.84 -11.07 51.30
N THR D 221 13.78 -11.80 51.63
CA THR D 221 12.62 -11.30 52.40
C THR D 221 12.25 -12.32 53.47
N LEU D 222 11.33 -11.96 54.37
CA LEU D 222 10.73 -12.92 55.29
C LEU D 222 10.22 -14.22 54.62
N SER D 223 9.29 -14.13 53.67
CA SER D 223 8.80 -15.32 52.98
C SER D 223 9.89 -16.11 52.23
N ALA D 224 10.90 -15.41 51.72
CA ALA D 224 12.04 -16.03 51.04
C ALA D 224 12.77 -17.09 51.89
N LYS D 225 12.68 -17.00 53.21
CA LYS D 225 13.32 -17.96 54.12
C LYS D 225 12.68 -19.36 54.05
N GLY D 226 11.38 -19.37 53.75
CA GLY D 226 10.62 -20.59 53.54
C GLY D 226 11.02 -21.43 52.34
N VAL D 227 11.67 -20.83 51.34
CA VAL D 227 11.97 -21.58 50.11
C VAL D 227 13.28 -22.41 50.21
N GLY D 228 13.17 -23.73 50.08
CA GLY D 228 14.38 -24.55 50.08
C GLY D 228 15.40 -24.03 49.08
N GLY D 229 16.66 -23.89 49.51
CA GLY D 229 17.76 -23.60 48.59
C GLY D 229 17.86 -22.16 48.10
N PHE D 230 17.18 -21.24 48.78
CA PHE D 230 17.19 -19.83 48.34
C PHE D 230 18.60 -19.24 48.07
N ASN D 231 19.53 -19.42 49.00
CA ASN D 231 20.88 -18.90 48.78
CA ASN D 231 20.95 -19.07 48.84
C ASN D 231 21.49 -19.32 47.43
N THR D 232 21.29 -20.57 47.00
CA THR D 232 21.84 -21.03 45.73
C THR D 232 21.09 -20.36 44.57
N ILE D 233 19.83 -20.01 44.77
CA ILE D 233 19.10 -19.23 43.77
C ILE D 233 19.76 -17.86 43.47
N LEU D 234 20.12 -17.11 44.51
CA LEU D 234 20.83 -15.82 44.38
C LEU D 234 22.15 -15.90 43.61
N LYS D 235 23.06 -16.74 44.07
CA LYS D 235 24.32 -17.03 43.37
C LYS D 235 24.12 -17.27 41.88
N GLU D 236 23.09 -18.04 41.52
CA GLU D 236 23.00 -18.42 40.12
C GLU D 236 22.68 -17.18 39.27
N ILE D 237 21.91 -16.23 39.83
CA ILE D 237 21.62 -14.99 39.15
C ILE D 237 22.88 -14.17 38.86
N GLU D 238 23.72 -13.93 39.87
CA GLU D 238 24.95 -13.21 39.64
C GLU D 238 25.79 -13.89 38.57
N GLU D 239 25.88 -15.21 38.60
CA GLU D 239 26.74 -15.92 37.66
C GLU D 239 26.24 -15.87 36.21
N ARG D 240 24.92 -16.03 36.03
CA ARG D 240 24.30 -16.38 34.76
C ARG D 240 23.33 -15.33 34.16
N ALA D 241 22.70 -14.47 34.97
CA ALA D 241 21.77 -13.47 34.37
C ALA D 241 22.54 -12.43 33.53
N PRO D 242 21.93 -11.88 32.45
CA PRO D 242 22.55 -10.82 31.62
C PRO D 242 23.19 -9.63 32.38
N LEU D 243 22.54 -9.13 33.43
CA LEU D 243 23.13 -8.00 34.17
C LEU D 243 24.10 -8.49 35.23
N LYS D 244 24.15 -9.80 35.47
CA LYS D 244 25.19 -10.35 36.38
C LYS D 244 25.08 -9.79 37.80
N ARG D 245 23.86 -9.51 38.26
CA ARG D 245 23.70 -8.98 39.62
C ARG D 245 22.25 -9.31 39.95
N ASN D 246 21.94 -9.25 41.24
CA ASN D 246 20.58 -9.43 41.68
C ASN D 246 19.82 -8.11 41.66
N VAL D 247 18.48 -8.21 41.65
CA VAL D 247 17.63 -7.03 41.75
C VAL D 247 17.32 -6.68 43.23
N ASP D 248 16.74 -5.51 43.47
CA ASP D 248 16.26 -5.20 44.82
C ASP D 248 14.81 -4.68 44.83
N GLN D 249 14.29 -4.38 46.01
CA GLN D 249 12.85 -4.16 46.14
C GLN D 249 12.44 -2.87 45.44
N VAL D 250 13.34 -1.89 45.48
CA VAL D 250 13.10 -0.59 44.88
C VAL D 250 13.05 -0.71 43.36
N GLU D 251 13.85 -1.60 42.76
CA GLU D 251 13.69 -1.82 41.34
C GLU D 251 12.33 -2.43 41.00
N VAL D 252 11.80 -3.31 41.86
CA VAL D 252 10.42 -3.79 41.65
C VAL D 252 9.45 -2.61 41.80
N GLY D 253 9.70 -1.76 42.79
CA GLY D 253 8.88 -0.56 42.98
C GLY D 253 8.86 0.39 41.81
N LYS D 254 10.00 0.63 41.15
CA LYS D 254 9.98 1.55 40.01
C LYS D 254 9.15 1.01 38.87
N THR D 255 9.24 -0.29 38.61
CA THR D 255 8.41 -0.94 37.58
C THR D 255 6.90 -0.95 37.98
N ALA D 256 6.60 -1.10 39.27
CA ALA D 256 5.25 -0.89 39.79
C ALA D 256 4.72 0.54 39.50
N ALA D 257 5.48 1.58 39.81
CA ALA D 257 5.09 2.93 39.46
C ALA D 257 4.72 3.07 37.98
N TYR D 258 5.52 2.48 37.10
CA TYR D 258 5.17 2.49 35.67
C TYR D 258 3.80 1.81 35.46
N LEU D 259 3.62 0.60 36.00
CA LEU D 259 2.40 -0.20 35.72
C LEU D 259 1.16 0.47 36.35
N LEU D 260 1.37 1.17 37.46
CA LEU D 260 0.28 1.82 38.18
C LEU D 260 -0.12 3.21 37.66
N SER D 261 0.68 3.75 36.75
CA SER D 261 0.55 5.11 36.24
C SER D 261 0.01 5.10 34.82
N ASP D 262 -0.25 6.29 34.27
CA ASP D 262 -0.65 6.45 32.86
C ASP D 262 0.50 6.14 31.90
N LEU D 263 1.74 6.03 32.38
CA LEU D 263 2.84 5.67 31.47
C LEU D 263 2.60 4.33 30.77
N SER D 264 1.84 3.44 31.40
CA SER D 264 1.57 2.11 30.84
C SER D 264 0.15 2.01 30.27
N SER D 265 -0.42 3.14 29.85
N SER D 265 -0.47 3.10 29.84
CA SER D 265 -1.68 3.04 29.13
CA SER D 265 -1.94 3.05 29.60
C SER D 265 -1.43 2.13 27.93
C SER D 265 -2.39 2.05 28.52
N GLY D 266 -2.41 1.30 27.62
N GLY D 266 -1.45 1.59 27.69
CA GLY D 266 -2.19 0.35 26.55
CA GLY D 266 -1.73 0.63 26.60
C GLY D 266 -1.56 -0.97 26.97
C GLY D 266 -1.55 -0.85 26.98
N VAL D 267 -1.13 -1.10 28.22
CA VAL D 267 -0.52 -2.35 28.66
C VAL D 267 -1.41 -3.09 29.66
N THR D 268 -1.88 -4.29 29.32
CA THR D 268 -2.73 -5.09 30.22
C THR D 268 -2.57 -6.55 29.93
N GLY D 269 -2.71 -7.37 30.98
CA GLY D 269 -2.55 -8.80 30.83
C GLY D 269 -1.09 -9.17 30.64
N GLU D 270 -0.18 -8.27 31.04
CA GLU D 270 1.26 -8.45 30.79
C GLU D 270 1.99 -8.91 32.07
N ASN D 271 3.18 -9.49 31.89
CA ASN D 271 4.03 -9.96 33.00
C ASN D 271 5.42 -9.40 32.75
N ILE D 272 5.83 -8.40 33.54
CA ILE D 272 7.11 -7.78 33.25
C ILE D 272 8.14 -8.40 34.18
N HIS D 273 9.18 -8.99 33.62
CA HIS D 273 10.21 -9.56 34.49
C HIS D 273 11.21 -8.50 34.98
N VAL D 274 11.34 -8.36 36.29
CA VAL D 274 12.30 -7.46 36.91
C VAL D 274 13.32 -8.37 37.60
N ASP D 275 14.21 -8.97 36.79
CA ASP D 275 15.01 -10.13 37.20
C ASP D 275 16.43 -10.15 36.60
N SER D 276 16.95 -8.99 36.19
CA SER D 276 18.27 -8.89 35.57
C SER D 276 18.43 -9.62 34.25
N GLY D 277 17.30 -9.98 33.65
CA GLY D 277 17.23 -10.71 32.36
C GLY D 277 17.22 -12.23 32.44
N PHE D 278 17.11 -12.75 33.66
CA PHE D 278 17.30 -14.19 33.88
C PHE D 278 16.27 -14.97 33.11
N HIS D 279 15.07 -14.44 33.01
CA HIS D 279 13.98 -15.11 32.30
C HIS D 279 14.33 -15.43 30.81
N ALA D 280 15.28 -14.68 30.24
CA ALA D 280 15.50 -14.64 28.79
C ALA D 280 16.62 -15.61 28.39
N ILE D 281 17.22 -16.29 29.36
CA ILE D 281 18.37 -17.13 29.09
C ILE D 281 18.11 -18.56 29.52
N LYS D 282 18.92 -19.44 28.98
CA LYS D 282 18.91 -20.84 29.42
C LYS D 282 20.33 -21.35 29.29
N VAL E 28 -6.49 -9.70 -36.83
CA VAL E 28 -5.40 -9.72 -35.80
C VAL E 28 -4.80 -11.10 -35.44
N ASN E 29 -4.34 -11.85 -36.45
CA ASN E 29 -3.58 -13.07 -36.21
C ASN E 29 -2.09 -12.78 -35.99
N LEU E 30 -1.51 -13.15 -34.85
CA LEU E 30 -0.10 -12.83 -34.58
C LEU E 30 0.91 -13.99 -34.61
N GLU E 31 0.60 -15.06 -35.31
CA GLU E 31 1.57 -16.13 -35.50
C GLU E 31 2.84 -15.64 -36.19
N ASN E 32 3.97 -16.20 -35.80
CA ASN E 32 5.25 -15.76 -36.36
C ASN E 32 5.65 -14.35 -35.94
N LYS E 33 4.88 -13.70 -35.08
CA LYS E 33 5.36 -12.48 -34.41
C LYS E 33 6.10 -12.72 -33.09
N THR E 34 6.96 -11.78 -32.65
CA THR E 34 7.56 -11.88 -31.32
C THR E 34 7.52 -10.53 -30.65
N TYR E 35 7.06 -10.51 -29.39
CA TYR E 35 6.95 -9.29 -28.59
C TYR E 35 7.69 -9.47 -27.27
N VAL E 36 8.32 -8.39 -26.81
CA VAL E 36 8.92 -8.38 -25.48
C VAL E 36 7.95 -7.65 -24.54
N ILE E 37 7.59 -8.30 -23.45
CA ILE E 37 6.68 -7.74 -22.47
CA ILE E 37 6.67 -7.77 -22.47
C ILE E 37 7.44 -7.47 -21.20
N MET E 38 7.50 -6.19 -20.82
CA MET E 38 8.26 -5.72 -19.68
C MET E 38 7.32 -5.32 -18.56
N GLY E 39 7.48 -5.90 -17.39
CA GLY E 39 6.72 -5.41 -16.22
C GLY E 39 5.64 -6.31 -15.66
N ILE E 40 5.71 -7.62 -15.87
CA ILE E 40 4.85 -8.52 -15.10
C ILE E 40 5.47 -8.77 -13.72
N ALA E 41 4.67 -8.57 -12.66
CA ALA E 41 5.02 -8.93 -11.26
C ALA E 41 4.20 -10.08 -10.73
N ASN E 42 2.92 -10.13 -11.13
CA ASN E 42 2.02 -11.20 -10.70
C ASN E 42 0.79 -11.31 -11.61
N LYS E 43 -0.20 -12.12 -11.23
CA LYS E 43 -1.34 -12.33 -12.11
C LYS E 43 -2.25 -11.10 -12.27
N ARG E 44 -2.15 -10.09 -11.41
CA ARG E 44 -2.95 -8.87 -11.56
CA ARG E 44 -2.96 -8.89 -11.57
C ARG E 44 -2.26 -7.80 -12.39
N SER E 45 -0.97 -7.98 -12.68
CA SER E 45 -0.25 -6.98 -13.50
C SER E 45 -0.97 -6.70 -14.82
N ILE E 46 -1.01 -5.43 -15.20
CA ILE E 46 -1.58 -5.05 -16.51
C ILE E 46 -0.84 -5.81 -17.61
N ALA E 47 0.48 -5.98 -17.50
CA ALA E 47 1.24 -6.67 -18.56
C ALA E 47 0.92 -8.15 -18.71
N PHE E 48 0.41 -8.79 -17.65
CA PHE E 48 -0.15 -10.17 -17.77
C PHE E 48 -1.49 -10.26 -18.54
N GLY E 49 -2.36 -9.25 -18.47
CA GLY E 49 -3.49 -9.19 -19.41
C GLY E 49 -3.07 -9.10 -20.89
N VAL E 50 -2.08 -8.27 -21.15
CA VAL E 50 -1.42 -8.13 -22.43
C VAL E 50 -0.83 -9.47 -22.81
N ALA E 51 -0.07 -10.11 -21.93
CA ALA E 51 0.43 -11.46 -22.27
C ALA E 51 -0.64 -12.46 -22.71
N LYS E 52 -1.73 -12.59 -21.94
CA LYS E 52 -2.78 -13.58 -22.25
C LYS E 52 -3.40 -13.35 -23.63
N VAL E 53 -3.61 -12.08 -23.98
CA VAL E 53 -4.25 -11.76 -25.25
C VAL E 53 -3.31 -12.11 -26.42
N LEU E 54 -2.07 -11.64 -26.32
CA LEU E 54 -1.08 -11.87 -27.36
C LEU E 54 -0.81 -13.35 -27.50
N ASP E 55 -0.80 -14.06 -26.37
CA ASP E 55 -0.54 -15.51 -26.41
C ASP E 55 -1.70 -16.21 -27.09
N GLN E 56 -2.91 -15.73 -26.83
CA GLN E 56 -4.13 -16.33 -27.40
C GLN E 56 -4.14 -16.14 -28.92
N LEU E 57 -3.53 -15.05 -29.38
CA LEU E 57 -3.45 -14.71 -30.81
C LEU E 57 -2.24 -15.35 -31.53
N GLY E 58 -1.44 -16.15 -30.83
CA GLY E 58 -0.42 -17.00 -31.48
C GLY E 58 1.00 -16.42 -31.48
N ALA E 59 1.20 -15.29 -30.80
CA ALA E 59 2.52 -14.70 -30.69
C ALA E 59 3.50 -15.52 -29.84
N LYS E 60 4.78 -15.44 -30.18
CA LYS E 60 5.85 -15.83 -29.27
C LYS E 60 6.19 -14.66 -28.34
N LEU E 61 6.33 -14.92 -27.04
CA LEU E 61 6.54 -13.89 -26.06
C LEU E 61 7.87 -14.04 -25.34
N VAL E 62 8.49 -12.91 -24.97
CA VAL E 62 9.74 -12.85 -24.20
C VAL E 62 9.35 -11.95 -23.05
N PHE E 63 9.79 -12.24 -21.83
CA PHE E 63 9.38 -11.50 -20.64
C PHE E 63 10.58 -10.91 -19.92
N THR E 64 10.46 -9.65 -19.49
CA THR E 64 11.50 -9.13 -18.62
C THR E 64 10.95 -8.80 -17.22
N TYR E 65 11.83 -8.83 -16.21
CA TYR E 65 11.44 -8.63 -14.82
C TYR E 65 12.58 -7.97 -14.03
N ARG E 66 12.25 -7.31 -12.93
CA ARG E 66 13.28 -6.80 -12.04
C ARG E 66 13.54 -7.78 -10.87
N LYS E 67 12.54 -8.03 -10.03
CA LYS E 67 12.78 -8.75 -8.76
C LYS E 67 12.68 -10.26 -8.93
N GLU E 68 13.47 -11.00 -8.14
CA GLU E 68 13.48 -12.45 -8.13
CA GLU E 68 13.47 -12.44 -8.24
C GLU E 68 12.06 -12.97 -7.97
N ARG E 69 11.30 -12.35 -7.07
CA ARG E 69 9.92 -12.79 -6.80
C ARG E 69 9.10 -12.72 -8.07
N SER E 70 9.37 -11.70 -8.90
CA SER E 70 8.66 -11.58 -10.20
C SER E 70 9.01 -12.68 -11.21
N ARG E 71 10.27 -13.09 -11.29
CA ARG E 71 10.62 -14.26 -12.13
CA ARG E 71 10.64 -14.27 -12.11
C ARG E 71 9.88 -15.50 -11.60
N LYS E 72 9.76 -15.64 -10.28
CA LYS E 72 9.07 -16.82 -9.75
C LYS E 72 7.60 -16.85 -10.23
N GLU E 73 6.96 -15.70 -10.16
CA GLU E 73 5.59 -15.56 -10.64
C GLU E 73 5.50 -15.77 -12.15
N LEU E 74 6.45 -15.26 -12.91
CA LEU E 74 6.47 -15.56 -14.33
C LEU E 74 6.56 -17.06 -14.61
N GLU E 75 7.44 -17.77 -13.92
CA GLU E 75 7.54 -19.21 -14.15
C GLU E 75 6.20 -19.95 -13.95
N LYS E 76 5.44 -19.53 -12.93
CA LYS E 76 4.13 -20.12 -12.59
C LYS E 76 3.08 -19.74 -13.65
N LEU E 77 3.02 -18.47 -14.03
CA LEU E 77 1.97 -17.94 -14.93
C LEU E 77 2.12 -18.45 -16.37
N LEU E 78 3.34 -18.82 -16.74
CA LEU E 78 3.61 -19.39 -18.06
C LEU E 78 2.91 -20.73 -18.25
N GLU E 79 2.60 -21.42 -17.15
CA GLU E 79 1.81 -22.65 -17.19
C GLU E 79 0.37 -22.45 -17.71
N GLN E 80 -0.17 -21.26 -17.49
CA GLN E 80 -1.44 -20.85 -18.07
C GLN E 80 -1.39 -20.44 -19.54
N LEU E 81 -0.21 -20.13 -20.06
CA LEU E 81 -0.11 -19.71 -21.44
C LEU E 81 0.23 -20.85 -22.38
N ASN E 82 0.15 -20.59 -23.68
CA ASN E 82 0.57 -21.54 -24.72
C ASN E 82 2.04 -21.51 -25.10
N GLN E 83 2.86 -20.69 -24.47
CA GLN E 83 4.24 -20.57 -24.87
C GLN E 83 4.94 -21.91 -24.61
N PRO E 84 5.55 -22.54 -25.64
CA PRO E 84 6.28 -23.78 -25.40
C PRO E 84 7.68 -23.57 -24.81
N GLU E 85 8.22 -22.36 -24.89
CA GLU E 85 9.49 -22.04 -24.23
C GLU E 85 9.34 -20.86 -23.30
N ALA E 86 10.07 -20.88 -22.18
CA ALA E 86 10.11 -19.73 -21.26
C ALA E 86 11.33 -18.87 -21.62
N HIS E 87 11.10 -17.63 -22.08
CA HIS E 87 12.21 -16.71 -22.39
C HIS E 87 12.20 -15.55 -21.37
N LEU E 88 12.92 -15.69 -20.26
CA LEU E 88 12.79 -14.74 -19.15
C LEU E 88 14.11 -14.00 -18.96
N TYR E 89 14.09 -12.68 -18.88
CA TYR E 89 15.33 -11.91 -18.76
C TYR E 89 15.20 -10.90 -17.62
N GLN E 90 16.20 -10.82 -16.75
CA GLN E 90 16.18 -9.83 -15.70
C GLN E 90 16.69 -8.51 -16.25
N ILE E 91 15.86 -7.47 -16.23
CA ILE E 91 16.28 -6.13 -16.65
C ILE E 91 15.73 -5.10 -15.69
N ASP E 92 16.63 -4.52 -14.90
CA ASP E 92 16.30 -3.37 -14.08
C ASP E 92 16.59 -2.12 -14.90
N VAL E 93 15.51 -1.42 -15.27
CA VAL E 93 15.62 -0.33 -16.24
C VAL E 93 16.35 0.89 -15.66
N GLN E 94 16.71 0.84 -14.38
CA GLN E 94 17.60 1.86 -13.86
C GLN E 94 19.04 1.67 -14.34
N SER E 95 19.34 0.50 -14.90
CA SER E 95 20.73 0.26 -15.30
C SER E 95 20.86 0.21 -16.84
N ASP E 96 21.63 1.11 -17.42
CA ASP E 96 21.82 1.08 -18.87
C ASP E 96 22.39 -0.28 -19.33
N GLU E 97 23.44 -0.76 -18.64
CA GLU E 97 24.06 -2.02 -19.03
CA GLU E 97 24.08 -2.05 -18.92
C GLU E 97 23.06 -3.18 -18.96
N GLU E 98 22.16 -3.23 -17.99
CA GLU E 98 21.12 -4.26 -17.98
C GLU E 98 20.18 -4.23 -19.19
N VAL E 99 19.77 -3.03 -19.58
CA VAL E 99 18.86 -2.88 -20.73
C VAL E 99 19.60 -3.25 -22.01
N ILE E 100 20.78 -2.67 -22.18
CA ILE E 100 21.62 -2.97 -23.37
C ILE E 100 21.92 -4.45 -23.48
N ASN E 101 22.36 -5.08 -22.39
CA ASN E 101 22.76 -6.48 -22.46
C ASN E 101 21.56 -7.43 -22.53
N GLY E 102 20.47 -7.07 -21.87
CA GLY E 102 19.23 -7.84 -21.95
C GLY E 102 18.69 -7.91 -23.36
N PHE E 103 18.48 -6.74 -23.99
CA PHE E 103 18.04 -6.74 -25.40
C PHE E 103 19.06 -7.42 -26.32
N GLU E 104 20.36 -7.19 -26.11
CA GLU E 104 21.33 -7.91 -26.92
C GLU E 104 21.12 -9.43 -26.81
N GLN E 105 20.96 -9.93 -25.59
CA GLN E 105 20.79 -11.37 -25.39
C GLN E 105 19.47 -11.86 -26.01
N ILE E 106 18.41 -11.08 -25.86
CA ILE E 106 17.11 -11.45 -26.46
C ILE E 106 17.27 -11.67 -27.98
N GLY E 107 17.98 -10.78 -28.65
CA GLY E 107 18.21 -10.94 -30.09
C GLY E 107 19.05 -12.15 -30.46
N LYS E 108 20.02 -12.48 -29.61
CA LYS E 108 20.79 -13.73 -29.82
C LYS E 108 19.92 -14.96 -29.62
N ASP E 109 18.98 -14.90 -28.67
CA ASP E 109 18.17 -16.05 -28.32
C ASP E 109 16.97 -16.29 -29.24
N VAL E 110 16.23 -15.24 -29.60
CA VAL E 110 15.01 -15.38 -30.40
C VAL E 110 15.06 -14.66 -31.75
N GLY E 111 16.10 -13.88 -32.02
CA GLY E 111 16.18 -13.14 -33.30
C GLY E 111 15.48 -11.77 -33.27
N ASN E 112 15.04 -11.31 -34.43
CA ASN E 112 14.38 -10.01 -34.53
C ASN E 112 13.01 -10.08 -33.88
N ILE E 113 12.57 -8.98 -33.30
CA ILE E 113 11.27 -8.88 -32.67
C ILE E 113 10.34 -7.89 -33.40
N ASP E 114 9.05 -7.96 -33.10
CA ASP E 114 8.06 -7.10 -33.73
C ASP E 114 7.58 -5.96 -32.86
N GLY E 115 7.81 -6.04 -31.54
CA GLY E 115 7.45 -4.88 -30.76
C GLY E 115 7.72 -5.10 -29.28
N VAL E 116 7.46 -4.08 -28.50
CA VAL E 116 7.73 -4.09 -27.08
C VAL E 116 6.50 -3.51 -26.39
N TYR E 117 6.10 -4.15 -25.29
CA TYR E 117 5.09 -3.59 -24.44
C TYR E 117 5.75 -3.16 -23.12
N HIS E 118 5.71 -1.86 -22.83
CA HIS E 118 6.31 -1.30 -21.62
C HIS E 118 5.21 -1.02 -20.55
N SER E 119 5.37 -1.60 -19.35
CA SER E 119 4.38 -1.53 -18.28
C SER E 119 5.14 -1.39 -16.97
N ILE E 120 5.97 -0.36 -16.93
CA ILE E 120 6.90 -0.19 -15.82
C ILE E 120 6.80 1.23 -15.26
N ALA E 121 6.57 1.34 -13.94
CA ALA E 121 6.66 2.66 -13.31
C ALA E 121 7.04 2.46 -11.86
N PHE E 122 7.53 3.50 -11.18
CA PHE E 122 7.74 3.31 -9.75
C PHE E 122 7.76 4.69 -9.13
N ALA E 123 7.30 4.80 -7.89
CA ALA E 123 7.63 6.00 -7.11
C ALA E 123 7.58 5.57 -5.65
N ASN E 124 8.18 6.37 -4.78
CA ASN E 124 8.20 6.09 -3.33
C ASN E 124 6.83 6.39 -2.78
N MET E 125 6.41 5.55 -1.84
N MET E 125 6.30 5.52 -1.95
CA MET E 125 5.07 5.50 -1.25
CA MET E 125 5.07 5.83 -1.29
C MET E 125 4.50 6.86 -0.88
C MET E 125 5.25 7.07 -0.43
N GLU E 126 5.27 7.63 -0.13
N GLU E 126 6.46 7.26 0.06
CA GLU E 126 4.78 8.90 0.38
CA GLU E 126 6.81 8.40 0.87
C GLU E 126 4.73 9.98 -0.68
C GLU E 126 6.69 9.78 0.16
N ASP E 127 5.05 9.66 -1.94
N ASP E 127 7.02 9.87 -1.13
CA ASP E 127 4.88 10.59 -3.06
CA ASP E 127 6.65 11.08 -1.85
C ASP E 127 3.55 10.36 -3.81
C ASP E 127 5.21 11.05 -2.36
N LEU E 128 2.66 9.54 -3.23
N LEU E 128 4.70 9.89 -2.75
CA LEU E 128 1.42 9.09 -3.88
CA LEU E 128 3.31 9.80 -3.21
C LEU E 128 0.16 9.42 -3.06
C LEU E 128 2.30 10.18 -2.12
N ARG E 129 0.34 10.48 -2.27
N ARG E 129 2.51 9.66 -0.92
CA ARG E 129 -0.65 10.94 -1.30
CA ARG E 129 1.59 9.87 0.20
C ARG E 129 -0.15 12.27 -0.72
C ARG E 129 1.87 11.13 1.01
N GLY E 130 -1.00 12.96 0.03
N GLY E 130 2.24 12.21 0.33
CA GLY E 130 -0.59 14.20 0.70
CA GLY E 130 2.56 13.50 0.95
C GLY E 130 -0.34 15.33 -0.30
C GLY E 130 1.98 14.55 0.00
N ARG E 131 0.61 16.22 0.03
N ARG E 131 2.13 15.84 0.29
CA ARG E 131 0.89 17.45 -0.74
CA ARG E 131 1.58 16.93 -0.54
C ARG E 131 2.12 17.37 -1.67
C ARG E 131 2.39 17.06 -1.82
N PHE E 132 1.82 17.48 -2.96
CA PHE E 132 2.74 17.46 -4.10
C PHE E 132 3.92 18.43 -3.91
N SER E 133 3.62 19.61 -3.33
CA SER E 133 4.62 20.64 -3.24
C SER E 133 5.75 20.19 -2.27
N GLU E 134 5.55 19.11 -1.50
CA GLU E 134 6.63 18.63 -0.58
C GLU E 134 7.46 17.51 -1.19
N THR E 135 7.19 17.14 -2.44
CA THR E 135 7.97 16.13 -3.15
C THR E 135 9.50 16.37 -3.05
N SER E 136 10.29 15.34 -2.71
CA SER E 136 11.77 15.44 -2.62
C SER E 136 12.32 15.36 -4.05
N ARG E 137 13.46 16.00 -4.27
CA ARG E 137 14.19 15.96 -5.54
C ARG E 137 14.53 14.52 -5.92
N GLU E 138 15.04 13.75 -4.95
CA GLU E 138 15.45 12.37 -5.20
C GLU E 138 14.24 11.50 -5.61
N GLY E 139 13.11 11.72 -4.95
CA GLY E 139 11.87 11.01 -5.29
C GLY E 139 11.29 11.43 -6.65
N PHE E 140 11.42 12.70 -7.02
CA PHE E 140 10.89 13.20 -8.30
C PHE E 140 11.74 12.56 -9.41
N LEU E 141 13.07 12.57 -9.24
CA LEU E 141 13.97 12.15 -10.34
C LEU E 141 13.93 10.62 -10.43
N LEU E 142 13.72 9.95 -9.30
CA LEU E 142 13.48 8.48 -9.29
C LEU E 142 12.28 8.08 -10.16
N ALA E 143 11.14 8.75 -9.94
CA ALA E 143 9.97 8.45 -10.76
C ALA E 143 10.19 8.75 -12.24
N GLN E 144 10.86 9.85 -12.57
CA GLN E 144 11.18 10.20 -14.00
C GLN E 144 12.04 9.10 -14.62
N ASP E 145 13.06 8.66 -13.87
CA ASP E 145 14.04 7.67 -14.34
C ASP E 145 13.30 6.40 -14.74
N ILE E 146 12.57 5.82 -13.79
CA ILE E 146 12.04 4.49 -13.99
C ILE E 146 10.81 4.59 -14.91
N SER E 147 10.04 5.66 -14.76
CA SER E 147 8.72 5.71 -15.38
C SER E 147 8.69 6.38 -16.76
N SER E 148 9.72 7.16 -17.09
CA SER E 148 9.75 7.87 -18.36
C SER E 148 11.03 7.61 -19.15
N TYR E 149 12.19 7.90 -18.56
CA TYR E 149 13.43 7.74 -19.30
C TYR E 149 13.60 6.29 -19.74
N SER E 150 13.16 5.34 -18.91
CA SER E 150 13.22 3.91 -19.27
C SER E 150 12.62 3.60 -20.64
N LEU E 151 11.53 4.26 -21.03
CA LEU E 151 11.05 4.08 -22.42
C LEU E 151 12.05 4.47 -23.51
N THR E 152 12.71 5.62 -23.35
CA THR E 152 13.72 6.07 -24.30
C THR E 152 14.86 5.06 -24.55
N ILE E 153 15.51 4.63 -23.47
CA ILE E 153 16.61 3.65 -23.60
CA ILE E 153 16.61 3.66 -23.57
C ILE E 153 16.12 2.28 -24.08
N VAL E 154 14.95 1.85 -23.59
CA VAL E 154 14.42 0.59 -24.13
C VAL E 154 14.20 0.76 -25.63
N ALA E 155 13.64 1.90 -26.05
CA ALA E 155 13.36 2.13 -27.47
C ALA E 155 14.64 2.08 -28.29
N HIS E 156 15.66 2.78 -27.82
CA HIS E 156 16.94 2.75 -28.50
C HIS E 156 17.47 1.32 -28.69
N GLU E 157 17.35 0.48 -27.65
CA GLU E 157 17.98 -0.85 -27.72
C GLU E 157 17.09 -1.81 -28.49
N ALA E 158 15.77 -1.67 -28.36
CA ALA E 158 14.86 -2.55 -29.11
C ALA E 158 14.84 -2.25 -30.63
N LYS E 159 15.12 -0.99 -31.01
CA LYS E 159 15.26 -0.56 -32.41
CA LYS E 159 15.20 -0.64 -32.44
C LYS E 159 16.23 -1.47 -33.19
N LYS E 160 17.30 -1.88 -32.51
CA LYS E 160 18.33 -2.72 -33.13
C LYS E 160 17.80 -4.10 -33.50
N LEU E 161 16.70 -4.57 -32.89
CA LEU E 161 16.10 -5.87 -33.22
C LEU E 161 14.87 -5.69 -34.13
N MET E 162 14.65 -4.47 -34.64
CA MET E 162 13.51 -4.18 -35.49
C MET E 162 13.92 -3.56 -36.82
N PRO E 163 14.84 -4.18 -37.55
CA PRO E 163 15.29 -3.47 -38.76
C PRO E 163 14.23 -3.25 -39.84
N GLU E 164 13.14 -3.99 -39.85
CA GLU E 164 12.10 -3.71 -40.84
C GLU E 164 10.90 -2.96 -40.26
N GLY E 165 11.02 -2.44 -39.04
CA GLY E 165 9.89 -1.74 -38.45
C GLY E 165 9.33 -2.46 -37.26
N GLY E 166 8.43 -1.81 -36.55
CA GLY E 166 7.85 -2.42 -35.39
C GLY E 166 6.95 -1.50 -34.61
N SER E 167 6.60 -1.91 -33.40
CA SER E 167 5.62 -1.18 -32.61
C SER E 167 5.97 -1.23 -31.12
N ILE E 168 5.98 -0.06 -30.51
CA ILE E 168 6.27 0.05 -29.08
C ILE E 168 5.05 0.72 -28.42
N VAL E 169 4.60 0.17 -27.28
CA VAL E 169 3.46 0.68 -26.57
C VAL E 169 3.85 0.87 -25.10
N ALA E 170 3.47 2.00 -24.53
CA ALA E 170 3.67 2.20 -23.09
C ALA E 170 2.36 2.46 -22.31
N THR E 171 2.37 2.34 -20.99
CA THR E 171 1.11 2.40 -20.25
C THR E 171 1.11 3.69 -19.48
N THR E 172 0.09 4.52 -19.67
CA THR E 172 -0.02 5.77 -18.91
C THR E 172 -1.37 5.83 -18.19
N TYR E 173 -1.63 6.93 -17.51
CA TYR E 173 -2.86 7.13 -16.74
C TYR E 173 -3.26 8.60 -17.06
N LEU E 174 -4.53 8.89 -16.87
CA LEU E 174 -5.14 10.19 -17.13
C LEU E 174 -4.57 11.26 -16.22
N GLY E 175 -3.98 10.87 -15.09
CA GLY E 175 -3.22 11.82 -14.24
C GLY E 175 -1.97 12.44 -14.88
N GLY E 176 -1.58 11.95 -16.05
CA GLY E 176 -0.52 12.60 -16.85
C GLY E 176 -1.08 13.79 -17.62
N GLU E 177 -2.40 13.86 -17.80
CA GLU E 177 -3.05 14.96 -18.54
C GLU E 177 -3.75 16.02 -17.70
N PHE E 178 -4.16 15.66 -16.48
CA PHE E 178 -4.89 16.48 -15.54
C PHE E 178 -4.35 16.19 -14.15
N ALA E 179 -4.40 17.16 -13.24
CA ALA E 179 -4.04 16.92 -11.88
C ALA E 179 -5.10 16.06 -11.18
N VAL E 180 -4.73 14.87 -10.74
CA VAL E 180 -5.65 13.98 -9.99
C VAL E 180 -5.21 13.95 -8.53
N GLN E 181 -6.13 14.01 -7.56
CA GLN E 181 -5.70 14.00 -6.16
CA GLN E 181 -5.79 13.94 -6.13
C GLN E 181 -4.88 12.74 -5.88
N ASN E 182 -3.83 12.92 -5.09
CA ASN E 182 -2.96 11.82 -4.62
C ASN E 182 -2.00 11.23 -5.66
N TYR E 183 -2.23 11.43 -6.96
CA TYR E 183 -1.35 10.79 -7.89
C TYR E 183 0.01 11.52 -7.95
N ASN E 184 -0.02 12.84 -7.74
CA ASN E 184 1.18 13.61 -7.36
C ASN E 184 2.40 13.30 -8.27
N VAL E 185 3.52 12.79 -7.75
CA VAL E 185 4.77 12.75 -8.51
C VAL E 185 4.61 11.85 -9.73
N MET E 186 3.72 10.88 -9.61
CA MET E 186 3.51 9.97 -10.77
C MET E 186 2.75 10.65 -11.96
N GLY E 187 1.93 11.65 -11.66
CA GLY E 187 1.23 12.41 -12.74
C GLY E 187 2.28 13.18 -13.55
N VAL E 188 3.22 13.85 -12.88
CA VAL E 188 4.31 14.54 -13.60
C VAL E 188 5.20 13.56 -14.37
N ALA E 189 5.48 12.38 -13.79
CA ALA E 189 6.18 11.34 -14.55
C ALA E 189 5.39 10.83 -15.75
N LYS E 190 4.07 10.66 -15.62
CA LYS E 190 3.28 10.24 -16.78
C LYS E 190 3.18 11.36 -17.85
N ALA E 191 3.12 12.64 -17.46
CA ALA E 191 3.10 13.72 -18.46
C ALA E 191 4.44 13.67 -19.23
N SER E 192 5.52 13.40 -18.49
CA SER E 192 6.79 13.24 -19.13
C SER E 192 6.79 11.99 -20.04
N LEU E 193 6.24 10.85 -19.61
CA LEU E 193 6.15 9.65 -20.47
C LEU E 193 5.34 9.92 -21.76
N GLU E 194 4.21 10.60 -21.63
CA GLU E 194 3.38 10.87 -22.81
C GLU E 194 4.10 11.76 -23.86
N ALA E 195 4.84 12.79 -23.41
CA ALA E 195 5.70 13.52 -24.35
C ALA E 195 6.80 12.66 -24.94
N ASN E 196 7.37 11.77 -24.12
CA ASN E 196 8.44 10.84 -24.58
C ASN E 196 7.93 10.00 -25.76
N VAL E 197 6.68 9.55 -25.65
CA VAL E 197 6.05 8.74 -26.70
C VAL E 197 5.94 9.56 -28.03
N LYS E 198 5.50 10.81 -27.95
CA LYS E 198 5.42 11.70 -29.09
C LYS E 198 6.80 12.00 -29.73
N TYR E 199 7.82 12.30 -28.92
CA TYR E 199 9.17 12.56 -29.47
C TYR E 199 9.83 11.31 -30.06
N LEU E 200 9.63 10.15 -29.41
CA LEU E 200 10.07 8.89 -30.02
C LEU E 200 9.33 8.61 -31.33
N ALA E 201 8.03 8.87 -31.34
CA ALA E 201 7.26 8.65 -32.54
C ALA E 201 7.87 9.42 -33.74
N LEU E 202 8.24 10.67 -33.48
CA LEU E 202 8.78 11.55 -34.52
C LEU E 202 10.17 11.06 -34.93
N ASP E 203 10.97 10.66 -33.95
CA ASP E 203 12.36 10.24 -34.22
C ASP E 203 12.39 8.91 -34.99
N LEU E 204 11.53 7.98 -34.59
CA LEU E 204 11.69 6.58 -35.03
C LEU E 204 10.73 6.25 -36.17
N GLY E 205 9.82 7.18 -36.44
CA GLY E 205 8.84 7.10 -37.56
C GLY E 205 9.49 6.81 -38.89
N PRO E 206 10.61 7.49 -39.18
CA PRO E 206 11.18 7.18 -40.49
C PRO E 206 11.79 5.79 -40.53
N ASP E 207 11.98 5.15 -39.37
CA ASP E 207 12.48 3.78 -39.33
C ASP E 207 11.35 2.75 -39.37
N ASN E 208 10.12 3.26 -39.56
CA ASN E 208 8.89 2.48 -39.52
C ASN E 208 8.60 1.84 -38.16
N ILE E 209 9.00 2.52 -37.08
CA ILE E 209 8.70 2.07 -35.74
C ILE E 209 7.68 3.06 -35.16
N ARG E 210 6.52 2.51 -34.80
CA ARG E 210 5.43 3.31 -34.26
C ARG E 210 5.54 3.24 -32.75
N VAL E 211 5.15 4.34 -32.08
CA VAL E 211 5.23 4.42 -30.64
C VAL E 211 3.91 5.07 -30.23
N ASN E 212 3.23 4.45 -29.28
CA ASN E 212 1.90 4.90 -28.82
C ASN E 212 1.80 4.63 -27.31
N ALA E 213 0.70 5.02 -26.73
CA ALA E 213 0.49 4.79 -25.30
C ALA E 213 -0.92 4.29 -25.15
N ILE E 214 -1.14 3.50 -24.10
CA ILE E 214 -2.49 3.21 -23.61
C ILE E 214 -2.65 3.90 -22.28
N SER E 215 -3.68 4.75 -22.21
CA SER E 215 -4.12 5.33 -20.95
C SER E 215 -5.17 4.43 -20.29
N ALA E 216 -4.75 3.58 -19.34
CA ALA E 216 -5.64 2.60 -18.70
C ALA E 216 -6.41 3.29 -17.58
N GLY E 217 -7.68 2.94 -17.43
CA GLY E 217 -8.47 3.34 -16.25
C GLY E 217 -7.94 2.58 -15.04
N PRO E 218 -8.41 2.94 -13.84
CA PRO E 218 -7.88 2.26 -12.61
C PRO E 218 -8.19 0.76 -12.56
N ILE E 219 -7.21 -0.03 -12.15
CA ILE E 219 -7.32 -1.49 -12.04
C ILE E 219 -6.56 -1.94 -10.79
N ARG E 220 -7.14 -2.84 -9.98
CA ARG E 220 -6.48 -3.29 -8.75
C ARG E 220 -5.20 -4.12 -9.05
N THR E 221 -4.05 -3.56 -8.72
CA THR E 221 -2.76 -4.25 -8.95
C THR E 221 -1.88 -3.96 -7.72
N LEU E 222 -0.73 -4.61 -7.64
CA LEU E 222 0.19 -4.35 -6.56
C LEU E 222 0.58 -2.88 -6.57
N SER E 223 0.85 -2.28 -7.73
CA SER E 223 1.27 -0.86 -7.71
C SER E 223 0.13 0.08 -7.26
N ALA E 224 -1.12 -0.27 -7.55
CA ALA E 224 -2.25 0.57 -7.17
C ALA E 224 -2.34 0.77 -5.67
N LYS E 225 -1.78 -0.16 -4.90
CA LYS E 225 -1.73 0.06 -3.44
C LYS E 225 -0.96 1.31 -3.01
N GLY E 226 -0.08 1.84 -3.85
CA GLY E 226 0.58 3.12 -3.49
C GLY E 226 -0.19 4.41 -3.74
N VAL E 227 -1.33 4.35 -4.42
CA VAL E 227 -2.08 5.55 -4.69
C VAL E 227 -3.13 5.75 -3.60
N GLY E 228 -2.97 6.79 -2.78
CA GLY E 228 -4.01 7.14 -1.82
C GLY E 228 -5.39 7.24 -2.47
N GLY E 229 -6.41 6.76 -1.74
CA GLY E 229 -7.81 6.92 -2.08
C GLY E 229 -8.14 6.12 -3.34
N PHE E 230 -7.41 5.04 -3.56
CA PHE E 230 -7.67 4.23 -4.75
C PHE E 230 -9.11 3.68 -4.83
N ASN E 231 -9.69 3.16 -3.76
CA ASN E 231 -11.07 2.67 -3.88
C ASN E 231 -12.05 3.76 -4.33
N THR E 232 -11.81 5.00 -3.87
CA THR E 232 -12.63 6.15 -4.25
C THR E 232 -12.53 6.43 -5.75
N ILE E 233 -11.34 6.22 -6.33
CA ILE E 233 -11.15 6.34 -7.77
C ILE E 233 -11.96 5.33 -8.55
N LEU E 234 -11.93 4.05 -8.13
CA LEU E 234 -12.75 3.00 -8.79
C LEU E 234 -14.24 3.31 -8.68
N LYS E 235 -14.73 3.67 -7.49
CA LYS E 235 -16.15 4.02 -7.40
C LYS E 235 -16.53 5.17 -8.34
N GLU E 236 -15.66 6.17 -8.52
CA GLU E 236 -16.01 7.32 -9.33
C GLU E 236 -16.17 6.91 -10.80
N ILE E 237 -15.41 5.92 -11.26
CA ILE E 237 -15.58 5.40 -12.62
C ILE E 237 -16.95 4.72 -12.78
N GLU E 238 -17.36 3.90 -11.82
CA GLU E 238 -18.63 3.20 -11.96
C GLU E 238 -19.75 4.21 -11.98
N GLU E 239 -19.61 5.27 -11.19
CA GLU E 239 -20.70 6.24 -11.05
C GLU E 239 -20.82 7.22 -12.19
N ARG E 240 -19.68 7.61 -12.80
CA ARG E 240 -19.55 8.81 -13.63
CA ARG E 240 -19.64 8.79 -13.66
C ARG E 240 -19.16 8.53 -15.08
N ALA E 241 -18.40 7.47 -15.32
CA ALA E 241 -17.90 7.18 -16.70
C ALA E 241 -19.02 6.72 -17.62
N PRO E 242 -18.97 7.05 -18.94
CA PRO E 242 -20.03 6.63 -19.87
C PRO E 242 -20.41 5.15 -19.74
N LEU E 243 -19.45 4.25 -19.56
CA LEU E 243 -19.90 2.83 -19.57
C LEU E 243 -20.32 2.42 -18.14
N LYS E 244 -20.16 3.30 -17.16
CA LYS E 244 -20.62 3.00 -15.78
C LYS E 244 -20.07 1.67 -15.23
N ARG E 245 -18.78 1.40 -15.45
CA ARG E 245 -18.13 0.15 -15.01
C ARG E 245 -16.64 0.36 -15.18
N ASN E 246 -15.83 -0.38 -14.42
CA ASN E 246 -14.38 -0.31 -14.54
C ASN E 246 -13.89 -1.22 -15.66
N VAL E 247 -12.67 -0.99 -16.14
CA VAL E 247 -12.05 -1.87 -17.14
C VAL E 247 -11.18 -2.93 -16.44
N ASP E 248 -10.77 -3.96 -17.17
CA ASP E 248 -9.75 -4.86 -16.63
C ASP E 248 -8.52 -5.03 -17.53
N GLN E 249 -7.60 -5.86 -17.06
CA GLN E 249 -6.31 -6.01 -17.66
C GLN E 249 -6.42 -6.57 -19.08
N VAL E 250 -7.39 -7.46 -19.31
CA VAL E 250 -7.63 -8.06 -20.65
C VAL E 250 -8.11 -7.01 -21.67
N GLU E 251 -8.87 -6.01 -21.23
CA GLU E 251 -9.29 -4.96 -22.15
C GLU E 251 -8.13 -4.08 -22.52
N VAL E 252 -7.24 -3.83 -21.57
CA VAL E 252 -5.96 -3.20 -21.93
C VAL E 252 -5.18 -4.07 -22.91
N GLY E 253 -5.16 -5.39 -22.67
CA GLY E 253 -4.42 -6.25 -23.58
C GLY E 253 -5.02 -6.34 -24.97
N LYS E 254 -6.34 -6.22 -25.10
CA LYS E 254 -6.97 -6.16 -26.44
C LYS E 254 -6.58 -4.91 -27.24
N THR E 255 -6.50 -3.74 -26.61
CA THR E 255 -6.06 -2.55 -27.31
C THR E 255 -4.52 -2.61 -27.59
N ALA E 256 -3.77 -3.32 -26.74
CA ALA E 256 -2.35 -3.55 -27.01
C ALA E 256 -2.16 -4.43 -28.26
N ALA E 257 -2.98 -5.49 -28.41
CA ALA E 257 -2.94 -6.27 -29.65
C ALA E 257 -3.18 -5.42 -30.89
N TYR E 258 -4.18 -4.55 -30.84
CA TYR E 258 -4.39 -3.58 -31.94
C TYR E 258 -3.15 -2.70 -32.20
N LEU E 259 -2.59 -2.07 -31.16
CA LEU E 259 -1.45 -1.16 -31.32
C LEU E 259 -0.16 -1.88 -31.77
N LEU E 260 0.00 -3.15 -31.40
CA LEU E 260 1.24 -3.85 -31.65
C LEU E 260 1.17 -4.55 -33.01
N SER E 261 -0.03 -4.62 -33.58
CA SER E 261 -0.23 -5.34 -34.83
C SER E 261 -0.34 -4.40 -36.02
N ASP E 262 -0.44 -4.95 -37.22
CA ASP E 262 -0.69 -4.20 -38.44
C ASP E 262 -2.07 -3.49 -38.51
N LEU E 263 -3.06 -3.89 -37.68
CA LEU E 263 -4.35 -3.19 -37.71
C LEU E 263 -4.20 -1.68 -37.48
N SER E 264 -3.17 -1.30 -36.73
CA SER E 264 -2.96 0.13 -36.43
C SER E 264 -1.85 0.75 -37.29
N SER E 265 -1.68 0.24 -38.51
N SER E 265 -1.60 0.27 -38.51
CA SER E 265 -0.81 0.94 -39.46
CA SER E 265 -0.39 0.73 -39.25
C SER E 265 -1.34 2.36 -39.62
C SER E 265 -0.29 2.27 -39.50
N GLY E 266 -0.43 3.33 -39.56
N GLY E 266 -1.41 2.98 -39.43
CA GLY E 266 -0.84 4.70 -39.74
CA GLY E 266 -1.44 4.41 -39.71
C GLY E 266 -1.01 5.42 -38.43
C GLY E 266 -1.33 5.28 -38.47
N VAL E 267 -1.06 4.67 -37.32
CA VAL E 267 -1.27 5.29 -36.01
C VAL E 267 0.03 5.39 -35.23
N THR E 268 0.44 6.60 -34.88
CA THR E 268 1.66 6.74 -34.10
C THR E 268 1.62 8.08 -33.34
N GLY E 269 2.32 8.13 -32.21
CA GLY E 269 2.27 9.30 -31.34
C GLY E 269 0.91 9.50 -30.66
N GLU E 270 0.11 8.43 -30.59
CA GLU E 270 -1.29 8.43 -30.11
C GLU E 270 -1.41 7.85 -28.68
N ASN E 271 -2.41 8.34 -27.95
CA ASN E 271 -2.66 7.92 -26.56
C ASN E 271 -4.09 7.41 -26.58
N ILE E 272 -4.30 6.08 -26.57
CA ILE E 272 -5.68 5.57 -26.56
C ILE E 272 -6.17 5.31 -25.13
N HIS E 273 -7.31 5.88 -24.76
CA HIS E 273 -7.83 5.77 -23.40
C HIS E 273 -8.69 4.50 -23.36
N VAL E 274 -8.29 3.55 -22.51
CA VAL E 274 -9.06 2.36 -22.22
C VAL E 274 -9.63 2.44 -20.79
N ASP E 275 -10.69 3.24 -20.67
CA ASP E 275 -11.05 3.78 -19.35
C ASP E 275 -12.57 3.99 -19.27
N SER E 276 -13.34 3.22 -20.04
CA SER E 276 -14.84 3.36 -20.02
C SER E 276 -15.35 4.78 -20.39
N GLY E 277 -14.51 5.57 -21.01
CA GLY E 277 -14.90 6.86 -21.54
C GLY E 277 -14.67 7.96 -20.52
N PHE E 278 -14.06 7.66 -19.36
CA PHE E 278 -13.91 8.68 -18.31
C PHE E 278 -13.20 9.94 -18.81
N HIS E 279 -12.16 9.76 -19.64
CA HIS E 279 -11.34 10.89 -20.16
C HIS E 279 -12.18 11.95 -20.93
N ALA E 280 -13.37 11.58 -21.39
CA ALA E 280 -14.12 12.45 -22.28
C ALA E 280 -15.13 13.28 -21.49
N ILE E 281 -15.21 13.07 -20.18
CA ILE E 281 -16.32 13.70 -19.46
C ILE E 281 -15.72 14.63 -18.41
N LYS E 282 -16.57 15.49 -17.87
CA LYS E 282 -16.22 16.36 -16.76
C LYS E 282 -17.46 16.63 -15.91
N MET F 27 -1.23 48.03 -17.19
CA MET F 27 -2.67 48.42 -17.13
C MET F 27 -3.14 48.16 -15.69
N VAL F 28 -2.66 47.05 -15.11
CA VAL F 28 -2.82 46.75 -13.68
C VAL F 28 -1.85 47.55 -12.76
N ASN F 29 -2.29 48.02 -11.59
CA ASN F 29 -1.37 48.72 -10.68
C ASN F 29 -0.66 47.86 -9.62
N LEU F 30 0.66 47.74 -9.74
CA LEU F 30 1.40 46.91 -8.79
C LEU F 30 2.22 47.69 -7.77
N GLU F 31 1.83 48.92 -7.47
CA GLU F 31 2.49 49.63 -6.38
C GLU F 31 2.24 48.83 -5.08
N ASN F 32 3.23 48.74 -4.19
CA ASN F 32 3.03 48.00 -2.94
C ASN F 32 3.09 46.48 -3.07
N LYS F 33 3.31 45.99 -4.31
CA LYS F 33 3.59 44.58 -4.56
C LYS F 33 5.09 44.30 -4.71
N THR F 34 5.50 43.06 -4.41
CA THR F 34 6.89 42.63 -4.52
C THR F 34 6.88 41.29 -5.25
N TYR F 35 7.68 41.20 -6.29
CA TYR F 35 7.79 39.96 -7.07
C TYR F 35 9.25 39.50 -7.12
N VAL F 36 9.48 38.18 -7.07
CA VAL F 36 10.81 37.61 -7.29
C VAL F 36 10.89 37.15 -8.76
N ILE F 37 11.90 37.60 -9.49
CA ILE F 37 12.10 37.23 -10.90
C ILE F 37 13.34 36.33 -11.02
N MET F 38 13.16 35.07 -11.44
CA MET F 38 14.28 34.15 -11.51
C MET F 38 14.65 33.92 -12.99
N GLY F 39 15.92 34.07 -13.33
CA GLY F 39 16.38 33.64 -14.65
C GLY F 39 16.69 34.75 -15.66
N ILE F 40 17.02 35.94 -15.19
CA ILE F 40 17.67 36.91 -16.09
C ILE F 40 19.16 36.61 -16.26
N ALA F 41 19.62 36.46 -17.51
CA ALA F 41 21.07 36.38 -17.79
C ALA F 41 21.60 37.67 -18.45
N ASN F 42 20.77 38.31 -19.28
CA ASN F 42 21.16 39.51 -20.06
C ASN F 42 19.92 40.24 -20.59
N LYS F 43 20.12 41.30 -21.38
CA LYS F 43 19.00 42.14 -21.88
C LYS F 43 18.09 41.40 -22.85
N ARG F 44 18.51 40.25 -23.39
CA ARG F 44 17.57 39.44 -24.18
C ARG F 44 16.71 38.42 -23.41
N SER F 45 17.05 38.14 -22.16
CA SER F 45 16.25 37.14 -21.42
C SER F 45 14.75 37.50 -21.44
N ILE F 46 13.90 36.51 -21.63
CA ILE F 46 12.46 36.70 -21.43
C ILE F 46 12.12 37.37 -20.09
N ALA F 47 12.85 36.95 -19.04
CA ALA F 47 12.63 37.49 -17.69
C ALA F 47 12.96 38.99 -17.59
N PHE F 48 13.81 39.51 -18.47
CA PHE F 48 14.03 40.96 -18.44
C PHE F 48 12.84 41.75 -19.02
N GLY F 49 12.14 41.15 -19.97
CA GLY F 49 10.91 41.70 -20.52
C GLY F 49 9.81 41.77 -19.47
N VAL F 50 9.69 40.70 -18.68
CA VAL F 50 8.86 40.71 -17.47
C VAL F 50 9.27 41.83 -16.51
N ALA F 51 10.55 41.86 -16.16
CA ALA F 51 11.03 42.87 -15.24
C ALA F 51 10.64 44.31 -15.67
N LYS F 52 10.92 44.64 -16.92
CA LYS F 52 10.65 45.99 -17.44
C LYS F 52 9.18 46.34 -17.28
N VAL F 53 8.30 45.39 -17.56
CA VAL F 53 6.86 45.66 -17.52
C VAL F 53 6.38 45.82 -16.09
N LEU F 54 6.85 44.97 -15.18
CA LEU F 54 6.49 45.03 -13.75
C LEU F 54 7.02 46.31 -13.11
N ASP F 55 8.27 46.61 -13.39
CA ASP F 55 8.87 47.87 -12.97
C ASP F 55 8.03 49.07 -13.43
N GLN F 56 7.69 49.12 -14.72
CA GLN F 56 6.87 50.24 -15.22
C GLN F 56 5.54 50.38 -14.45
N LEU F 57 5.07 49.29 -13.84
CA LEU F 57 3.74 49.20 -13.26
C LEU F 57 3.82 49.42 -11.76
N GLY F 58 5.04 49.65 -11.29
CA GLY F 58 5.24 50.12 -9.92
C GLY F 58 5.72 49.08 -8.92
N ALA F 59 5.88 47.82 -9.34
CA ALA F 59 6.32 46.75 -8.44
C ALA F 59 7.73 46.96 -7.90
N LYS F 60 7.96 46.46 -6.69
CA LYS F 60 9.31 46.22 -6.20
C LYS F 60 9.73 44.86 -6.70
N LEU F 61 10.97 44.77 -7.17
CA LEU F 61 11.46 43.54 -7.81
C LEU F 61 12.72 42.99 -7.12
N VAL F 62 12.79 41.66 -7.05
CA VAL F 62 13.89 40.95 -6.40
C VAL F 62 14.35 39.99 -7.48
N PHE F 63 15.66 39.87 -7.69
CA PHE F 63 16.19 39.05 -8.78
C PHE F 63 17.10 37.93 -8.26
N THR F 64 16.96 36.77 -8.88
CA THR F 64 17.88 35.66 -8.55
C THR F 64 18.64 35.17 -9.80
N TYR F 65 19.86 34.69 -9.62
CA TYR F 65 20.66 34.32 -10.76
C TYR F 65 21.56 33.13 -10.38
N ARG F 66 22.17 32.48 -11.38
CA ARG F 66 23.16 31.42 -11.10
C ARG F 66 24.62 31.87 -11.31
N LYS F 67 24.96 32.38 -12.50
CA LYS F 67 26.36 32.70 -12.83
C LYS F 67 26.76 34.10 -12.38
N GLU F 68 28.02 34.25 -11.94
CA GLU F 68 28.59 35.55 -11.63
CA GLU F 68 28.49 35.57 -11.58
C GLU F 68 28.29 36.54 -12.76
N ARG F 69 28.40 36.05 -13.99
CA ARG F 69 28.23 36.85 -15.20
CA ARG F 69 28.26 36.93 -15.15
C ARG F 69 26.81 37.42 -15.27
N SER F 70 25.83 36.60 -14.86
CA SER F 70 24.42 37.04 -14.82
C SER F 70 24.17 38.15 -13.77
N ARG F 71 24.83 38.07 -12.62
CA ARG F 71 24.73 39.17 -11.65
CA ARG F 71 24.75 39.16 -11.65
C ARG F 71 25.28 40.48 -12.23
N LYS F 72 26.41 40.40 -12.92
CA LYS F 72 26.99 41.59 -13.55
C LYS F 72 26.05 42.18 -14.59
N GLU F 73 25.37 41.34 -15.37
CA GLU F 73 24.38 41.89 -16.28
C GLU F 73 23.20 42.59 -15.56
N LEU F 74 22.67 41.95 -14.52
CA LEU F 74 21.59 42.48 -13.70
C LEU F 74 21.96 43.85 -13.16
N GLU F 75 23.21 43.96 -12.70
CA GLU F 75 23.70 45.24 -12.23
C GLU F 75 23.66 46.33 -13.31
N LYS F 76 24.05 46.05 -14.55
CA LYS F 76 23.95 47.07 -15.62
C LYS F 76 22.47 47.32 -15.94
N LEU F 77 21.65 46.28 -15.93
CA LEU F 77 20.27 46.41 -16.40
C LEU F 77 19.38 47.19 -15.44
N LEU F 78 19.63 47.06 -14.14
CA LEU F 78 18.93 47.82 -13.10
C LEU F 78 18.92 49.35 -13.33
N GLU F 79 19.74 49.80 -14.25
CA GLU F 79 19.84 51.23 -14.50
C GLU F 79 18.78 51.73 -15.49
N GLN F 80 18.35 50.87 -16.41
CA GLN F 80 17.12 51.02 -17.18
C GLN F 80 15.83 51.04 -16.34
N LEU F 81 15.88 50.63 -15.07
CA LEU F 81 14.67 50.38 -14.28
C LEU F 81 14.48 51.45 -13.22
N ASN F 82 13.27 51.64 -12.70
CA ASN F 82 13.05 52.52 -11.56
C ASN F 82 13.11 51.77 -10.24
N GLN F 83 13.93 50.74 -10.11
CA GLN F 83 14.20 50.18 -8.78
C GLN F 83 15.15 51.07 -7.93
N PRO F 84 14.65 51.56 -6.78
CA PRO F 84 15.58 52.31 -5.93
C PRO F 84 16.66 51.50 -5.20
N GLU F 85 16.44 50.20 -4.99
CA GLU F 85 17.42 49.30 -4.39
C GLU F 85 17.63 48.12 -5.34
N ALA F 86 18.85 47.59 -5.40
CA ALA F 86 19.12 46.36 -6.11
C ALA F 86 18.99 45.21 -5.11
N HIS F 87 18.06 44.30 -5.33
CA HIS F 87 17.94 43.09 -4.52
C HIS F 87 18.31 41.84 -5.34
N LEU F 88 19.53 41.32 -5.16
CA LEU F 88 20.14 40.31 -6.04
C LEU F 88 20.55 39.10 -5.21
N TYR F 89 20.17 37.90 -5.60
CA TYR F 89 20.46 36.74 -4.76
C TYR F 89 20.94 35.61 -5.65
N GLN F 90 22.07 35.00 -5.32
CA GLN F 90 22.49 33.80 -6.03
C GLN F 90 21.66 32.55 -5.67
N ILE F 91 21.02 31.93 -6.66
CA ILE F 91 20.30 30.71 -6.37
C ILE F 91 20.46 29.78 -7.56
N ASP F 92 21.30 28.76 -7.38
CA ASP F 92 21.36 27.64 -8.33
C ASP F 92 20.26 26.64 -7.95
N VAL F 93 19.27 26.43 -8.81
CA VAL F 93 18.11 25.62 -8.39
C VAL F 93 18.41 24.10 -8.38
N GLN F 94 19.63 23.69 -8.73
CA GLN F 94 20.07 22.31 -8.47
C GLN F 94 20.29 22.01 -6.99
N SER F 95 20.43 23.05 -6.18
CA SER F 95 20.78 22.87 -4.77
C SER F 95 19.55 23.23 -3.93
N ASP F 96 19.02 22.26 -3.16
CA ASP F 96 17.91 22.58 -2.27
C ASP F 96 18.33 23.67 -1.27
N GLU F 97 19.49 23.48 -0.67
CA GLU F 97 19.99 24.43 0.31
C GLU F 97 20.01 25.89 -0.21
N GLU F 98 20.44 26.08 -1.45
CA GLU F 98 20.38 27.42 -2.07
C GLU F 98 18.97 27.99 -2.26
N VAL F 99 18.03 27.19 -2.77
CA VAL F 99 16.62 27.63 -2.86
C VAL F 99 16.06 27.97 -1.44
N ILE F 100 16.30 27.08 -0.47
CA ILE F 100 15.78 27.29 0.89
C ILE F 100 16.40 28.54 1.53
N ASN F 101 17.73 28.61 1.55
CA ASN F 101 18.43 29.76 2.15
C ASN F 101 18.21 31.06 1.38
N GLY F 102 18.16 30.97 0.05
CA GLY F 102 17.81 32.11 -0.82
C GLY F 102 16.48 32.80 -0.54
N PHE F 103 15.39 32.04 -0.46
CA PHE F 103 14.07 32.59 -0.17
C PHE F 103 13.91 33.01 1.29
N GLU F 104 14.60 32.33 2.19
CA GLU F 104 14.58 32.73 3.59
C GLU F 104 15.22 34.12 3.70
N GLN F 105 16.24 34.36 2.89
CA GLN F 105 16.95 35.64 2.94
C GLN F 105 16.11 36.75 2.33
N ILE F 106 15.49 36.43 1.20
CA ILE F 106 14.58 37.36 0.56
C ILE F 106 13.51 37.81 1.55
N GLY F 107 12.98 36.87 2.32
CA GLY F 107 11.95 37.20 3.31
C GLY F 107 12.45 38.10 4.40
N LYS F 108 13.70 37.91 4.83
CA LYS F 108 14.26 38.71 5.90
C LYS F 108 14.62 40.11 5.41
N ASP F 109 14.94 40.17 4.13
CA ASP F 109 15.34 41.43 3.52
C ASP F 109 14.20 42.28 2.93
N VAL F 110 13.14 41.70 2.37
CA VAL F 110 12.00 42.49 1.87
C VAL F 110 10.64 42.14 2.48
N GLY F 111 10.57 41.16 3.39
CA GLY F 111 9.27 40.73 3.92
C GLY F 111 8.53 39.81 2.96
N ASN F 112 7.20 39.77 3.01
CA ASN F 112 6.41 38.86 2.17
C ASN F 112 6.29 39.34 0.72
N ILE F 113 6.04 38.39 -0.18
CA ILE F 113 6.03 38.66 -1.60
C ILE F 113 4.66 38.31 -2.16
N ASP F 114 4.38 38.77 -3.36
CA ASP F 114 3.07 38.58 -3.90
C ASP F 114 3.18 37.53 -5.01
N GLY F 115 4.40 37.28 -5.48
CA GLY F 115 4.50 36.22 -6.52
C GLY F 115 5.91 35.99 -7.00
N VAL F 116 6.05 35.07 -7.95
CA VAL F 116 7.35 34.58 -8.44
C VAL F 116 7.22 34.36 -9.93
N TYR F 117 8.14 34.90 -10.75
CA TYR F 117 8.27 34.54 -12.16
C TYR F 117 9.45 33.59 -12.35
N HIS F 118 9.20 32.39 -12.88
CA HIS F 118 10.24 31.37 -13.02
C HIS F 118 10.60 31.32 -14.51
N SER F 119 11.84 31.60 -14.84
CA SER F 119 12.25 31.65 -16.23
C SER F 119 13.55 30.86 -16.38
N ILE F 120 13.54 29.62 -15.91
CA ILE F 120 14.76 28.81 -15.78
C ILE F 120 14.57 27.47 -16.51
N ALA F 121 15.51 27.17 -17.40
CA ALA F 121 15.63 25.82 -17.99
C ALA F 121 17.07 25.61 -18.42
N PHE F 122 17.43 24.34 -18.58
CA PHE F 122 18.75 23.98 -19.07
C PHE F 122 18.72 22.57 -19.65
N ALA F 123 19.47 22.37 -20.74
CA ALA F 123 19.84 21.03 -21.19
C ALA F 123 21.20 21.12 -21.89
N ASN F 124 21.91 19.99 -21.94
CA ASN F 124 23.19 19.86 -22.65
C ASN F 124 22.96 20.00 -24.15
N MET F 125 23.87 20.74 -24.78
N MET F 125 23.82 20.80 -24.80
CA MET F 125 24.01 20.78 -26.24
CA MET F 125 23.65 21.25 -26.20
C MET F 125 24.04 19.38 -26.79
C MET F 125 23.23 20.14 -27.15
N GLU F 126 24.80 18.48 -26.18
N GLU F 126 23.90 19.00 -27.08
CA GLU F 126 25.02 17.22 -26.87
CA GLU F 126 23.70 17.93 -28.07
C GLU F 126 23.88 16.21 -26.73
C GLU F 126 22.39 17.18 -27.83
N ASP F 127 23.05 16.34 -25.71
N ASP F 127 21.63 17.63 -26.85
CA ASP F 127 21.72 15.70 -25.82
CA ASP F 127 20.29 17.08 -26.62
C ASP F 127 20.78 16.43 -26.80
C ASP F 127 19.20 18.01 -27.17
N LEU F 128 20.69 17.76 -26.75
N LEU F 128 19.55 18.85 -28.15
CA LEU F 128 19.83 18.53 -27.68
CA LEU F 128 18.64 19.86 -28.73
C LEU F 128 20.11 18.33 -29.19
C LEU F 128 18.80 20.00 -30.26
N ARG F 129 21.39 18.31 -29.54
N ARG F 129 19.24 18.90 -30.86
CA ARG F 129 21.83 18.14 -30.92
CA ARG F 129 19.39 18.74 -32.30
C ARG F 129 22.11 16.69 -31.30
C ARG F 129 19.45 17.23 -32.41
N GLY F 130 21.23 15.78 -30.90
N GLY F 130 19.47 16.70 -33.64
CA GLY F 130 21.30 14.39 -31.34
CA GLY F 130 19.69 15.27 -33.85
C GLY F 130 19.89 13.90 -31.48
C GLY F 130 18.57 14.42 -33.29
N ARG F 131 19.70 12.68 -31.98
N ARG F 131 18.91 13.21 -32.86
CA ARG F 131 18.39 12.06 -32.15
CA ARG F 131 17.93 12.19 -32.56
C ARG F 131 17.73 11.94 -30.80
C ARG F 131 17.69 11.99 -31.07
N PHE F 132 16.42 12.15 -30.71
CA PHE F 132 15.89 12.01 -29.34
C PHE F 132 16.11 10.61 -28.72
N SER F 133 16.03 9.54 -29.51
CA SER F 133 16.17 8.18 -28.96
C SER F 133 17.60 7.94 -28.39
N GLU F 134 18.56 8.80 -28.70
CA GLU F 134 19.94 8.69 -28.20
C GLU F 134 20.19 9.50 -26.94
N THR F 135 19.16 10.14 -26.38
CA THR F 135 19.34 10.95 -25.16
C THR F 135 19.88 10.08 -24.01
N SER F 136 20.89 10.61 -23.32
CA SER F 136 21.58 9.96 -22.22
C SER F 136 20.68 10.12 -20.99
N ARG F 137 20.74 9.13 -20.10
CA ARG F 137 20.03 9.19 -18.81
C ARG F 137 20.42 10.44 -18.01
N GLU F 138 21.72 10.73 -17.96
CA GLU F 138 22.18 11.85 -17.14
C GLU F 138 21.64 13.19 -17.69
N GLY F 139 21.61 13.32 -19.01
CA GLY F 139 21.12 14.57 -19.62
C GLY F 139 19.60 14.74 -19.54
N PHE F 140 18.87 13.64 -19.59
CA PHE F 140 17.42 13.66 -19.44
C PHE F 140 17.08 14.09 -18.03
N LEU F 141 17.75 13.49 -17.04
CA LEU F 141 17.44 13.81 -15.66
C LEU F 141 17.94 15.22 -15.32
N LEU F 142 19.07 15.66 -15.91
CA LEU F 142 19.54 17.05 -15.72
C LEU F 142 18.47 18.10 -16.15
N ALA F 143 17.89 17.87 -17.33
CA ALA F 143 16.88 18.77 -17.84
C ALA F 143 15.59 18.76 -16.98
N GLN F 144 15.19 17.58 -16.50
CA GLN F 144 14.05 17.51 -15.56
C GLN F 144 14.33 18.30 -14.29
N ASP F 145 15.51 18.09 -13.74
CA ASP F 145 15.89 18.63 -12.44
C ASP F 145 15.81 20.16 -12.53
N ILE F 146 16.49 20.74 -13.53
CA ILE F 146 16.59 22.21 -13.62
C ILE F 146 15.29 22.84 -14.13
N SER F 147 14.64 22.20 -15.10
CA SER F 147 13.60 22.90 -15.88
C SER F 147 12.20 22.58 -15.34
N SER F 148 12.08 21.57 -14.47
CA SER F 148 10.77 21.16 -13.98
C SER F 148 10.74 21.04 -12.47
N TYR F 149 11.59 20.18 -11.91
CA TYR F 149 11.59 20.00 -10.48
C TYR F 149 11.79 21.34 -9.81
N SER F 150 12.68 22.18 -10.35
CA SER F 150 12.95 23.48 -9.67
C SER F 150 11.66 24.26 -9.36
N LEU F 151 10.64 24.20 -10.22
CA LEU F 151 9.36 24.89 -9.93
C LEU F 151 8.76 24.44 -8.60
N THR F 152 8.81 23.13 -8.35
CA THR F 152 8.18 22.51 -7.17
C THR F 152 8.85 22.98 -5.90
N ILE F 153 10.18 22.90 -5.87
CA ILE F 153 10.90 23.33 -4.70
CA ILE F 153 10.89 23.33 -4.68
C ILE F 153 10.82 24.86 -4.53
N VAL F 154 10.93 25.61 -5.63
CA VAL F 154 10.69 27.04 -5.54
C VAL F 154 9.32 27.38 -4.93
N ALA F 155 8.26 26.73 -5.43
CA ALA F 155 6.91 26.97 -4.91
C ALA F 155 6.80 26.67 -3.41
N HIS F 156 7.46 25.57 -3.01
CA HIS F 156 7.42 25.21 -1.57
C HIS F 156 8.03 26.29 -0.69
N GLU F 157 9.16 26.82 -1.15
CA GLU F 157 9.87 27.82 -0.33
C GLU F 157 9.21 29.18 -0.44
N ALA F 158 8.74 29.53 -1.64
CA ALA F 158 8.06 30.82 -1.87
C ALA F 158 6.73 30.95 -1.13
N LYS F 159 6.00 29.84 -0.97
CA LYS F 159 4.73 29.86 -0.22
C LYS F 159 4.88 30.38 1.24
N LYS F 160 6.01 30.10 1.84
CA LYS F 160 6.33 30.64 3.16
C LYS F 160 6.33 32.18 3.24
N LEU F 161 6.53 32.87 2.11
CA LEU F 161 6.47 34.35 2.04
C LEU F 161 5.14 34.87 1.47
N MET F 162 4.18 33.95 1.25
CA MET F 162 2.84 34.30 0.75
C MET F 162 1.68 33.84 1.65
N PRO F 163 1.66 34.30 2.93
CA PRO F 163 0.68 33.75 3.88
C PRO F 163 -0.76 34.09 3.52
N GLU F 164 -0.96 35.21 2.84
CA GLU F 164 -2.28 35.59 2.32
C GLU F 164 -2.52 35.25 0.84
N GLY F 165 -1.61 34.49 0.23
CA GLY F 165 -1.83 34.09 -1.17
C GLY F 165 -0.90 34.83 -2.14
N GLY F 166 -0.92 34.45 -3.41
CA GLY F 166 0.14 34.85 -4.30
C GLY F 166 -0.08 34.26 -5.67
N SER F 167 0.89 34.50 -6.55
CA SER F 167 0.80 34.04 -7.94
C SER F 167 2.20 33.60 -8.41
N ILE F 168 2.30 32.40 -8.98
CA ILE F 168 3.56 31.86 -9.44
C ILE F 168 3.43 31.56 -10.92
N VAL F 169 4.35 32.07 -11.74
CA VAL F 169 4.21 31.84 -13.16
C VAL F 169 5.50 31.19 -13.70
N ALA F 170 5.38 30.19 -14.59
CA ALA F 170 6.55 29.59 -15.21
C ALA F 170 6.51 29.72 -16.74
N THR F 171 7.64 29.49 -17.41
CA THR F 171 7.71 29.80 -18.84
C THR F 171 7.83 28.46 -19.54
N THR F 172 6.92 28.17 -20.46
CA THR F 172 7.04 26.94 -21.23
C THR F 172 7.07 27.22 -22.75
N TYR F 173 7.02 26.17 -23.56
CA TYR F 173 7.08 26.30 -25.01
C TYR F 173 6.15 25.16 -25.49
N LEU F 174 5.53 25.39 -26.64
CA LEU F 174 4.66 24.46 -27.34
C LEU F 174 5.28 23.09 -27.57
N GLY F 175 6.61 23.00 -27.63
CA GLY F 175 7.26 21.69 -27.63
C GLY F 175 6.99 20.80 -26.42
N GLY F 176 6.39 21.31 -25.33
CA GLY F 176 5.95 20.45 -24.23
C GLY F 176 4.62 19.80 -24.59
N GLU F 177 3.91 20.33 -25.58
CA GLU F 177 2.58 19.81 -25.90
C GLU F 177 2.62 18.95 -27.16
N PHE F 178 3.55 19.21 -28.08
CA PHE F 178 3.67 18.52 -29.39
C PHE F 178 5.15 18.23 -29.65
N ALA F 179 5.47 17.23 -30.44
CA ALA F 179 6.87 16.95 -30.72
C ALA F 179 7.38 17.93 -31.79
N VAL F 180 8.26 18.85 -31.41
CA VAL F 180 8.82 19.84 -32.35
C VAL F 180 10.21 19.33 -32.82
N GLN F 181 10.55 19.37 -34.12
CA GLN F 181 11.92 18.95 -34.52
C GLN F 181 13.01 19.61 -33.66
N ASN F 182 14.05 18.87 -33.23
CA ASN F 182 15.20 19.43 -32.49
C ASN F 182 15.01 19.84 -31.02
N TYR F 183 13.78 19.98 -30.54
CA TYR F 183 13.62 20.47 -29.18
C TYR F 183 13.84 19.32 -28.19
N ASN F 184 13.57 18.11 -28.65
CA ASN F 184 14.03 16.86 -28.06
C ASN F 184 13.90 16.76 -26.53
N VAL F 185 14.97 16.51 -25.81
CA VAL F 185 14.86 16.35 -24.34
C VAL F 185 14.16 17.54 -23.64
N MET F 186 14.27 18.74 -24.22
CA MET F 186 13.60 19.86 -23.58
C MET F 186 12.06 19.79 -23.78
N GLY F 187 11.57 19.11 -24.83
CA GLY F 187 10.10 19.01 -24.96
C GLY F 187 9.55 18.12 -23.82
N VAL F 188 10.28 17.05 -23.46
CA VAL F 188 9.84 16.13 -22.40
C VAL F 188 9.93 16.87 -21.07
N ALA F 189 10.95 17.70 -20.88
CA ALA F 189 11.04 18.49 -19.66
C ALA F 189 9.90 19.52 -19.54
N LYS F 190 9.49 20.12 -20.68
CA LYS F 190 8.38 21.10 -20.65
C LYS F 190 7.04 20.43 -20.46
N ALA F 191 6.86 19.21 -20.96
CA ALA F 191 5.66 18.47 -20.61
C ALA F 191 5.55 18.22 -19.09
N SER F 192 6.66 17.86 -18.46
CA SER F 192 6.78 17.61 -17.04
C SER F 192 6.49 18.94 -16.33
N LEU F 193 7.04 20.03 -16.85
CA LEU F 193 6.84 21.36 -16.20
C LEU F 193 5.36 21.80 -16.27
N GLU F 194 4.71 21.54 -17.38
CA GLU F 194 3.30 21.90 -17.49
C GLU F 194 2.41 21.04 -16.55
N ALA F 195 2.74 19.75 -16.39
CA ALA F 195 2.03 18.92 -15.40
C ALA F 195 2.34 19.39 -13.99
N ASN F 196 3.60 19.81 -13.75
CA ASN F 196 4.00 20.37 -12.44
C ASN F 196 3.10 21.57 -12.09
N VAL F 197 3.00 22.54 -13.01
CA VAL F 197 2.03 23.63 -12.88
C VAL F 197 0.63 23.16 -12.42
N LYS F 198 0.05 22.12 -13.05
CA LYS F 198 -1.34 21.76 -12.70
C LYS F 198 -1.40 21.11 -11.31
N TYR F 199 -0.38 20.30 -10.98
CA TYR F 199 -0.32 19.69 -9.63
C TYR F 199 -0.09 20.70 -8.54
N LEU F 200 0.79 21.69 -8.80
CA LEU F 200 1.00 22.75 -7.83
C LEU F 200 -0.30 23.54 -7.72
N ALA F 201 -0.97 23.82 -8.84
CA ALA F 201 -2.22 24.59 -8.74
C ALA F 201 -3.25 23.89 -7.82
N LEU F 202 -3.41 22.57 -7.98
CA LEU F 202 -4.34 21.78 -7.16
C LEU F 202 -3.87 21.82 -5.68
N ASP F 203 -2.57 21.61 -5.45
CA ASP F 203 -2.06 21.57 -4.04
C ASP F 203 -2.19 22.93 -3.34
N LEU F 204 -1.76 24.00 -4.01
CA LEU F 204 -1.64 25.34 -3.35
C LEU F 204 -2.89 26.22 -3.49
N GLY F 205 -3.83 25.86 -4.36
CA GLY F 205 -5.09 26.63 -4.43
C GLY F 205 -5.78 26.95 -3.12
N PRO F 206 -5.89 25.96 -2.19
CA PRO F 206 -6.49 26.25 -0.88
C PRO F 206 -5.70 27.25 -0.04
N ASP F 207 -4.43 27.46 -0.37
CA ASP F 207 -3.66 28.56 0.28
C ASP F 207 -3.79 29.87 -0.49
N ASN F 208 -4.67 29.88 -1.50
CA ASN F 208 -4.93 31.02 -2.36
C ASN F 208 -3.70 31.40 -3.19
N ILE F 209 -2.96 30.39 -3.61
CA ILE F 209 -1.74 30.67 -4.34
C ILE F 209 -2.03 30.10 -5.72
N ARG F 210 -2.03 30.95 -6.75
CA ARG F 210 -2.37 30.44 -8.12
C ARG F 210 -1.09 30.08 -8.87
N VAL F 211 -1.14 29.14 -9.82
CA VAL F 211 0.07 28.69 -10.53
C VAL F 211 -0.32 28.51 -11.96
N ASN F 212 0.43 29.15 -12.86
CA ASN F 212 0.07 29.21 -14.26
C ASN F 212 1.34 29.17 -15.11
N ALA F 213 1.18 28.88 -16.39
CA ALA F 213 2.30 28.94 -17.29
C ALA F 213 2.02 29.98 -18.40
N ILE F 214 3.11 30.54 -18.96
CA ILE F 214 3.07 31.21 -20.25
C ILE F 214 3.85 30.38 -21.27
N SER F 215 3.17 29.99 -22.35
CA SER F 215 3.79 29.32 -23.49
C SER F 215 4.19 30.41 -24.51
N ALA F 216 5.45 30.85 -24.38
CA ALA F 216 6.03 31.86 -25.24
C ALA F 216 6.34 31.29 -26.61
N GLY F 217 6.07 32.08 -27.66
CA GLY F 217 6.64 31.87 -29.00
C GLY F 217 8.15 31.99 -29.01
N PRO F 218 8.81 31.56 -30.11
CA PRO F 218 10.27 31.69 -30.19
C PRO F 218 10.75 33.15 -30.19
N ILE F 219 11.80 33.36 -29.40
CA ILE F 219 12.44 34.65 -29.18
C ILE F 219 13.98 34.48 -29.14
N ARG F 220 14.73 35.33 -29.84
CA ARG F 220 16.18 35.17 -29.91
C ARG F 220 16.81 35.53 -28.55
N THR F 221 17.27 34.52 -27.80
CA THR F 221 17.86 34.72 -26.48
C THR F 221 19.13 33.86 -26.45
N LEU F 222 19.92 33.94 -25.38
CA LEU F 222 21.10 33.10 -25.31
C LEU F 222 20.75 31.60 -25.30
N SER F 223 19.68 31.22 -24.62
CA SER F 223 19.30 29.82 -24.60
C SER F 223 18.83 29.29 -25.95
N ALA F 224 18.19 30.13 -26.77
CA ALA F 224 17.71 29.65 -28.10
C ALA F 224 18.85 29.13 -28.97
N LYS F 225 20.08 29.53 -28.67
CA LYS F 225 21.24 29.03 -29.42
C LYS F 225 21.41 27.52 -29.24
N GLY F 226 20.84 26.95 -28.18
CA GLY F 226 20.90 25.50 -28.04
C GLY F 226 20.00 24.78 -29.03
N VAL F 227 18.98 25.44 -29.55
CA VAL F 227 17.98 24.74 -30.32
C VAL F 227 18.39 24.70 -31.82
N GLY F 228 18.65 23.54 -32.37
CA GLY F 228 18.86 23.39 -33.83
C GLY F 228 17.72 23.99 -34.65
N GLY F 229 18.05 24.53 -35.82
CA GLY F 229 17.07 25.14 -36.72
C GLY F 229 16.25 26.31 -36.18
N PHE F 230 16.78 27.00 -35.17
CA PHE F 230 16.03 28.09 -34.56
C PHE F 230 15.51 29.13 -35.58
N ASN F 231 16.34 29.50 -36.55
CA ASN F 231 15.93 30.48 -37.53
C ASN F 231 14.81 30.00 -38.44
N THR F 232 14.73 28.70 -38.71
CA THR F 232 13.56 28.27 -39.48
C THR F 232 12.28 28.22 -38.65
N ILE F 233 12.40 28.19 -37.32
CA ILE F 233 11.27 28.19 -36.40
C ILE F 233 10.65 29.59 -36.39
N LEU F 234 11.51 30.60 -36.29
CA LEU F 234 11.09 32.01 -36.34
C LEU F 234 10.40 32.36 -37.66
N LYS F 235 10.99 31.90 -38.76
CA LYS F 235 10.41 32.17 -40.07
C LYS F 235 9.04 31.48 -40.24
N GLU F 236 8.88 30.30 -39.67
CA GLU F 236 7.60 29.61 -39.80
C GLU F 236 6.49 30.38 -39.06
N ILE F 237 6.85 31.06 -37.97
CA ILE F 237 5.88 31.86 -37.24
C ILE F 237 5.42 33.08 -38.07
N GLU F 238 6.37 33.79 -38.69
CA GLU F 238 6.04 34.90 -39.57
C GLU F 238 5.13 34.47 -40.71
N GLU F 239 5.45 33.34 -41.35
CA GLU F 239 4.67 32.84 -42.46
C GLU F 239 3.30 32.22 -42.10
N ARG F 240 3.16 31.53 -40.97
CA ARG F 240 1.97 30.71 -40.78
CA ARG F 240 2.01 30.65 -40.73
C ARG F 240 1.08 31.08 -39.58
N ALA F 241 1.62 31.77 -38.59
CA ALA F 241 0.85 32.12 -37.39
C ALA F 241 -0.22 33.19 -37.75
N PRO F 242 -1.40 33.14 -37.10
CA PRO F 242 -2.47 34.10 -37.34
C PRO F 242 -2.00 35.55 -37.43
N LEU F 243 -1.14 35.99 -36.51
CA LEU F 243 -0.70 37.39 -36.55
C LEU F 243 0.39 37.61 -37.59
N LYS F 244 0.98 36.53 -38.08
CA LYS F 244 1.98 36.64 -39.14
C LYS F 244 3.19 37.48 -38.73
N ARG F 245 3.55 37.42 -37.45
CA ARG F 245 4.74 38.08 -36.94
C ARG F 245 5.20 37.29 -35.71
N ASN F 246 6.42 37.54 -35.27
CA ASN F 246 6.93 36.94 -34.04
C ASN F 246 6.59 37.82 -32.83
N VAL F 247 6.69 37.27 -31.62
CA VAL F 247 6.41 38.04 -30.40
C VAL F 247 7.74 38.47 -29.81
N ASP F 248 7.69 39.33 -28.79
CA ASP F 248 8.94 39.74 -28.16
C ASP F 248 8.83 39.60 -26.65
N GLN F 249 9.92 39.84 -25.95
CA GLN F 249 9.96 39.58 -24.51
C GLN F 249 8.93 40.41 -23.77
N VAL F 250 8.79 41.68 -24.18
CA VAL F 250 7.80 42.57 -23.56
C VAL F 250 6.35 42.05 -23.69
N GLU F 251 6.03 41.38 -24.79
CA GLU F 251 4.68 40.81 -24.86
C GLU F 251 4.48 39.75 -23.81
N VAL F 252 5.53 38.96 -23.53
CA VAL F 252 5.44 37.90 -22.54
C VAL F 252 5.27 38.57 -21.20
N GLY F 253 6.09 39.63 -20.99
CA GLY F 253 5.98 40.48 -19.78
C GLY F 253 4.61 41.05 -19.47
N LYS F 254 3.89 41.50 -20.51
CA LYS F 254 2.54 42.06 -20.29
C LYS F 254 1.56 40.95 -19.83
N THR F 255 1.66 39.75 -20.39
CA THR F 255 0.83 38.64 -19.97
C THR F 255 1.26 38.15 -18.57
N ALA F 256 2.54 38.29 -18.22
CA ALA F 256 2.98 37.98 -16.87
C ALA F 256 2.36 38.93 -15.84
N ALA F 257 2.30 40.22 -16.17
CA ALA F 257 1.65 41.18 -15.29
C ALA F 257 0.18 40.82 -15.05
N TYR F 258 -0.55 40.45 -16.10
CA TYR F 258 -1.91 39.95 -15.89
C TYR F 258 -1.94 38.75 -14.94
N LEU F 259 -1.12 37.72 -15.23
CA LEU F 259 -1.08 36.47 -14.41
C LEU F 259 -0.63 36.72 -12.97
N LEU F 260 0.23 37.73 -12.80
CA LEU F 260 0.74 38.00 -11.46
C LEU F 260 -0.15 38.95 -10.65
N SER F 261 -1.14 39.56 -11.29
CA SER F 261 -1.95 40.56 -10.61
C SER F 261 -3.36 40.03 -10.26
N ASP F 262 -4.19 40.84 -9.62
CA ASP F 262 -5.59 40.49 -9.33
C ASP F 262 -6.46 40.44 -10.58
N LEU F 263 -5.94 40.86 -11.73
CA LEU F 263 -6.74 40.79 -12.93
C LEU F 263 -7.04 39.35 -13.29
N SER F 264 -6.19 38.41 -12.87
CA SER F 264 -6.37 37.01 -13.22
C SER F 264 -6.84 36.17 -12.05
N SER F 265 -7.65 36.73 -11.14
N SER F 265 -7.65 36.77 -11.18
CA SER F 265 -7.80 36.10 -9.81
CA SER F 265 -8.24 36.04 -10.07
C SER F 265 -8.61 34.79 -9.84
C SER F 265 -9.23 35.06 -10.68
N GLY F 266 -9.35 34.57 -10.93
N GLY F 266 -9.28 33.86 -10.14
CA GLY F 266 -10.11 33.34 -11.17
CA GLY F 266 -10.07 32.80 -10.79
C GLY F 266 -9.39 32.22 -11.91
C GLY F 266 -9.32 32.02 -11.86
N VAL F 267 -8.11 32.46 -12.22
CA VAL F 267 -7.33 31.69 -13.22
C VAL F 267 -6.16 30.94 -12.54
N THR F 268 -6.18 29.62 -12.54
CA THR F 268 -5.06 28.82 -12.02
C THR F 268 -4.99 27.49 -12.78
N GLY F 269 -3.79 26.95 -12.90
CA GLY F 269 -3.60 25.69 -13.63
C GLY F 269 -3.68 25.92 -15.13
N GLU F 270 -3.54 27.19 -15.54
CA GLU F 270 -3.73 27.55 -16.96
C GLU F 270 -2.39 27.74 -17.72
N ASN F 271 -2.43 27.52 -19.03
CA ASN F 271 -1.24 27.70 -19.89
C ASN F 271 -1.60 28.77 -20.95
N ILE F 272 -1.10 30.01 -20.86
CA ILE F 272 -1.50 31.07 -21.81
C ILE F 272 -0.47 31.20 -22.93
N HIS F 273 -0.91 30.96 -24.17
CA HIS F 273 0.04 30.99 -25.30
C HIS F 273 0.26 32.42 -25.82
N VAL F 274 1.49 32.92 -25.66
CA VAL F 274 1.88 34.23 -26.18
C VAL F 274 2.75 34.02 -27.43
N ASP F 275 2.08 33.76 -28.55
CA ASP F 275 2.78 33.16 -29.66
C ASP F 275 2.14 33.53 -30.99
N SER F 276 1.47 34.70 -31.02
CA SER F 276 0.85 35.12 -32.28
C SER F 276 -0.21 34.18 -32.80
N GLY F 277 -0.75 33.32 -31.93
CA GLY F 277 -1.79 32.35 -32.30
C GLY F 277 -1.30 31.05 -32.91
N PHE F 278 0.01 30.82 -32.94
CA PHE F 278 0.57 29.62 -33.61
C PHE F 278 0.06 28.31 -33.03
N HIS F 279 -0.19 28.25 -31.73
CA HIS F 279 -0.74 27.02 -31.08
C HIS F 279 -2.10 26.59 -31.67
N ALA F 280 -2.80 27.50 -32.33
CA ALA F 280 -4.22 27.25 -32.63
C ALA F 280 -4.37 26.74 -34.05
N ILE F 281 -3.25 26.63 -34.76
CA ILE F 281 -3.25 26.25 -36.18
C ILE F 281 -2.47 24.95 -36.47
N LYS F 282 -2.76 24.33 -37.59
CA LYS F 282 -1.95 23.24 -38.14
C LYS F 282 -1.97 23.41 -39.66
N ASN G 29 -5.60 50.88 -18.39
CA ASN G 29 -6.20 52.18 -18.77
C ASN G 29 -6.86 52.15 -20.16
N LEU G 30 -8.19 52.13 -20.21
CA LEU G 30 -8.91 52.07 -21.47
C LEU G 30 -9.58 53.39 -21.84
N GLU G 31 -9.06 54.52 -21.37
CA GLU G 31 -9.60 55.80 -21.79
C GLU G 31 -9.41 56.00 -23.29
N ASN G 32 -10.40 56.61 -23.93
CA ASN G 32 -10.40 56.72 -25.39
C ASN G 32 -10.46 55.40 -26.17
N LYS G 33 -10.82 54.31 -25.50
CA LYS G 33 -11.27 53.08 -26.15
C LYS G 33 -12.80 52.99 -26.19
N THR G 34 -13.31 52.30 -27.21
CA THR G 34 -14.75 52.04 -27.31
C THR G 34 -15.03 50.56 -27.57
N TYR G 35 -15.87 49.93 -26.74
CA TYR G 35 -16.17 48.49 -26.84
C TYR G 35 -17.66 48.24 -26.98
N VAL G 36 -18.06 47.34 -27.88
CA VAL G 36 -19.46 46.95 -28.02
C VAL G 36 -19.68 45.70 -27.14
N ILE G 37 -20.64 45.73 -26.24
CA ILE G 37 -20.92 44.61 -25.34
C ILE G 37 -22.27 44.04 -25.70
N MET G 38 -22.28 42.79 -26.16
CA MET G 38 -23.50 42.16 -26.68
C MET G 38 -24.03 41.12 -25.70
N GLY G 39 -25.29 41.22 -25.27
CA GLY G 39 -25.80 40.24 -24.32
C GLY G 39 -26.05 40.51 -22.84
N ILE G 40 -26.20 41.78 -22.42
CA ILE G 40 -26.71 42.05 -21.10
C ILE G 40 -28.24 41.91 -21.08
N ALA G 41 -28.76 41.08 -20.17
CA ALA G 41 -30.22 40.96 -19.92
C ALA G 41 -30.59 41.60 -18.59
N ASN G 42 -29.71 41.48 -17.60
CA ASN G 42 -30.03 41.94 -16.25
C ASN G 42 -28.76 42.06 -15.43
N LYS G 43 -28.86 42.42 -14.15
CA LYS G 43 -27.65 42.70 -13.35
C LYS G 43 -26.77 41.48 -13.10
N ARG G 44 -27.30 40.28 -13.31
CA ARG G 44 -26.51 39.05 -13.12
C ARG G 44 -25.85 38.59 -14.43
N SER G 45 -26.17 39.21 -15.57
CA SER G 45 -25.49 38.83 -16.80
C SER G 45 -23.95 38.87 -16.64
N ILE G 46 -23.30 37.83 -17.13
CA ILE G 46 -21.83 37.87 -17.32
C ILE G 46 -21.40 39.15 -18.07
N ALA G 47 -22.14 39.53 -19.11
CA ALA G 47 -21.80 40.78 -19.85
C ALA G 47 -21.88 42.03 -18.96
N PHE G 48 -22.66 42.00 -17.88
CA PHE G 48 -22.67 43.21 -17.04
C PHE G 48 -21.43 43.31 -16.11
N GLY G 49 -20.91 42.16 -15.63
CA GLY G 49 -19.59 42.11 -14.99
C GLY G 49 -18.49 42.68 -15.89
N VAL G 50 -18.50 42.28 -17.16
CA VAL G 50 -17.62 42.87 -18.15
C VAL G 50 -17.80 44.40 -18.24
N ALA G 51 -19.05 44.86 -18.40
CA ALA G 51 -19.35 46.30 -18.44
C ALA G 51 -18.85 47.07 -17.22
N LYS G 52 -19.07 46.55 -16.01
CA LYS G 52 -18.62 47.28 -14.82
C LYS G 52 -17.11 47.45 -14.84
N VAL G 53 -16.38 46.42 -15.27
CA VAL G 53 -14.89 46.50 -15.24
C VAL G 53 -14.38 47.46 -16.32
N LEU G 54 -14.86 47.33 -17.55
CA LEU G 54 -14.45 48.23 -18.62
C LEU G 54 -14.84 49.70 -18.37
N ASP G 55 -15.95 49.95 -17.70
CA ASP G 55 -16.43 51.31 -17.36
C ASP G 55 -15.52 51.89 -16.29
N GLN G 56 -15.16 51.04 -15.32
CA GLN G 56 -14.31 51.49 -14.22
C GLN G 56 -12.90 51.80 -14.76
N LEU G 57 -12.59 51.28 -15.95
CA LEU G 57 -11.27 51.53 -16.53
C LEU G 57 -11.24 52.66 -17.57
N GLY G 58 -12.35 53.37 -17.69
CA GLY G 58 -12.44 54.55 -18.54
C GLY G 58 -12.94 54.34 -19.97
N ALA G 59 -13.29 53.11 -20.37
CA ALA G 59 -13.81 52.89 -21.73
C ALA G 59 -15.17 53.52 -21.98
N LYS G 60 -15.41 53.90 -23.24
CA LYS G 60 -16.74 54.18 -23.74
C LYS G 60 -17.40 52.86 -24.22
N LEU G 61 -18.67 52.66 -23.84
CA LEU G 61 -19.37 51.40 -24.10
C LEU G 61 -20.64 51.60 -24.90
N VAL G 62 -20.88 50.66 -25.80
CA VAL G 62 -22.09 50.58 -26.60
C VAL G 62 -22.67 49.21 -26.25
N PHE G 63 -23.98 49.13 -26.10
CA PHE G 63 -24.68 47.90 -25.71
C PHE G 63 -25.69 47.48 -26.77
N THR G 64 -25.73 46.17 -27.03
CA THR G 64 -26.76 45.62 -27.91
C THR G 64 -27.63 44.63 -27.14
N TYR G 65 -28.89 44.52 -27.54
CA TYR G 65 -29.88 43.73 -26.79
C TYR G 65 -30.85 43.03 -27.77
N ARG G 66 -31.51 41.95 -27.34
CA ARG G 66 -32.58 41.42 -28.15
C ARG G 66 -33.96 41.91 -27.66
N LYS G 67 -34.34 41.58 -26.43
CA LYS G 67 -35.72 41.84 -25.98
C LYS G 67 -35.86 43.25 -25.45
N GLU G 68 -37.03 43.86 -25.64
CA GLU G 68 -37.38 45.14 -25.04
CA GLU G 68 -37.16 45.18 -25.08
C GLU G 68 -37.01 45.15 -23.56
N ARG G 69 -37.30 44.02 -22.91
CA ARG G 69 -37.14 43.96 -21.45
C ARG G 69 -35.67 44.12 -21.04
N SER G 70 -34.78 43.70 -21.92
CA SER G 70 -33.36 43.85 -21.69
C SER G 70 -32.93 45.30 -21.89
N ARG G 71 -33.54 45.99 -22.86
CA ARG G 71 -33.27 47.41 -23.00
CA ARG G 71 -33.29 47.42 -23.02
C ARG G 71 -33.69 48.15 -21.73
N LYS G 72 -34.89 47.87 -21.23
CA LYS G 72 -35.35 48.48 -19.98
C LYS G 72 -34.31 48.28 -18.87
N GLU G 73 -33.77 47.07 -18.79
CA GLU G 73 -32.79 46.77 -17.77
C GLU G 73 -31.44 47.50 -18.01
N LEU G 74 -30.98 47.55 -19.26
CA LEU G 74 -29.80 48.35 -19.58
C LEU G 74 -29.98 49.80 -19.14
N GLU G 75 -31.16 50.34 -19.40
CA GLU G 75 -31.43 51.73 -19.07
C GLU G 75 -31.26 51.95 -17.57
N LYS G 76 -31.72 51.01 -16.76
CA LYS G 76 -31.60 51.17 -15.30
C LYS G 76 -30.18 50.84 -14.78
N LEU G 77 -29.54 49.84 -15.38
CA LEU G 77 -28.15 49.51 -15.00
C LEU G 77 -27.11 50.57 -15.37
N LEU G 78 -27.35 51.33 -16.44
CA LEU G 78 -26.48 52.45 -16.83
C LEU G 78 -26.36 53.52 -15.75
N GLU G 79 -27.38 53.70 -14.91
CA GLU G 79 -27.31 54.69 -13.84
C GLU G 79 -26.24 54.35 -12.81
N GLN G 80 -25.82 53.08 -12.79
CA GLN G 80 -24.67 52.61 -12.00
C GLN G 80 -23.30 52.80 -12.63
N LEU G 81 -23.24 52.99 -13.94
CA LEU G 81 -21.95 53.19 -14.62
C LEU G 81 -21.56 54.68 -14.74
N ASN G 82 -20.38 54.94 -15.27
CA ASN G 82 -19.93 56.30 -15.56
C ASN G 82 -20.05 56.65 -17.04
N GLN G 83 -20.94 55.98 -17.77
CA GLN G 83 -21.14 56.33 -19.18
C GLN G 83 -22.00 57.59 -19.30
N PRO G 84 -21.46 58.66 -19.94
CA PRO G 84 -22.19 59.91 -19.99
C PRO G 84 -23.16 59.96 -21.17
N GLU G 85 -23.20 58.91 -21.98
CA GLU G 85 -24.40 58.66 -22.77
C GLU G 85 -24.68 57.20 -23.06
N ALA G 86 -25.98 56.97 -23.25
CA ALA G 86 -26.56 55.65 -23.35
C ALA G 86 -26.52 55.30 -24.83
N HIS G 87 -25.61 54.43 -25.24
CA HIS G 87 -25.60 53.97 -26.63
C HIS G 87 -26.22 52.56 -26.71
N LEU G 88 -27.47 52.45 -27.13
CA LEU G 88 -28.22 51.19 -27.03
C LEU G 88 -28.78 50.77 -28.38
N TYR G 89 -28.60 49.52 -28.79
CA TYR G 89 -28.99 49.12 -30.12
C TYR G 89 -29.62 47.75 -30.03
N GLN G 90 -30.77 47.57 -30.66
CA GLN G 90 -31.41 46.28 -30.68
C GLN G 90 -30.79 45.49 -31.80
N ILE G 91 -30.24 44.32 -31.49
CA ILE G 91 -29.68 43.43 -32.50
C ILE G 91 -30.08 42.01 -32.14
N ASP G 92 -30.99 41.43 -32.91
CA ASP G 92 -31.21 40.00 -32.83
C ASP G 92 -30.23 39.29 -33.78
N VAL G 93 -29.31 38.50 -33.23
CA VAL G 93 -28.25 37.86 -34.03
C VAL G 93 -28.75 36.80 -35.03
N GLN G 94 -30.01 36.36 -34.91
CA GLN G 94 -30.61 35.52 -35.96
C GLN G 94 -30.86 36.24 -37.29
N SER G 95 -30.80 37.57 -37.27
CA SER G 95 -31.11 38.37 -38.46
C SER G 95 -29.84 39.01 -39.03
N ASP G 96 -29.47 38.62 -40.25
CA ASP G 96 -28.32 39.26 -40.90
C ASP G 96 -28.53 40.77 -40.96
N GLU G 97 -29.72 41.17 -41.40
CA GLU G 97 -29.98 42.60 -41.58
CA GLU G 97 -30.08 42.59 -41.56
C GLU G 97 -29.85 43.36 -40.26
N GLU G 98 -30.25 42.76 -39.14
CA GLU G 98 -30.13 43.48 -37.88
C GLU G 98 -28.71 43.64 -37.42
N VAL G 99 -27.91 42.59 -37.62
CA VAL G 99 -26.49 42.65 -37.28
C VAL G 99 -25.83 43.67 -38.22
N ILE G 100 -26.14 43.59 -39.51
CA ILE G 100 -25.44 44.43 -40.49
C ILE G 100 -25.76 45.92 -40.24
N ASN G 101 -27.04 46.22 -40.04
CA ASN G 101 -27.49 47.61 -39.84
C ASN G 101 -27.17 48.15 -38.44
N GLY G 102 -27.09 47.29 -37.43
CA GLY G 102 -26.78 47.74 -36.08
C GLY G 102 -25.32 48.17 -35.95
N PHE G 103 -24.40 47.34 -36.45
CA PHE G 103 -23.00 47.75 -36.52
C PHE G 103 -22.80 48.98 -37.42
N GLU G 104 -23.47 49.03 -38.56
CA GLU G 104 -23.41 50.23 -39.41
C GLU G 104 -23.92 51.50 -38.71
N GLN G 105 -25.04 51.45 -38.00
CA GLN G 105 -25.47 52.55 -37.09
C GLN G 105 -24.46 52.89 -35.98
N ILE G 106 -23.92 51.88 -35.29
CA ILE G 106 -22.92 52.09 -34.24
C ILE G 106 -21.73 52.93 -34.74
N GLY G 107 -21.21 52.57 -35.91
CA GLY G 107 -20.11 53.32 -36.49
C GLY G 107 -20.48 54.76 -36.82
N LYS G 108 -21.74 55.01 -37.15
CA LYS G 108 -22.18 56.37 -37.47
C LYS G 108 -22.32 57.23 -36.23
N ASP G 109 -22.84 56.61 -35.17
CA ASP G 109 -23.09 57.29 -33.91
C ASP G 109 -21.82 57.50 -33.12
N VAL G 110 -20.88 56.56 -33.19
CA VAL G 110 -19.74 56.54 -32.26
C VAL G 110 -18.41 56.47 -33.01
N GLY G 111 -18.42 56.15 -34.30
CA GLY G 111 -17.17 56.00 -35.08
C GLY G 111 -16.52 54.61 -34.97
N ASN G 112 -15.20 54.56 -35.16
CA ASN G 112 -14.46 53.30 -35.04
C ASN G 112 -14.38 52.73 -33.62
N ILE G 113 -14.30 51.40 -33.51
CA ILE G 113 -14.29 50.71 -32.20
C ILE G 113 -13.00 49.90 -31.97
N ASP G 114 -12.79 49.50 -30.72
CA ASP G 114 -11.57 48.82 -30.30
C ASP G 114 -11.82 47.34 -30.10
N GLY G 115 -13.07 46.97 -29.89
CA GLY G 115 -13.38 45.56 -29.71
C GLY G 115 -14.83 45.25 -29.43
N VAL G 116 -15.12 43.96 -29.33
CA VAL G 116 -16.48 43.43 -29.12
C VAL G 116 -16.43 42.31 -28.08
N TYR G 117 -17.22 42.43 -27.03
CA TYR G 117 -17.48 41.30 -26.13
C TYR G 117 -18.81 40.63 -26.54
N HIS G 118 -18.73 39.35 -26.87
CA HIS G 118 -19.88 38.53 -27.29
C HIS G 118 -20.29 37.60 -26.11
N SER G 119 -21.46 37.85 -25.57
CA SER G 119 -21.96 37.08 -24.43
C SER G 119 -23.35 36.54 -24.76
N ILE G 120 -23.45 35.78 -25.85
CA ILE G 120 -24.78 35.49 -26.40
C ILE G 120 -24.89 33.98 -26.67
N ALA G 121 -25.90 33.32 -26.10
CA ALA G 121 -26.21 31.93 -26.44
C ALA G 121 -27.68 31.69 -26.20
N PHE G 122 -28.22 30.64 -26.81
CA PHE G 122 -29.58 30.24 -26.56
C PHE G 122 -29.75 28.76 -26.93
N ALA G 123 -30.56 28.03 -26.14
CA ALA G 123 -31.08 26.73 -26.60
C ALA G 123 -32.44 26.56 -25.96
N ASN G 124 -33.33 25.77 -26.57
CA ASN G 124 -34.63 25.45 -25.96
C ASN G 124 -34.46 24.63 -24.70
N MET G 125 -35.32 24.87 -23.70
N MET G 125 -35.32 24.90 -23.72
CA MET G 125 -35.25 24.22 -22.39
CA MET G 125 -35.53 24.01 -22.61
C MET G 125 -34.99 22.73 -22.43
C MET G 125 -35.87 22.62 -23.10
N GLU G 126 -35.88 22.03 -23.13
N GLU G 126 -36.72 22.55 -24.13
CA GLU G 126 -35.92 20.57 -23.19
CA GLU G 126 -37.19 21.28 -24.71
C GLU G 126 -34.61 19.99 -23.69
C GLU G 126 -36.11 20.34 -25.21
N ASP G 127 -33.73 20.85 -24.20
N ASP G 127 -35.11 20.83 -25.91
CA ASP G 127 -32.45 20.38 -24.74
CA ASP G 127 -33.96 19.95 -26.16
C ASP G 127 -31.30 20.60 -23.74
C ASP G 127 -32.96 19.85 -25.00
N LEU G 128 -31.61 20.82 -22.46
N LEU G 128 -32.79 20.89 -24.20
CA LEU G 128 -30.60 21.11 -21.41
CA LEU G 128 -31.80 20.81 -23.12
C LEU G 128 -30.77 20.20 -20.15
C LEU G 128 -32.18 19.79 -22.05
N ARG G 129 -31.35 19.03 -20.43
N ARG G 129 -33.45 19.74 -21.67
CA ARG G 129 -31.59 18.00 -19.44
CA ARG G 129 -33.91 18.85 -20.61
C ARG G 129 -31.93 16.73 -20.19
C ARG G 129 -34.20 17.45 -21.12
N GLY G 130 -31.99 15.60 -19.49
N GLY G 130 -33.79 17.17 -22.34
CA GLY G 130 -32.37 14.32 -20.13
CA GLY G 130 -34.00 15.85 -22.94
C GLY G 130 -31.36 13.91 -21.19
C GLY G 130 -32.67 15.12 -23.02
N ARG G 131 -31.84 13.31 -22.27
N ARG G 131 -32.72 13.84 -23.37
CA ARG G 131 -30.99 12.53 -23.20
CA ARG G 131 -31.51 13.02 -23.59
C ARG G 131 -30.68 13.27 -24.50
C ARG G 131 -30.73 13.62 -24.74
N PHE G 132 -29.40 13.59 -24.70
CA PHE G 132 -28.78 14.20 -25.86
C PHE G 132 -29.19 13.54 -27.18
N SER G 133 -29.28 12.21 -27.19
CA SER G 133 -29.58 11.47 -28.43
C SER G 133 -30.99 11.78 -28.95
N GLU G 134 -31.81 12.42 -28.11
CA GLU G 134 -33.19 12.80 -28.50
C GLU G 134 -33.28 14.25 -28.98
N THR G 135 -32.16 14.96 -29.09
CA THR G 135 -32.17 16.36 -29.53
C THR G 135 -32.85 16.49 -30.92
N SER G 136 -33.77 17.47 -31.08
CA SER G 136 -34.41 17.74 -32.38
C SER G 136 -33.42 18.44 -33.34
N ARG G 137 -33.57 18.22 -34.65
CA ARG G 137 -32.81 18.98 -35.65
C ARG G 137 -32.95 20.50 -35.49
N GLU G 138 -34.19 20.94 -35.29
CA GLU G 138 -34.49 22.37 -35.25
C GLU G 138 -33.86 22.97 -34.00
N GLY G 139 -33.87 22.24 -32.90
CA GLY G 139 -33.24 22.72 -31.65
C GLY G 139 -31.72 22.72 -31.75
N PHE G 140 -31.16 21.73 -32.45
CA PHE G 140 -29.69 21.67 -32.60
C PHE G 140 -29.21 22.86 -33.44
N LEU G 141 -29.91 23.12 -34.54
CA LEU G 141 -29.52 24.20 -35.46
C LEU G 141 -29.79 25.58 -34.83
N LEU G 142 -30.86 25.73 -34.03
CA LEU G 142 -31.14 26.98 -33.31
C LEU G 142 -29.96 27.33 -32.42
N ALA G 143 -29.49 26.35 -31.66
CA ALA G 143 -28.37 26.60 -30.76
C ALA G 143 -27.09 26.99 -31.52
N GLN G 144 -26.83 26.31 -32.63
CA GLN G 144 -25.65 26.62 -33.50
C GLN G 144 -25.77 28.06 -34.05
N ASP G 145 -26.97 28.42 -34.49
CA ASP G 145 -27.23 29.71 -35.11
C ASP G 145 -26.93 30.87 -34.13
N ILE G 146 -27.51 30.83 -32.93
CA ILE G 146 -27.47 31.97 -32.05
C ILE G 146 -26.14 31.94 -31.27
N SER G 147 -25.65 30.74 -30.94
CA SER G 147 -24.54 30.61 -29.99
C SER G 147 -23.19 30.52 -30.71
N SER G 148 -23.20 30.21 -32.01
CA SER G 148 -21.91 30.06 -32.73
C SER G 148 -21.82 30.89 -34.01
N TYR G 149 -22.69 30.64 -34.98
CA TYR G 149 -22.70 31.46 -36.20
C TYR G 149 -22.76 32.95 -35.89
N SER G 150 -23.46 33.38 -34.83
CA SER G 150 -23.50 34.81 -34.52
C SER G 150 -22.11 35.43 -34.37
N LEU G 151 -21.13 34.71 -33.81
CA LEU G 151 -19.78 35.26 -33.70
C LEU G 151 -19.19 35.58 -35.07
N THR G 152 -19.38 34.68 -36.02
CA THR G 152 -18.91 34.89 -37.39
C THR G 152 -19.43 36.17 -38.08
N ILE G 153 -20.75 36.33 -38.14
CA ILE G 153 -21.31 37.50 -38.81
C ILE G 153 -21.00 38.78 -37.99
N VAL G 154 -21.00 38.71 -36.68
CA VAL G 154 -20.62 39.87 -35.86
C VAL G 154 -19.18 40.29 -36.19
N ALA G 155 -18.29 39.31 -36.35
CA ALA G 155 -16.89 39.65 -36.55
C ALA G 155 -16.77 40.23 -37.96
N HIS G 156 -17.56 39.74 -38.92
CA HIS G 156 -17.48 40.26 -40.28
C HIS G 156 -17.85 41.74 -40.31
N GLU G 157 -18.87 42.13 -39.54
CA GLU G 157 -19.44 43.47 -39.55
C GLU G 157 -18.64 44.39 -38.65
N ALA G 158 -18.19 43.86 -37.51
CA ALA G 158 -17.41 44.64 -36.56
C ALA G 158 -16.03 44.97 -37.16
N LYS G 159 -15.50 44.11 -38.02
CA LYS G 159 -14.18 44.37 -38.66
C LYS G 159 -14.15 45.69 -39.47
N LYS G 160 -15.31 46.07 -40.01
CA LYS G 160 -15.45 47.32 -40.76
C LYS G 160 -15.22 48.57 -39.91
N LEU G 161 -15.43 48.46 -38.60
CA LEU G 161 -15.20 49.53 -37.61
C LEU G 161 -13.83 49.43 -36.96
N MET G 162 -13.00 48.47 -37.39
CA MET G 162 -11.70 48.30 -36.77
C MET G 162 -10.57 48.36 -37.82
N PRO G 163 -10.44 49.50 -38.52
CA PRO G 163 -9.48 49.48 -39.63
C PRO G 163 -8.03 49.36 -39.17
N GLU G 164 -7.73 49.71 -37.93
CA GLU G 164 -6.38 49.61 -37.40
C GLU G 164 -6.23 48.40 -36.46
N GLY G 165 -7.22 47.52 -36.44
CA GLY G 165 -7.16 46.34 -35.58
C GLY G 165 -7.99 46.49 -34.32
N GLY G 166 -7.95 45.48 -33.46
CA GLY G 166 -8.94 45.33 -32.40
C GLY G 166 -8.99 43.94 -31.79
N SER G 167 -9.99 43.72 -30.94
CA SER G 167 -10.05 42.49 -30.15
C SER G 167 -11.51 42.05 -29.96
N ILE G 168 -11.78 40.79 -30.24
CA ILE G 168 -13.10 40.20 -30.14
C ILE G 168 -13.04 39.01 -29.17
N VAL G 169 -13.86 39.06 -28.12
CA VAL G 169 -13.87 38.02 -27.10
C VAL G 169 -15.28 37.39 -27.01
N ALA G 170 -15.34 36.08 -26.97
CA ALA G 170 -16.60 35.38 -26.75
C ALA G 170 -16.57 34.52 -25.46
N THR G 171 -17.75 34.14 -24.98
CA THR G 171 -17.87 33.44 -23.70
C THR G 171 -18.23 31.95 -23.94
N THR G 172 -17.42 31.05 -23.41
CA THR G 172 -17.71 29.63 -23.57
C THR G 172 -17.74 28.95 -22.19
N TYR G 173 -17.89 27.64 -22.21
CA TYR G 173 -18.01 26.80 -21.01
C TYR G 173 -17.27 25.49 -21.32
N LEU G 174 -16.68 24.90 -20.28
CA LEU G 174 -15.96 23.61 -20.31
C LEU G 174 -16.75 22.50 -20.99
N GLY G 175 -18.08 22.59 -20.94
CA GLY G 175 -18.94 21.66 -21.70
C GLY G 175 -18.70 21.66 -23.20
N GLY G 176 -18.01 22.64 -23.76
CA GLY G 176 -17.57 22.59 -25.19
C GLY G 176 -16.36 21.66 -25.40
N GLU G 177 -15.63 21.34 -24.33
CA GLU G 177 -14.39 20.55 -24.38
C GLU G 177 -14.59 19.10 -23.88
N PHE G 178 -15.55 18.86 -22.98
CA PHE G 178 -15.88 17.55 -22.41
C PHE G 178 -17.38 17.37 -22.38
N ALA G 179 -17.88 16.13 -22.45
CA ALA G 179 -19.29 15.89 -22.21
C ALA G 179 -19.65 16.10 -20.73
N VAL G 180 -20.49 17.08 -20.44
CA VAL G 180 -20.92 17.41 -19.05
C VAL G 180 -22.39 16.98 -18.92
N GLN G 181 -22.85 16.36 -17.82
CA GLN G 181 -24.28 16.00 -17.72
C GLN G 181 -25.22 17.18 -18.00
N ASN G 182 -26.27 16.98 -18.78
CA ASN G 182 -27.35 17.99 -18.93
C ASN G 182 -27.07 19.14 -19.91
N TYR G 183 -25.81 19.48 -20.14
CA TYR G 183 -25.47 20.60 -21.01
C TYR G 183 -25.80 20.27 -22.48
N ASN G 184 -25.61 19.01 -22.87
CA ASN G 184 -26.27 18.47 -24.07
C ASN G 184 -26.06 19.38 -25.29
N VAL G 185 -27.15 19.89 -25.89
CA VAL G 185 -27.05 20.56 -27.19
C VAL G 185 -26.14 21.82 -27.11
N MET G 186 -26.11 22.47 -25.94
CA MET G 186 -25.22 23.61 -25.78
C MET G 186 -23.71 23.25 -25.74
N GLY G 187 -23.38 22.01 -25.37
CA GLY G 187 -21.94 21.65 -25.30
C GLY G 187 -21.47 21.51 -26.75
N VAL G 188 -22.32 20.97 -27.63
CA VAL G 188 -21.97 20.88 -29.07
C VAL G 188 -21.93 22.28 -29.71
N ALA G 189 -22.81 23.20 -29.29
CA ALA G 189 -22.76 24.59 -29.75
C ALA G 189 -21.50 25.30 -29.25
N LYS G 190 -21.04 25.03 -28.02
CA LYS G 190 -19.80 25.66 -27.50
C LYS G 190 -18.52 25.07 -28.17
N ALA G 191 -18.53 23.78 -28.51
CA ALA G 191 -17.41 23.21 -29.25
C ALA G 191 -17.28 23.98 -30.60
N SER G 192 -18.43 24.22 -31.21
CA SER G 192 -18.53 24.92 -32.51
C SER G 192 -18.01 26.36 -32.35
N LEU G 193 -18.45 27.01 -31.28
CA LEU G 193 -17.96 28.37 -30.94
C LEU G 193 -16.43 28.41 -30.74
N GLU G 194 -15.86 27.46 -30.02
CA GLU G 194 -14.43 27.47 -29.77
C GLU G 194 -13.62 27.27 -31.05
N ALA G 195 -14.12 26.45 -31.98
CA ALA G 195 -13.49 26.31 -33.32
C ALA G 195 -13.67 27.60 -34.13
N ASN G 196 -14.85 28.21 -34.04
CA ASN G 196 -15.13 29.51 -34.66
C ASN G 196 -14.10 30.57 -34.27
N VAL G 197 -13.81 30.66 -32.98
CA VAL G 197 -12.75 31.52 -32.45
C VAL G 197 -11.39 31.28 -33.13
N LYS G 198 -11.03 30.00 -33.27
CA LYS G 198 -9.73 29.64 -33.87
C LYS G 198 -9.71 30.05 -35.37
N TYR G 199 -10.77 29.72 -36.10
CA TYR G 199 -10.81 30.03 -37.53
C TYR G 199 -10.86 31.54 -37.80
N LEU G 200 -11.63 32.27 -36.97
CA LEU G 200 -11.66 33.73 -37.04
C LEU G 200 -10.30 34.32 -36.68
N ALA G 201 -9.63 33.82 -35.64
CA ALA G 201 -8.26 34.27 -35.33
C ALA G 201 -7.31 34.12 -36.52
N LEU G 202 -7.38 32.98 -37.22
CA LEU G 202 -6.46 32.79 -38.35
C LEU G 202 -6.83 33.74 -39.50
N ASP G 203 -8.12 33.88 -39.77
CA ASP G 203 -8.59 34.72 -40.91
C ASP G 203 -8.31 36.23 -40.68
N LEU G 204 -8.58 36.71 -39.47
CA LEU G 204 -8.49 38.15 -39.16
C LEU G 204 -7.18 38.63 -38.53
N GLY G 205 -6.29 37.70 -38.16
CA GLY G 205 -4.96 38.03 -37.64
C GLY G 205 -4.15 38.96 -38.52
N PRO G 206 -4.19 38.77 -39.84
CA PRO G 206 -3.45 39.70 -40.68
C PRO G 206 -4.04 41.12 -40.71
N ASP G 207 -5.30 41.27 -40.31
CA ASP G 207 -5.92 42.58 -40.14
C ASP G 207 -5.65 43.14 -38.75
N ASN G 208 -4.80 42.45 -37.98
CA ASN G 208 -4.50 42.83 -36.61
C ASN G 208 -5.72 42.83 -35.68
N ILE G 209 -6.64 41.92 -35.99
CA ILE G 209 -7.76 41.67 -35.11
C ILE G 209 -7.54 40.34 -34.38
N ARG G 210 -7.54 40.41 -33.06
CA ARG G 210 -7.39 39.19 -32.25
C ARG G 210 -8.76 38.63 -31.88
N VAL G 211 -8.85 37.30 -31.77
CA VAL G 211 -10.14 36.66 -31.42
C VAL G 211 -9.83 35.59 -30.37
N ASN G 212 -10.45 35.68 -29.19
CA ASN G 212 -10.20 34.79 -28.06
C ASN G 212 -11.52 34.43 -27.42
N ALA G 213 -11.46 33.46 -26.51
CA ALA G 213 -12.62 33.05 -25.73
C ALA G 213 -12.24 33.03 -24.23
N ILE G 214 -13.25 33.28 -23.40
CA ILE G 214 -13.14 33.06 -21.97
C ILE G 214 -14.07 31.89 -21.62
N SER G 215 -13.51 30.87 -20.99
CA SER G 215 -14.31 29.72 -20.55
C SER G 215 -14.63 30.01 -19.07
N ALA G 216 -15.83 30.51 -18.84
CA ALA G 216 -16.22 30.90 -17.49
C ALA G 216 -16.73 29.67 -16.73
N GLY G 217 -16.40 29.58 -15.44
CA GLY G 217 -17.00 28.58 -14.53
C GLY G 217 -18.47 28.89 -14.30
N PRO G 218 -19.19 27.96 -13.61
CA PRO G 218 -20.63 28.23 -13.48
C PRO G 218 -20.98 29.47 -12.63
N ILE G 219 -21.97 30.25 -13.07
CA ILE G 219 -22.35 31.50 -12.42
C ILE G 219 -23.89 31.62 -12.49
N ARG G 220 -24.52 31.99 -11.37
CA ARG G 220 -25.97 32.10 -11.34
C ARG G 220 -26.49 33.27 -12.18
N THR G 221 -27.10 32.95 -13.31
CA THR G 221 -27.62 33.96 -14.25
C THR G 221 -28.98 33.47 -14.69
N LEU G 222 -29.70 34.28 -15.46
CA LEU G 222 -31.02 33.91 -15.92
C LEU G 222 -30.91 32.67 -16.84
N SER G 223 -29.91 32.65 -17.73
CA SER G 223 -29.66 31.46 -18.59
C SER G 223 -29.29 30.16 -17.87
N ALA G 224 -28.59 30.24 -16.75
CA ALA G 224 -28.24 29.03 -15.96
C ALA G 224 -29.49 28.28 -15.52
N LYS G 225 -30.61 29.01 -15.40
CA LYS G 225 -31.80 28.38 -14.90
C LYS G 225 -32.24 27.30 -15.87
N GLY G 226 -31.79 27.38 -17.10
CA GLY G 226 -32.09 26.33 -18.05
C GLY G 226 -31.28 25.04 -17.96
N VAL G 227 -30.11 25.08 -17.31
CA VAL G 227 -29.26 23.91 -17.26
C VAL G 227 -29.71 23.01 -16.10
N GLY G 228 -30.13 21.78 -16.41
CA GLY G 228 -30.44 20.80 -15.36
C GLY G 228 -29.29 20.57 -14.40
N GLY G 229 -29.60 20.37 -13.12
CA GLY G 229 -28.61 20.05 -12.10
C GLY G 229 -27.65 21.19 -11.82
N PHE G 230 -28.02 22.41 -12.20
CA PHE G 230 -27.08 23.53 -12.05
C PHE G 230 -26.49 23.69 -10.63
N ASN G 231 -27.30 23.53 -9.58
CA ASN G 231 -26.81 23.64 -8.21
C ASN G 231 -25.79 22.57 -7.82
N THR G 232 -25.92 21.37 -8.41
CA THR G 232 -24.88 20.36 -8.26
C THR G 232 -23.54 20.77 -8.91
N ILE G 233 -23.61 21.47 -10.05
CA ILE G 233 -22.40 21.93 -10.76
C ILE G 233 -21.65 22.92 -9.87
N LEU G 234 -22.37 23.87 -9.29
CA LEU G 234 -21.76 24.87 -8.42
C LEU G 234 -21.10 24.22 -7.21
N LYS G 235 -21.80 23.26 -6.59
CA LYS G 235 -21.28 22.61 -5.39
CA LYS G 235 -21.29 22.58 -5.39
C LYS G 235 -20.02 21.78 -5.71
N GLU G 236 -19.95 21.17 -6.89
CA GLU G 236 -18.73 20.44 -7.28
C GLU G 236 -17.47 21.32 -7.42
N ILE G 237 -17.64 22.54 -7.95
CA ILE G 237 -16.54 23.50 -8.02
C ILE G 237 -16.00 23.78 -6.63
N GLU G 238 -16.89 24.09 -5.67
CA GLU G 238 -16.44 24.42 -4.30
C GLU G 238 -15.65 23.28 -3.71
N GLU G 239 -16.14 22.07 -3.93
CA GLU G 239 -15.54 20.88 -3.33
C GLU G 239 -14.24 20.42 -4.00
N ARG G 240 -14.15 20.56 -5.32
CA ARG G 240 -13.08 19.92 -6.09
C ARG G 240 -12.09 20.86 -6.83
N ALA G 241 -12.55 22.05 -7.20
CA ALA G 241 -11.67 22.97 -7.95
C ALA G 241 -10.48 23.40 -7.08
N PRO G 242 -9.28 23.59 -7.67
CA PRO G 242 -8.12 24.09 -6.91
C PRO G 242 -8.43 25.23 -5.95
N LEU G 243 -9.19 26.24 -6.39
CA LEU G 243 -9.39 27.40 -5.47
C LEU G 243 -10.48 27.11 -4.46
N LYS G 244 -11.23 26.02 -4.66
CA LYS G 244 -12.28 25.66 -3.71
C LYS G 244 -13.37 26.70 -3.56
N ARG G 245 -13.67 27.48 -4.59
CA ARG G 245 -14.72 28.48 -4.52
C ARG G 245 -15.18 28.70 -5.97
N ASN G 246 -16.42 29.19 -6.10
CA ASN G 246 -16.91 29.64 -7.41
C ASN G 246 -16.36 30.99 -7.85
N VAL G 247 -16.43 31.30 -9.15
CA VAL G 247 -15.97 32.63 -9.60
C VAL G 247 -17.20 33.52 -9.74
N ASP G 248 -17.01 34.81 -10.01
CA ASP G 248 -18.16 35.66 -10.31
C ASP G 248 -17.95 36.48 -11.58
N GLN G 249 -18.97 37.26 -11.94
CA GLN G 249 -19.07 37.95 -13.23
C GLN G 249 -17.88 38.91 -13.36
N VAL G 250 -17.59 39.59 -12.26
CA VAL G 250 -16.53 40.60 -12.26
C VAL G 250 -15.16 39.95 -12.52
N GLU G 251 -14.99 38.68 -12.13
CA GLU G 251 -13.75 37.97 -12.45
C GLU G 251 -13.63 37.66 -13.94
N VAL G 252 -14.72 37.23 -14.59
CA VAL G 252 -14.76 37.19 -16.06
C VAL G 252 -14.44 38.57 -16.67
N GLY G 253 -15.06 39.63 -16.16
CA GLY G 253 -14.78 40.98 -16.64
C GLY G 253 -13.30 41.41 -16.58
N LYS G 254 -12.61 41.10 -15.49
CA LYS G 254 -11.18 41.43 -15.43
C LYS G 254 -10.36 40.65 -16.49
N THR G 255 -10.68 39.39 -16.77
CA THR G 255 -9.96 38.67 -17.83
C THR G 255 -10.36 39.27 -19.19
N ALA G 256 -11.61 39.69 -19.37
CA ALA G 256 -12.00 40.39 -20.60
C ALA G 256 -11.19 41.71 -20.81
N ALA G 257 -10.98 42.51 -19.76
CA ALA G 257 -10.18 43.73 -19.82
C ALA G 257 -8.75 43.40 -20.28
N TYR G 258 -8.21 42.28 -19.81
CA TYR G 258 -6.92 41.82 -20.32
C TYR G 258 -7.00 41.48 -21.82
N LEU G 259 -7.96 40.63 -22.22
CA LEU G 259 -8.09 40.20 -23.62
C LEU G 259 -8.45 41.36 -24.59
N LEU G 260 -9.17 42.36 -24.08
CA LEU G 260 -9.64 43.47 -24.94
C LEU G 260 -8.61 44.58 -25.10
N SER G 261 -7.59 44.56 -24.25
CA SER G 261 -6.57 45.61 -24.20
C SER G 261 -5.21 45.19 -24.80
N ASP G 262 -4.31 46.16 -24.93
CA ASP G 262 -2.94 45.89 -25.35
C ASP G 262 -2.15 44.95 -24.43
N LEU G 263 -2.64 44.66 -23.23
CA LEU G 263 -1.94 43.68 -22.38
C LEU G 263 -1.80 42.28 -23.03
N SER G 264 -2.74 41.92 -23.89
CA SER G 264 -2.75 40.58 -24.45
C SER G 264 -2.32 40.62 -25.92
N SER G 265 -1.50 41.60 -26.28
N SER G 265 -1.50 41.59 -26.31
CA SER G 265 -0.82 41.56 -27.57
CA SER G 265 -1.27 41.90 -27.74
C SER G 265 -0.04 40.27 -27.69
C SER G 265 -0.72 40.72 -28.56
N GLY G 266 0.00 39.72 -28.89
N GLY G 266 -0.01 39.80 -27.91
CA GLY G 266 0.51 38.37 -29.07
CA GLY G 266 0.54 38.60 -28.57
C GLY G 266 -0.45 37.23 -28.77
C GLY G 266 -0.34 37.36 -28.58
N VAL G 267 -1.60 37.50 -28.13
CA VAL G 267 -2.48 36.36 -27.76
C VAL G 267 -3.71 36.27 -28.66
N THR G 268 -3.86 35.20 -29.43
CA THR G 268 -5.05 35.09 -30.25
C THR G 268 -5.35 33.60 -30.48
N GLY G 269 -6.60 33.27 -30.78
CA GLY G 269 -6.99 31.87 -30.92
C GLY G 269 -6.95 31.12 -29.58
N GLU G 270 -6.98 31.86 -28.46
CA GLU G 270 -6.79 31.28 -27.12
C GLU G 270 -8.12 31.19 -26.33
N ASN G 271 -8.15 30.28 -25.33
CA ASN G 271 -9.36 30.01 -24.52
C ASN G 271 -8.83 30.07 -23.08
N ILE G 272 -9.15 31.15 -22.36
CA ILE G 272 -8.69 31.30 -21.02
C ILE G 272 -9.78 30.83 -20.07
N HIS G 273 -9.47 29.88 -19.18
CA HIS G 273 -10.47 29.36 -18.24
C HIS G 273 -10.49 30.22 -16.99
N VAL G 274 -11.65 30.83 -16.71
CA VAL G 274 -11.78 31.61 -15.49
C VAL G 274 -12.75 30.83 -14.60
N ASP G 275 -12.20 29.82 -13.95
CA ASP G 275 -13.04 28.72 -13.42
C ASP G 275 -12.44 28.09 -12.16
N SER G 276 -11.63 28.85 -11.44
CA SER G 276 -11.01 28.33 -10.22
C SER G 276 -10.07 27.13 -10.39
N GLY G 277 -9.65 26.90 -11.64
CA GLY G 277 -8.73 25.81 -12.01
C GLY G 277 -9.43 24.50 -12.33
N PHE G 278 -10.76 24.50 -12.41
CA PHE G 278 -11.48 23.23 -12.48
C PHE G 278 -11.12 22.52 -13.78
N HIS G 279 -10.87 23.29 -14.84
CA HIS G 279 -10.48 22.67 -16.12
C HIS G 279 -9.24 21.77 -15.98
N ALA G 280 -8.38 22.03 -14.99
CA ALA G 280 -7.05 21.42 -14.95
C ALA G 280 -7.03 20.12 -14.16
N ILE G 281 -8.19 19.70 -13.65
CA ILE G 281 -8.25 18.58 -12.72
C ILE G 281 -9.20 17.51 -13.20
N LYS G 282 -9.02 16.32 -12.69
CA LYS G 282 -9.93 15.22 -12.97
C LYS G 282 -10.16 14.36 -11.73
N VAL H 28 -9.90 -10.11 -34.35
CA VAL H 28 -11.12 -9.50 -34.99
C VAL H 28 -11.79 -10.43 -36.04
N ASN H 29 -12.30 -11.58 -35.60
CA ASN H 29 -13.27 -12.30 -36.42
C ASN H 29 -14.66 -11.65 -36.40
N LEU H 30 -15.14 -11.11 -37.53
CA LEU H 30 -16.47 -10.49 -37.53
C LEU H 30 -17.64 -11.30 -38.12
N GLU H 31 -17.49 -12.61 -38.25
CA GLU H 31 -18.60 -13.44 -38.73
C GLU H 31 -19.77 -13.34 -37.76
N ASN H 32 -21.00 -13.37 -38.27
CA ASN H 32 -22.19 -13.18 -37.42
C ASN H 32 -22.33 -11.76 -36.88
N LYS H 33 -21.57 -10.82 -37.44
CA LYS H 33 -21.75 -9.40 -37.14
C LYS H 33 -22.40 -8.70 -38.33
N THR H 34 -23.22 -7.69 -38.05
CA THR H 34 -23.81 -6.88 -39.09
C THR H 34 -23.50 -5.40 -38.87
N TYR H 35 -22.97 -4.73 -39.90
CA TYR H 35 -22.66 -3.30 -39.78
C TYR H 35 -23.34 -2.45 -40.85
N VAL H 36 -23.86 -1.28 -40.50
CA VAL H 36 -24.43 -0.37 -41.50
C VAL H 36 -23.38 0.67 -41.85
N ILE H 37 -23.07 0.81 -43.14
CA ILE H 37 -22.00 1.70 -43.59
C ILE H 37 -22.63 2.84 -44.38
N MET H 38 -22.41 4.08 -43.97
CA MET H 38 -23.15 5.20 -44.54
C MET H 38 -22.15 6.11 -45.25
N GLY H 39 -22.29 6.38 -46.55
CA GLY H 39 -21.38 7.34 -47.17
C GLY H 39 -20.43 6.86 -48.26
N ILE H 40 -20.69 5.71 -48.87
CA ILE H 40 -19.96 5.34 -50.08
C ILE H 40 -20.52 6.09 -51.31
N ALA H 41 -19.63 6.82 -51.99
CA ALA H 41 -19.95 7.51 -53.24
C ALA H 41 -19.33 6.76 -54.45
N ASN H 42 -18.09 6.29 -54.29
CA ASN H 42 -17.36 5.62 -55.35
C ASN H 42 -16.19 4.78 -54.81
N LYS H 43 -15.33 4.29 -55.72
CA LYS H 43 -14.25 3.41 -55.29
C LYS H 43 -13.23 4.11 -54.38
N ARG H 44 -13.20 5.45 -54.37
CA ARG H 44 -12.24 6.20 -53.54
C ARG H 44 -12.79 6.58 -52.14
N SER H 45 -14.06 6.36 -51.90
CA SER H 45 -14.60 6.77 -50.59
C SER H 45 -13.92 6.08 -49.40
N ILE H 46 -13.66 6.85 -48.35
CA ILE H 46 -13.18 6.27 -47.09
C ILE H 46 -14.09 5.09 -46.70
N ALA H 47 -15.41 5.24 -46.84
CA ALA H 47 -16.31 4.18 -46.38
C ALA H 47 -16.14 2.90 -47.17
N PHE H 48 -15.60 2.97 -48.39
CA PHE H 48 -15.37 1.75 -49.16
C PHE H 48 -14.09 1.01 -48.73
N GLY H 49 -13.08 1.73 -48.21
CA GLY H 49 -11.98 1.08 -47.48
C GLY H 49 -12.47 0.34 -46.23
N VAL H 50 -13.37 0.98 -45.50
CA VAL H 50 -14.04 0.36 -44.36
C VAL H 50 -14.74 -0.93 -44.79
N ALA H 51 -15.58 -0.87 -45.85
CA ALA H 51 -16.32 -2.06 -46.27
C ALA H 51 -15.38 -3.21 -46.66
N LYS H 52 -14.32 -2.90 -47.39
CA LYS H 52 -13.36 -3.92 -47.80
C LYS H 52 -12.79 -4.65 -46.60
N VAL H 53 -12.43 -3.91 -45.56
CA VAL H 53 -11.80 -4.56 -44.40
C VAL H 53 -12.84 -5.41 -43.65
N LEU H 54 -14.06 -4.86 -43.47
CA LEU H 54 -15.08 -5.52 -42.68
C LEU H 54 -15.54 -6.75 -43.41
N ASP H 55 -15.62 -6.64 -44.73
CA ASP H 55 -16.03 -7.75 -45.57
C ASP H 55 -15.01 -8.91 -45.53
N GLN H 56 -13.72 -8.61 -45.72
CA GLN H 56 -12.67 -9.60 -45.58
C GLN H 56 -12.72 -10.27 -44.19
N LEU H 57 -13.10 -9.53 -43.14
CA LEU H 57 -13.21 -10.12 -41.80
C LEU H 57 -14.50 -10.91 -41.53
N GLY H 58 -15.31 -11.13 -42.57
CA GLY H 58 -16.51 -11.97 -42.47
C GLY H 58 -17.82 -11.33 -42.00
N ALA H 59 -17.86 -10.00 -41.93
CA ALA H 59 -19.05 -9.24 -41.52
C ALA H 59 -20.15 -9.24 -42.60
N LYS H 60 -21.42 -9.17 -42.17
CA LYS H 60 -22.50 -8.87 -43.12
C LYS H 60 -22.67 -7.35 -43.12
N LEU H 61 -22.68 -6.76 -44.32
CA LEU H 61 -22.79 -5.32 -44.47
C LEU H 61 -24.10 -4.83 -45.10
N VAL H 62 -24.60 -3.72 -44.56
CA VAL H 62 -25.69 -2.93 -45.13
C VAL H 62 -25.15 -1.58 -45.56
N PHE H 63 -25.61 -1.06 -46.69
CA PHE H 63 -25.09 0.19 -47.22
C PHE H 63 -26.18 1.25 -47.38
N THR H 64 -25.90 2.49 -47.00
CA THR H 64 -26.85 3.58 -47.32
C THR H 64 -26.22 4.62 -48.26
N TYR H 65 -27.03 5.19 -49.18
CA TYR H 65 -26.55 6.25 -50.09
C TYR H 65 -27.51 7.44 -50.24
N ARG H 66 -26.99 8.59 -50.65
CA ARG H 66 -27.84 9.77 -50.86
C ARG H 66 -28.54 9.78 -52.21
N LYS H 67 -27.75 9.85 -53.28
CA LYS H 67 -28.21 10.10 -54.64
C LYS H 67 -28.50 8.80 -55.41
N GLU H 68 -28.89 8.94 -56.66
CA GLU H 68 -28.99 7.77 -57.52
CA GLU H 68 -29.00 7.79 -57.57
C GLU H 68 -27.62 7.31 -58.02
N ARG H 69 -26.82 8.26 -58.53
CA ARG H 69 -25.42 8.03 -58.94
C ARG H 69 -24.68 7.20 -57.90
N SER H 70 -24.87 7.50 -56.62
CA SER H 70 -24.16 6.70 -55.63
C SER H 70 -24.67 5.25 -55.56
N ARG H 71 -25.96 5.06 -55.90
CA ARG H 71 -26.57 3.73 -56.08
C ARG H 71 -25.92 2.90 -57.16
N LYS H 72 -26.22 3.28 -58.40
CA LYS H 72 -25.70 2.60 -59.59
C LYS H 72 -24.24 2.19 -59.41
N GLU H 73 -23.45 3.12 -58.91
CA GLU H 73 -22.06 2.98 -58.46
C GLU H 73 -21.80 1.97 -57.33
N LEU H 74 -22.59 2.06 -56.26
CA LEU H 74 -22.66 1.01 -55.26
C LEU H 74 -22.91 -0.39 -55.80
N GLU H 75 -23.87 -0.53 -56.72
CA GLU H 75 -24.26 -1.86 -57.15
C GLU H 75 -23.09 -2.53 -57.87
N LYS H 76 -22.23 -1.72 -58.50
CA LYS H 76 -21.03 -2.20 -59.20
C LYS H 76 -19.94 -2.55 -58.22
N LEU H 77 -19.59 -1.59 -57.37
CA LEU H 77 -18.52 -1.74 -56.39
C LEU H 77 -18.64 -3.00 -55.57
N LEU H 78 -19.86 -3.37 -55.23
CA LEU H 78 -20.14 -4.47 -54.32
C LEU H 78 -19.84 -5.88 -54.86
N GLU H 79 -19.62 -5.94 -56.16
CA GLU H 79 -19.20 -7.17 -56.80
C GLU H 79 -17.77 -7.49 -56.41
N GLN H 80 -17.06 -6.46 -55.95
CA GLN H 80 -15.70 -6.62 -55.44
C GLN H 80 -15.64 -7.27 -54.04
N LEU H 81 -16.77 -7.30 -53.34
CA LEU H 81 -16.86 -7.88 -52.00
C LEU H 81 -17.48 -9.29 -52.01
N ASN H 82 -17.46 -9.96 -50.85
CA ASN H 82 -17.95 -11.31 -50.68
C ASN H 82 -19.42 -11.41 -50.33
N GLN H 83 -20.04 -10.26 -50.10
CA GLN H 83 -21.44 -10.19 -49.66
C GLN H 83 -22.35 -10.99 -50.57
N PRO H 84 -23.06 -12.02 -50.04
CA PRO H 84 -23.95 -12.74 -50.97
C PRO H 84 -25.18 -11.94 -51.36
N GLU H 85 -25.51 -10.87 -50.64
CA GLU H 85 -26.52 -9.96 -51.19
C GLU H 85 -26.23 -8.48 -51.04
N ALA H 86 -26.82 -7.72 -51.94
CA ALA H 86 -26.79 -6.26 -51.87
C ALA H 86 -27.93 -5.80 -50.97
N HIS H 87 -27.57 -5.18 -49.84
CA HIS H 87 -28.53 -4.54 -48.96
C HIS H 87 -28.25 -3.04 -49.00
N LEU H 88 -29.10 -2.33 -49.74
CA LEU H 88 -28.89 -0.95 -50.14
C LEU H 88 -30.12 -0.12 -49.81
N TYR H 89 -29.93 0.97 -49.08
CA TYR H 89 -31.04 1.82 -48.67
C TYR H 89 -30.71 3.27 -48.98
N GLN H 90 -31.62 3.95 -49.67
CA GLN H 90 -31.47 5.39 -49.82
C GLN H 90 -31.80 6.17 -48.54
N ILE H 91 -30.83 6.93 -48.03
CA ILE H 91 -31.06 7.79 -46.88
C ILE H 91 -30.33 9.13 -47.08
N ASP H 92 -31.10 10.19 -47.28
CA ASP H 92 -30.59 11.55 -47.16
C ASP H 92 -30.72 12.08 -45.72
N VAL H 93 -29.58 12.36 -45.10
CA VAL H 93 -29.59 12.61 -43.67
C VAL H 93 -30.15 14.00 -43.37
N GLN H 94 -30.52 14.76 -44.39
CA GLN H 94 -31.22 16.02 -44.19
C GLN H 94 -32.67 15.81 -43.79
N SER H 95 -33.15 14.59 -43.99
CA SER H 95 -34.56 14.27 -43.75
C SER H 95 -34.74 13.29 -42.59
N ASP H 96 -35.44 13.72 -41.54
CA ASP H 96 -35.67 12.86 -40.38
C ASP H 96 -36.38 11.58 -40.82
N GLU H 97 -37.35 11.73 -41.72
CA GLU H 97 -38.21 10.62 -42.12
C GLU H 97 -37.41 9.53 -42.82
N GLU H 98 -36.52 9.94 -43.71
CA GLU H 98 -35.69 8.97 -44.41
C GLU H 98 -34.75 8.19 -43.44
N VAL H 99 -34.18 8.86 -42.46
CA VAL H 99 -33.33 8.15 -41.49
C VAL H 99 -34.21 7.19 -40.66
N ILE H 100 -35.32 7.72 -40.13
CA ILE H 100 -36.24 6.95 -39.29
C ILE H 100 -36.72 5.70 -40.05
N ASN H 101 -37.27 5.88 -41.25
CA ASN H 101 -37.77 4.79 -42.08
C ASN H 101 -36.69 3.89 -42.64
N GLY H 102 -35.58 4.48 -43.08
CA GLY H 102 -34.40 3.72 -43.50
C GLY H 102 -33.92 2.74 -42.44
N PHE H 103 -33.66 3.20 -41.21
CA PHE H 103 -33.25 2.24 -40.19
C PHE H 103 -34.36 1.26 -39.81
N GLU H 104 -35.60 1.72 -39.82
CA GLU H 104 -36.72 0.83 -39.56
C GLU H 104 -36.75 -0.34 -40.56
N GLN H 105 -36.62 -0.04 -41.86
CA GLN H 105 -36.57 -1.08 -42.88
C GLN H 105 -35.37 -2.00 -42.76
N ILE H 106 -34.20 -1.45 -42.42
CA ILE H 106 -32.98 -2.23 -42.24
C ILE H 106 -33.17 -3.33 -41.20
N GLY H 107 -33.83 -2.96 -40.11
CA GLY H 107 -34.23 -3.87 -39.03
C GLY H 107 -35.20 -4.94 -39.47
N LYS H 108 -36.24 -4.58 -40.22
CA LYS H 108 -37.10 -5.59 -40.81
C LYS H 108 -36.34 -6.52 -41.75
N ASP H 109 -35.44 -5.98 -42.57
CA ASP H 109 -34.84 -6.83 -43.60
C ASP H 109 -33.74 -7.71 -43.03
N VAL H 110 -32.94 -7.19 -42.10
CA VAL H 110 -31.81 -7.98 -41.62
C VAL H 110 -31.77 -8.23 -40.12
N GLY H 111 -32.61 -7.55 -39.34
CA GLY H 111 -32.61 -7.76 -37.90
C GLY H 111 -31.66 -6.80 -37.20
N ASN H 112 -31.26 -7.16 -35.98
CA ASN H 112 -30.40 -6.35 -35.15
C ASN H 112 -29.02 -6.22 -35.76
N ILE H 113 -28.36 -5.09 -35.49
CA ILE H 113 -27.07 -4.74 -36.06
C ILE H 113 -26.05 -4.55 -34.92
N ASP H 114 -24.77 -4.58 -35.26
CA ASP H 114 -23.75 -4.51 -34.23
C ASP H 114 -23.06 -3.18 -34.21
N GLY H 115 -23.27 -2.39 -35.27
CA GLY H 115 -22.65 -1.07 -35.35
C GLY H 115 -22.95 -0.31 -36.62
N VAL H 116 -22.44 0.92 -36.66
CA VAL H 116 -22.70 1.84 -37.78
C VAL H 116 -21.44 2.60 -38.06
N TYR H 117 -21.04 2.62 -39.32
CA TYR H 117 -19.92 3.49 -39.71
C TYR H 117 -20.49 4.73 -40.44
N HIS H 118 -20.24 5.92 -39.89
CA HIS H 118 -20.74 7.18 -40.46
C HIS H 118 -19.60 7.94 -41.17
N SER H 119 -19.77 8.13 -42.49
CA SER H 119 -18.75 8.77 -43.32
C SER H 119 -19.41 9.85 -44.21
N ILE H 120 -20.09 10.79 -43.59
CA ILE H 120 -20.97 11.72 -44.31
C ILE H 120 -20.63 13.15 -43.91
N ALA H 121 -20.36 14.02 -44.89
CA ALA H 121 -20.16 15.45 -44.61
C ALA H 121 -20.46 16.21 -45.89
N PHE H 122 -20.80 17.49 -45.74
CA PHE H 122 -21.06 18.34 -46.90
C PHE H 122 -20.88 19.80 -46.53
N ALA H 123 -20.32 20.58 -47.44
CA ALA H 123 -20.41 22.04 -47.37
C ALA H 123 -20.41 22.60 -48.78
N ASN H 124 -20.91 23.83 -48.95
CA ASN H 124 -20.83 24.47 -50.28
C ASN H 124 -19.40 24.87 -50.62
N MET H 125 -19.02 24.58 -51.86
N MET H 125 -19.11 24.88 -51.92
CA MET H 125 -17.64 24.74 -52.35
CA MET H 125 -17.91 25.50 -52.47
C MET H 125 -17.04 26.07 -51.96
C MET H 125 -17.88 27.02 -52.24
N GLU H 126 -17.86 27.12 -51.97
N GLU H 126 -19.03 27.67 -52.36
CA GLU H 126 -17.40 28.51 -51.85
CA GLU H 126 -19.09 29.14 -52.31
C GLU H 126 -16.96 28.84 -50.43
C GLU H 126 -18.62 29.75 -50.98
N ASP H 127 -17.28 27.94 -49.50
N ASP H 127 -19.02 29.18 -49.85
CA ASP H 127 -16.91 28.10 -48.09
CA ASP H 127 -18.42 29.54 -48.57
C ASP H 127 -15.71 27.23 -47.66
C ASP H 127 -16.92 29.24 -48.55
N LEU H 128 -14.99 26.70 -48.65
N LEU H 128 -16.58 28.02 -48.17
CA LEU H 128 -13.90 25.74 -48.45
CA LEU H 128 -15.27 27.44 -48.47
C LEU H 128 -12.60 26.29 -49.03
C LEU H 128 -14.32 28.34 -49.25
N ARG H 129 -12.61 27.62 -49.12
N ARG H 129 -14.85 29.16 -50.17
CA ARG H 129 -11.53 28.43 -49.68
CA ARG H 129 -14.02 29.88 -51.15
C ARG H 129 -11.83 29.88 -49.29
C ARG H 129 -14.05 31.40 -50.99
N GLY H 130 -10.83 30.75 -49.42
N GLY H 130 -14.46 31.87 -49.82
CA GLY H 130 -11.00 32.17 -49.16
CA GLY H 130 -14.10 33.21 -49.36
C GLY H 130 -11.24 32.41 -47.68
C GLY H 130 -13.32 33.08 -48.07
N ARG H 131 -12.01 33.47 -47.38
N ARG H 131 -13.00 34.20 -47.43
CA ARG H 131 -12.10 34.00 -46.02
CA ARG H 131 -12.41 34.15 -46.09
C ARG H 131 -13.25 33.40 -45.22
C ARG H 131 -13.39 33.46 -45.14
N PHE H 132 -12.92 32.83 -44.06
CA PHE H 132 -13.90 32.18 -43.20
C PHE H 132 -14.94 33.17 -42.67
N SER H 133 -14.48 34.39 -42.39
CA SER H 133 -15.36 35.46 -41.88
C SER H 133 -16.48 35.87 -42.85
N GLU H 134 -16.38 35.46 -44.11
CA GLU H 134 -17.43 35.70 -45.12
C GLU H 134 -18.40 34.52 -45.31
N THR H 135 -18.27 33.46 -44.50
CA THR H 135 -19.23 32.36 -44.58
C THR H 135 -20.71 32.84 -44.38
N SER H 136 -21.63 32.43 -45.24
CA SER H 136 -23.06 32.71 -45.05
C SER H 136 -23.69 31.88 -43.92
N ARG H 137 -24.75 32.40 -43.33
CA ARG H 137 -25.52 31.69 -42.32
C ARG H 137 -26.04 30.34 -42.87
N GLU H 138 -26.62 30.38 -44.08
CA GLU H 138 -27.18 29.18 -44.68
C GLU H 138 -26.11 28.10 -44.90
N GLY H 139 -24.93 28.51 -45.37
CA GLY H 139 -23.84 27.54 -45.58
C GLY H 139 -23.20 27.02 -44.27
N PHE H 140 -23.11 27.85 -43.26
CA PHE H 140 -22.69 27.41 -41.93
C PHE H 140 -23.65 26.36 -41.39
N LEU H 141 -24.96 26.63 -41.49
CA LEU H 141 -25.94 25.76 -40.89
C LEU H 141 -26.10 24.45 -41.74
N LEU H 142 -25.95 24.54 -43.05
CA LEU H 142 -25.97 23.33 -43.89
C LEU H 142 -24.85 22.37 -43.50
N ALA H 143 -23.62 22.87 -43.31
CA ALA H 143 -22.52 22.03 -42.90
C ALA H 143 -22.74 21.36 -41.54
N GLN H 144 -23.24 22.11 -40.55
CA GLN H 144 -23.64 21.55 -39.24
C GLN H 144 -24.67 20.44 -39.36
N ASP H 145 -25.72 20.71 -40.13
CA ASP H 145 -26.84 19.80 -40.33
C ASP H 145 -26.32 18.46 -40.85
N ILE H 146 -25.65 18.47 -42.01
CA ILE H 146 -25.25 17.21 -42.68
C ILE H 146 -24.07 16.53 -41.98
N SER H 147 -23.15 17.33 -41.46
CA SER H 147 -21.83 16.83 -41.03
C SER H 147 -21.78 16.56 -39.52
N SER H 148 -22.72 17.09 -38.75
CA SER H 148 -22.72 16.95 -37.30
C SER H 148 -24.04 16.39 -36.76
N TYR H 149 -25.15 17.07 -36.98
CA TYR H 149 -26.43 16.62 -36.43
C TYR H 149 -26.80 15.23 -36.94
N SER H 150 -26.40 14.93 -38.18
CA SER H 150 -26.82 13.63 -38.75
C SER H 150 -26.31 12.45 -37.90
N LEU H 151 -25.17 12.58 -37.24
CA LEU H 151 -24.73 11.54 -36.28
C LEU H 151 -25.72 11.34 -35.14
N THR H 152 -26.18 12.44 -34.53
CA THR H 152 -27.16 12.37 -33.44
C THR H 152 -28.44 11.59 -33.81
N ILE H 153 -29.06 11.90 -34.97
CA ILE H 153 -30.31 11.25 -35.34
C ILE H 153 -30.07 9.79 -35.80
N VAL H 154 -29.01 9.58 -36.57
CA VAL H 154 -28.56 8.24 -36.92
C VAL H 154 -28.35 7.38 -35.66
N ALA H 155 -27.71 7.94 -34.64
CA ALA H 155 -27.50 7.21 -33.41
C ALA H 155 -28.82 6.85 -32.75
N HIS H 156 -29.78 7.79 -32.72
CA HIS H 156 -31.05 7.58 -32.03
C HIS H 156 -31.78 6.42 -32.72
N GLU H 157 -31.69 6.37 -34.05
CA GLU H 157 -32.43 5.36 -34.79
C GLU H 157 -31.72 3.99 -34.81
N ALA H 158 -30.39 4.01 -35.00
CA ALA H 158 -29.61 2.76 -34.94
C ALA H 158 -29.69 2.02 -33.59
N LYS H 159 -29.72 2.78 -32.49
CA LYS H 159 -29.87 2.23 -31.15
C LYS H 159 -31.05 1.26 -31.02
N LYS H 160 -32.11 1.56 -31.74
CA LYS H 160 -33.25 0.65 -31.74
C LYS H 160 -32.95 -0.77 -32.23
N LEU H 161 -31.92 -0.93 -33.07
CA LEU H 161 -31.47 -2.21 -33.58
C LEU H 161 -30.26 -2.76 -32.81
N MET H 162 -29.98 -2.18 -31.64
CA MET H 162 -28.83 -2.60 -30.85
C MET H 162 -29.24 -2.85 -29.39
N PRO H 163 -30.17 -3.80 -29.18
CA PRO H 163 -30.64 -3.95 -27.81
C PRO H 163 -29.58 -4.54 -26.85
N GLU H 164 -28.63 -5.30 -27.36
CA GLU H 164 -27.56 -5.80 -26.50
CA GLU H 164 -27.53 -5.86 -26.57
C GLU H 164 -26.30 -4.94 -26.55
N GLY H 165 -26.38 -3.77 -27.17
CA GLY H 165 -25.20 -2.91 -27.30
C GLY H 165 -24.60 -2.93 -28.71
N GLY H 166 -23.58 -2.12 -28.95
CA GLY H 166 -23.09 -1.92 -30.31
C GLY H 166 -22.03 -0.84 -30.33
N SER H 167 -21.60 -0.45 -31.52
CA SER H 167 -20.48 0.47 -31.65
C SER H 167 -20.77 1.43 -32.80
N ILE H 168 -20.53 2.73 -32.62
CA ILE H 168 -20.81 3.72 -33.67
C ILE H 168 -19.55 4.53 -33.90
N VAL H 169 -19.13 4.65 -35.15
CA VAL H 169 -17.91 5.37 -35.47
C VAL H 169 -18.20 6.45 -36.50
N ALA H 170 -17.64 7.63 -36.34
CA ALA H 170 -17.73 8.71 -37.34
C ALA H 170 -16.34 9.13 -37.81
N THR H 171 -16.26 9.81 -38.94
CA THR H 171 -14.98 10.18 -39.55
C THR H 171 -14.77 11.68 -39.40
N THR H 172 -13.64 12.06 -38.84
CA THR H 172 -13.39 13.48 -38.62
C THR H 172 -12.01 13.85 -39.19
N TYR H 173 -11.59 15.10 -38.99
CA TYR H 173 -10.34 15.56 -39.57
C TYR H 173 -9.73 16.50 -38.53
N LEU H 174 -8.41 16.61 -38.54
CA LEU H 174 -7.62 17.50 -37.62
C LEU H 174 -8.10 18.95 -37.65
N GLY H 175 -8.65 19.37 -38.78
CA GLY H 175 -9.27 20.70 -38.88
C GLY H 175 -10.41 20.99 -37.90
N GLY H 176 -10.93 19.95 -37.26
CA GLY H 176 -11.89 20.18 -36.18
C GLY H 176 -11.23 20.57 -34.86
N GLU H 177 -9.90 20.37 -34.74
CA GLU H 177 -9.19 20.62 -33.48
C GLU H 177 -8.30 21.86 -33.61
N PHE H 178 -7.89 22.19 -34.83
CA PHE H 178 -7.04 23.32 -35.10
C PHE H 178 -7.57 24.01 -36.33
N ALA H 179 -7.33 25.31 -36.42
CA ALA H 179 -7.62 26.07 -37.64
C ALA H 179 -6.61 25.75 -38.76
N VAL H 180 -7.12 25.22 -39.85
CA VAL H 180 -6.31 24.79 -41.00
C VAL H 180 -6.74 25.69 -42.18
N GLN H 181 -5.81 26.17 -43.00
CA GLN H 181 -6.17 27.08 -44.08
C GLN H 181 -7.26 26.44 -44.95
N ASN H 182 -8.23 27.21 -45.42
CA ASN H 182 -9.26 26.74 -46.37
C ASN H 182 -10.37 25.81 -45.87
N TYR H 183 -10.11 24.98 -44.87
CA TYR H 183 -11.09 24.00 -44.43
C TYR H 183 -12.29 24.72 -43.83
N ASN H 184 -12.05 25.88 -43.22
CA ASN H 184 -13.07 26.89 -42.91
C ASN H 184 -14.35 26.34 -42.29
N VAL H 185 -15.49 26.43 -43.00
CA VAL H 185 -16.78 26.02 -42.41
C VAL H 185 -16.75 24.56 -41.93
N MET H 186 -15.99 23.71 -42.62
CA MET H 186 -15.95 22.27 -42.28
C MET H 186 -15.17 22.00 -40.98
N GLY H 187 -14.25 22.92 -40.66
CA GLY H 187 -13.49 22.81 -39.41
C GLY H 187 -14.48 22.99 -38.28
N VAL H 188 -15.36 23.99 -38.39
CA VAL H 188 -16.34 24.27 -37.32
C VAL H 188 -17.36 23.10 -37.26
N ALA H 189 -17.78 22.57 -38.40
CA ALA H 189 -18.64 21.38 -38.41
C ALA H 189 -17.97 20.11 -37.85
N LYS H 190 -16.65 19.93 -38.04
CA LYS H 190 -15.99 18.81 -37.37
C LYS H 190 -15.74 19.02 -35.89
N ALA H 191 -15.46 20.23 -35.41
CA ALA H 191 -15.42 20.45 -33.96
C ALA H 191 -16.73 20.06 -33.30
N SER H 192 -17.81 20.56 -33.90
CA SER H 192 -19.17 20.15 -33.55
C SER H 192 -19.36 18.63 -33.58
N LEU H 193 -19.02 17.94 -34.68
CA LEU H 193 -19.04 16.46 -34.70
C LEU H 193 -18.26 15.75 -33.59
N GLU H 194 -17.06 16.22 -33.26
CA GLU H 194 -16.22 15.56 -32.25
C GLU H 194 -16.85 15.75 -30.85
N ALA H 195 -17.45 16.89 -30.56
CA ALA H 195 -18.24 17.06 -29.32
C ALA H 195 -19.51 16.19 -29.29
N ASN H 196 -20.15 16.02 -30.44
CA ASN H 196 -21.35 15.18 -30.61
C ASN H 196 -21.02 13.72 -30.25
N VAL H 197 -19.87 13.23 -30.74
CA VAL H 197 -19.38 11.90 -30.37
C VAL H 197 -19.26 11.77 -28.83
N LYS H 198 -18.68 12.77 -28.18
CA LYS H 198 -18.53 12.69 -26.73
C LYS H 198 -19.89 12.72 -26.04
N TYR H 199 -20.78 13.63 -26.43
CA TYR H 199 -22.07 13.68 -25.74
C TYR H 199 -22.88 12.41 -26.05
N LEU H 200 -22.77 11.84 -27.24
CA LEU H 200 -23.46 10.55 -27.50
C LEU H 200 -22.86 9.41 -26.67
N ALA H 201 -21.52 9.44 -26.51
CA ALA H 201 -20.85 8.42 -25.71
C ALA H 201 -21.38 8.40 -24.29
N LEU H 202 -21.44 9.57 -23.65
CA LEU H 202 -21.98 9.68 -22.30
C LEU H 202 -23.44 9.18 -22.26
N ASP H 203 -24.24 9.55 -23.25
CA ASP H 203 -25.68 9.24 -23.19
C ASP H 203 -25.93 7.75 -23.43
N LEU H 204 -25.25 7.17 -24.41
CA LEU H 204 -25.56 5.80 -24.84
C LEU H 204 -24.71 4.74 -24.12
N GLY H 205 -23.69 5.21 -23.42
CA GLY H 205 -22.82 4.33 -22.62
C GLY H 205 -23.56 3.34 -21.71
N PRO H 206 -24.60 3.80 -21.00
CA PRO H 206 -25.31 2.86 -20.12
C PRO H 206 -26.13 1.83 -20.91
N ASP H 207 -26.32 2.07 -22.20
CA ASP H 207 -26.91 1.06 -23.07
C ASP H 207 -25.88 0.17 -23.74
N ASN H 208 -24.60 0.27 -23.31
CA ASN H 208 -23.51 -0.49 -23.92
C ASN H 208 -23.36 -0.22 -25.42
N ILE H 209 -23.66 1.01 -25.81
CA ILE H 209 -23.30 1.51 -27.13
C ILE H 209 -22.12 2.45 -26.99
N ARG H 210 -21.02 2.08 -27.65
CA ARG H 210 -19.81 2.91 -27.70
C ARG H 210 -19.82 3.85 -28.91
N VAL H 211 -19.35 5.09 -28.74
CA VAL H 211 -19.35 6.04 -29.87
C VAL H 211 -17.95 6.63 -29.93
N ASN H 212 -17.34 6.61 -31.11
CA ASN H 212 -15.94 7.00 -31.26
C ASN H 212 -15.76 7.69 -32.61
N ALA H 213 -14.64 8.42 -32.78
CA ALA H 213 -14.27 9.01 -34.06
C ALA H 213 -12.90 8.50 -34.54
N ILE H 214 -12.72 8.49 -35.85
CA ILE H 214 -11.43 8.29 -36.51
C ILE H 214 -11.14 9.61 -37.20
N SER H 215 -9.99 10.18 -36.86
CA SER H 215 -9.53 11.44 -37.49
C SER H 215 -8.55 11.01 -38.57
N ALA H 216 -9.02 10.99 -39.82
CA ALA H 216 -8.20 10.49 -40.90
C ALA H 216 -7.28 11.59 -41.41
N GLY H 217 -6.07 11.20 -41.81
CA GLY H 217 -5.21 12.10 -42.56
C GLY H 217 -5.82 12.36 -43.95
N PRO H 218 -5.23 13.30 -44.70
CA PRO H 218 -5.74 13.67 -46.02
C PRO H 218 -5.65 12.49 -47.02
N ILE H 219 -6.73 12.30 -47.79
CA ILE H 219 -6.86 11.16 -48.68
C ILE H 219 -7.61 11.72 -49.88
N ARG H 220 -7.12 11.43 -51.09
CA ARG H 220 -7.71 11.87 -52.35
C ARG H 220 -9.06 11.14 -52.64
N THR H 221 -10.15 11.87 -52.43
CA THR H 221 -11.52 11.38 -52.64
C THR H 221 -12.33 12.41 -53.41
N LEU H 222 -13.51 12.03 -53.90
CA LEU H 222 -14.45 12.97 -54.50
C LEU H 222 -14.68 14.23 -53.65
N SER H 223 -14.92 14.11 -52.35
CA SER H 223 -15.09 15.31 -51.50
C SER H 223 -13.83 16.15 -51.32
N ALA H 224 -12.68 15.48 -51.24
CA ALA H 224 -11.43 16.22 -51.08
C ALA H 224 -11.18 17.21 -52.21
N LYS H 225 -11.73 16.98 -53.41
CA LYS H 225 -11.49 17.90 -54.51
C LYS H 225 -12.05 19.28 -54.16
N GLY H 226 -13.07 19.30 -53.32
CA GLY H 226 -13.71 20.55 -52.94
C GLY H 226 -12.92 21.42 -51.98
N VAL H 227 -11.90 20.85 -51.35
CA VAL H 227 -11.16 21.56 -50.28
C VAL H 227 -10.05 22.35 -50.94
N GLY H 228 -10.08 23.67 -50.78
CA GLY H 228 -9.01 24.50 -51.32
C GLY H 228 -7.64 24.02 -50.92
N GLY H 229 -6.70 23.97 -51.89
CA GLY H 229 -5.29 23.68 -51.58
C GLY H 229 -4.99 22.28 -51.09
N PHE H 230 -5.88 21.34 -51.42
CA PHE H 230 -5.76 19.97 -50.93
C PHE H 230 -4.40 19.31 -51.30
N ASN H 231 -3.91 19.51 -52.53
CA ASN H 231 -2.63 18.90 -52.93
C ASN H 231 -1.44 19.27 -52.04
N THR H 232 -1.42 20.52 -51.56
CA THR H 232 -0.32 20.91 -50.69
C THR H 232 -0.54 20.39 -49.25
N ILE H 233 -1.79 20.12 -48.87
CA ILE H 233 -2.05 19.46 -47.58
C ILE H 233 -1.41 18.07 -47.63
N LEU H 234 -1.62 17.34 -48.74
CA LEU H 234 -1.06 16.01 -48.96
C LEU H 234 0.47 16.02 -48.88
N LYS H 235 1.12 16.91 -49.62
CA LYS H 235 2.58 17.00 -49.62
C LYS H 235 3.10 17.29 -48.23
N GLU H 236 2.44 18.18 -47.49
CA GLU H 236 2.96 18.53 -46.16
C GLU H 236 3.09 17.32 -45.21
N ILE H 237 2.13 16.37 -45.27
CA ILE H 237 2.22 15.14 -44.50
C ILE H 237 3.48 14.34 -44.85
N GLU H 238 3.78 14.16 -46.13
CA GLU H 238 4.90 13.32 -46.51
C GLU H 238 6.17 13.94 -46.00
N GLU H 239 6.23 15.28 -45.97
CA GLU H 239 7.44 15.97 -45.55
C GLU H 239 7.61 15.99 -44.03
N ARG H 240 6.52 16.16 -43.28
CA ARG H 240 6.62 16.50 -41.87
CA ARG H 240 6.59 16.51 -41.87
C ARG H 240 6.02 15.47 -40.89
N ALA H 241 5.17 14.57 -41.32
CA ALA H 241 4.54 13.66 -40.33
C ALA H 241 5.57 12.57 -39.95
N PRO H 242 5.52 12.03 -38.72
CA PRO H 242 6.46 10.98 -38.26
C PRO H 242 6.70 9.80 -39.24
N LEU H 243 5.65 9.29 -39.88
CA LEU H 243 5.85 8.18 -40.80
C LEU H 243 6.24 8.65 -42.20
N LYS H 244 6.26 9.97 -42.42
CA LYS H 244 6.77 10.51 -43.70
C LYS H 244 6.03 9.90 -44.89
N ARG H 245 4.73 9.66 -44.76
CA ARG H 245 4.00 9.08 -45.90
C ARG H 245 2.56 9.43 -45.57
N ASN H 246 1.71 9.34 -46.59
CA ASN H 246 0.28 9.51 -46.39
C ASN H 246 -0.43 8.17 -46.07
N VAL H 247 -1.68 8.26 -45.61
CA VAL H 247 -2.42 7.07 -45.26
C VAL H 247 -3.42 6.72 -46.39
N ASP H 248 -4.05 5.55 -46.34
CA ASP H 248 -5.05 5.27 -47.36
C ASP H 248 -6.31 4.75 -46.68
N GLN H 249 -7.34 4.61 -47.47
CA GLN H 249 -8.68 4.27 -46.99
C GLN H 249 -8.71 2.93 -46.22
N VAL H 250 -7.90 1.98 -46.66
CA VAL H 250 -7.81 0.67 -46.00
C VAL H 250 -7.19 0.79 -44.59
N GLU H 251 -6.25 1.70 -44.38
CA GLU H 251 -5.79 1.97 -43.01
C GLU H 251 -6.88 2.52 -42.10
N VAL H 252 -7.71 3.42 -42.61
CA VAL H 252 -8.88 3.84 -41.87
C VAL H 252 -9.79 2.65 -41.53
N GLY H 253 -10.01 1.80 -42.54
CA GLY H 253 -10.81 0.58 -42.41
C GLY H 253 -10.31 -0.35 -41.31
N LYS H 254 -9.00 -0.55 -41.24
CA LYS H 254 -8.42 -1.43 -40.21
C LYS H 254 -8.66 -0.88 -38.80
N THR H 255 -8.48 0.44 -38.62
CA THR H 255 -8.81 1.04 -37.34
C THR H 255 -10.34 1.06 -37.11
N ALA H 256 -11.15 1.20 -38.15
CA ALA H 256 -12.60 1.02 -38.00
C ALA H 256 -13.01 -0.36 -37.44
N ALA H 257 -12.33 -1.40 -37.92
CA ALA H 257 -12.58 -2.78 -37.53
C ALA H 257 -12.26 -2.95 -36.04
N TYR H 258 -11.17 -2.31 -35.62
CA TYR H 258 -10.82 -2.30 -34.19
C TYR H 258 -11.97 -1.62 -33.41
N LEU H 259 -12.36 -0.42 -33.84
CA LEU H 259 -13.37 0.33 -33.08
C LEU H 259 -14.77 -0.33 -33.10
N LEU H 260 -15.08 -1.04 -34.18
CA LEU H 260 -16.39 -1.71 -34.33
C LEU H 260 -16.48 -3.07 -33.65
N SER H 261 -15.34 -3.65 -33.29
CA SER H 261 -15.25 -5.00 -32.71
C SER H 261 -15.13 -4.96 -31.19
N ASP H 262 -15.07 -6.14 -30.57
CA ASP H 262 -14.82 -6.29 -29.12
C ASP H 262 -13.37 -6.02 -28.73
N LEU H 263 -12.47 -5.86 -29.70
CA LEU H 263 -11.09 -5.50 -29.38
C LEU H 263 -11.01 -4.18 -28.61
N SER H 264 -11.94 -3.26 -28.91
CA SER H 264 -11.95 -1.93 -28.32
C SER H 264 -13.01 -1.84 -27.23
N SER H 265 -13.38 -2.99 -26.68
N SER H 265 -13.41 -2.94 -26.59
CA SER H 265 -14.23 -2.97 -25.51
CA SER H 265 -14.61 -2.88 -25.73
C SER H 265 -13.49 -2.11 -24.49
C SER H 265 -14.53 -1.87 -24.57
N GLY H 266 -14.23 -1.24 -23.80
N GLY H 266 -13.32 -1.50 -24.17
CA GLY H 266 -13.58 -0.29 -22.92
CA GLY H 266 -13.12 -0.50 -23.12
C GLY H 266 -13.35 1.09 -23.53
C GLY H 266 -13.11 0.95 -23.56
N VAL H 267 -13.33 1.21 -24.85
CA VAL H 267 -12.95 2.47 -25.50
C VAL H 267 -14.20 3.22 -25.98
N THR H 268 -14.51 4.36 -25.40
CA THR H 268 -15.64 5.14 -25.95
C THR H 268 -15.41 6.64 -25.77
N GLY H 269 -16.03 7.47 -26.61
CA GLY H 269 -15.80 8.92 -26.47
C GLY H 269 -14.41 9.30 -27.00
N GLU H 270 -13.79 8.44 -27.81
CA GLU H 270 -12.37 8.62 -28.13
C GLU H 270 -12.24 9.07 -29.62
N ASN H 271 -11.14 9.74 -29.94
CA ASN H 271 -10.83 10.14 -31.33
C ASN H 271 -9.49 9.53 -31.74
N ILE H 272 -9.44 8.51 -32.60
CA ILE H 272 -8.17 7.89 -32.95
C ILE H 272 -7.61 8.53 -34.22
N HIS H 273 -6.37 9.01 -34.19
CA HIS H 273 -5.81 9.65 -35.39
C HIS H 273 -5.10 8.61 -36.23
N VAL H 274 -5.58 8.48 -37.44
CA VAL H 274 -4.99 7.61 -38.41
C VAL H 274 -4.41 8.53 -39.51
N ASP H 275 -3.25 9.10 -39.23
CA ASP H 275 -2.76 10.27 -39.98
C ASP H 275 -1.22 10.33 -39.99
N SER H 276 -0.57 9.18 -39.85
CA SER H 276 0.90 9.08 -39.89
C SER H 276 1.58 9.86 -38.77
N GLY H 277 0.82 10.12 -37.71
CA GLY H 277 1.35 10.83 -36.54
C GLY H 277 1.36 12.36 -36.63
N PHE H 278 0.73 12.91 -37.66
CA PHE H 278 0.78 14.35 -37.90
C PHE H 278 0.19 15.12 -36.74
N HIS H 279 -0.91 14.63 -36.18
CA HIS H 279 -1.57 15.27 -35.03
C HIS H 279 -0.58 15.53 -33.86
N ALA H 280 0.53 14.79 -33.78
CA ALA H 280 1.33 14.80 -32.55
C ALA H 280 2.49 15.81 -32.67
N ILE H 281 2.63 16.40 -33.84
CA ILE H 281 3.79 17.25 -34.11
C ILE H 281 3.33 18.69 -34.38
N LYS H 282 4.28 19.60 -34.23
CA LYS H 282 4.05 20.98 -34.58
C LYS H 282 5.37 21.56 -35.11
#